data_5VMG
#
_entry.id   5VMG
#
_cell.length_a   95.380
_cell.length_b   81.370
_cell.length_c   120.960
_cell.angle_alpha   90.00
_cell.angle_beta   95.45
_cell.angle_gamma   90.00
#
_symmetry.space_group_name_H-M   'P 1 21 1'
#
loop_
_entity.id
_entity.type
_entity.pdbx_description
1 polymer 'Hemagglutinin HA1'
2 polymer 'Hemagglutinin HA2'
3 branched beta-D-mannopyranose-(1-4)-2-acetamido-2-deoxy-beta-D-glucopyranose-(1-4)-2-acetamido-2-deoxy-beta-D-glucopyranose
4 branched 'N-acetyl-alpha-neuraminic acid-(2-6)-beta-D-galactopyranose'
5 branched 2-acetamido-2-deoxy-beta-D-glucopyranose-(1-4)-2-acetamido-2-deoxy-beta-D-glucopyranose
6 branched 'N-acetyl-alpha-neuraminic acid-(2-6)-beta-D-galactopyranose-(1-4)-2-acetamido-2-deoxy-beta-D-glucopyranose'
7 non-polymer 2-acetamido-2-deoxy-beta-D-glucopyranose
8 water water
#
loop_
_entity_poly.entity_id
_entity_poly.type
_entity_poly.pdbx_seq_one_letter_code
_entity_poly.pdbx_strand_id
1 'polypeptide(L)'
;DTICIGYHANNSTDTVDTVLEKNVTVTHSVNLLEDSHNGKLCKLKGIAPLQLGKCNIAGWLLGNPECDLLLTASSWSYIV
ETSNSENGTCYPGDFIDYEELREQLSSVSSFEKFEIFPKTSSWPNHETTGVTAACSYAGASSFYRNLLWLTKKGSSYPKL
SKSYVNNKGKEVLVLWGVHHPPTGTEQQSLYQNADAYVSVGSSKYNRRFTPEIAARPKVRGLASRMNYYWTLLEPGDTIT
FEATGNLIAPWYAFALNRGSGSGIITSDAPVHDCNTKCQTPHGAINSSLPFQNIHPVTIGECPKYVRSTKLRMATGLRNI
PSIQSR
;
A,C,E
2 'polypeptide(L)'
;GLFGAIAGFIEGGWTGMIDGWYGYHHQNEQGSGYAADQKSTQNAIDGITNKVNSVIEKMNTQFTAVGKEFNNLERRIENL
NKKVDDGFLDIWTYNAELLVLLENERTLDFHDSNVRNLYEKVKSQLKNNAKEIGNGCFEFYHKCDDACMESVRNGTYDYP
KYSEESKLNREEIDGVKLESMGVYQGALVPR
;
B,D,F
#
loop_
_chem_comp.id
_chem_comp.type
_chem_comp.name
_chem_comp.formula
BMA D-saccharide, beta linking beta-D-mannopyranose 'C6 H12 O6'
GAL D-saccharide, beta linking beta-D-galactopyranose 'C6 H12 O6'
NAG D-saccharide, beta linking 2-acetamido-2-deoxy-beta-D-glucopyranose 'C8 H15 N O6'
SIA D-saccharide, alpha linking 'N-acetyl-alpha-neuraminic acid' 'C11 H19 N O9'
#
# COMPACT_ATOMS: atom_id res chain seq x y z
N ASP A 1 23.81 29.10 -53.57
CA ASP A 1 23.04 28.01 -54.25
C ASP A 1 22.61 26.89 -53.31
N THR A 2 22.72 27.10 -51.99
CA THR A 2 22.43 26.03 -51.04
C THR A 2 21.58 26.49 -49.86
N ILE A 3 20.68 25.60 -49.43
CA ILE A 3 19.96 25.74 -48.16
C ILE A 3 20.03 24.41 -47.41
N CYS A 4 20.28 24.48 -46.11
CA CYS A 4 20.46 23.26 -45.30
C CYS A 4 19.47 23.17 -44.15
N ILE A 5 19.05 21.95 -43.85
CA ILE A 5 18.20 21.66 -42.71
C ILE A 5 19.03 21.09 -41.57
N GLY A 6 18.83 21.62 -40.37
CA GLY A 6 19.60 21.18 -39.21
C GLY A 6 18.89 21.44 -37.90
N TYR A 7 19.59 21.14 -36.81
CA TYR A 7 19.01 21.24 -35.47
C TYR A 7 19.96 21.91 -34.50
N HIS A 8 19.40 22.37 -33.39
CA HIS A 8 20.09 23.19 -32.41
C HIS A 8 21.20 22.43 -31.68
N ALA A 9 22.27 23.13 -31.35
CA ALA A 9 23.33 22.61 -30.50
C ALA A 9 23.81 23.71 -29.57
N ASN A 10 24.39 23.34 -28.43
CA ASN A 10 24.94 24.31 -27.50
C ASN A 10 26.03 23.71 -26.61
N ASN A 11 26.43 24.46 -25.58
CA ASN A 11 27.51 24.04 -24.69
C ASN A 11 27.01 23.26 -23.48
N SER A 12 25.72 22.93 -23.46
CA SER A 12 25.12 22.23 -22.32
C SER A 12 25.78 20.88 -22.02
N THR A 13 26.09 20.70 -20.74
CA THR A 13 26.70 19.48 -20.24
C THR A 13 25.70 18.50 -19.59
N ASP A 14 24.42 18.89 -19.57
CA ASP A 14 23.35 18.05 -19.03
C ASP A 14 23.28 16.68 -19.68
N THR A 15 23.16 15.64 -18.86
CA THR A 15 22.99 14.28 -19.36
C THR A 15 21.69 13.64 -18.84
N VAL A 16 21.10 12.78 -19.66
CA VAL A 16 19.94 12.00 -19.23
C VAL A 16 20.15 10.53 -19.55
N ASP A 17 19.39 9.67 -18.88
CA ASP A 17 19.37 8.26 -19.23
C ASP A 17 18.12 7.97 -20.02
N THR A 18 18.24 7.07 -20.98
CA THR A 18 17.12 6.61 -21.78
C THR A 18 17.12 5.10 -21.68
N VAL A 19 16.02 4.48 -22.07
CA VAL A 19 15.89 3.05 -21.93
C VAL A 19 16.92 2.33 -22.81
N LEU A 20 17.22 2.90 -23.99
CA LEU A 20 18.22 2.31 -24.88
C LEU A 20 19.68 2.68 -24.58
N GLU A 21 19.90 3.85 -23.98
CA GLU A 21 21.26 4.34 -23.80
C GLU A 21 21.44 5.18 -22.53
N LYS A 22 22.52 4.89 -21.80
CA LYS A 22 22.92 5.71 -20.66
C LYS A 22 23.70 6.97 -21.05
N ASN A 23 23.63 7.98 -20.20
CA ASN A 23 24.52 9.14 -20.24
C ASN A 23 24.52 9.91 -21.56
N VAL A 24 23.33 10.27 -22.02
CA VAL A 24 23.15 11.01 -23.26
C VAL A 24 23.14 12.51 -23.00
N THR A 25 24.03 13.23 -23.67
CA THR A 25 24.11 14.67 -23.51
C THR A 25 23.01 15.32 -24.34
N VAL A 26 22.24 16.20 -23.70
CA VAL A 26 21.13 16.87 -24.35
C VAL A 26 21.26 18.38 -24.21
N THR A 27 20.55 19.11 -25.05
CA THR A 27 20.63 20.57 -25.08
C THR A 27 19.86 21.22 -23.94
N HIS A 28 18.73 20.61 -23.57
CA HIS A 28 17.89 21.10 -22.48
C HIS A 28 17.27 19.94 -21.69
N SER A 29 17.06 20.15 -20.38
CA SER A 29 16.45 19.14 -19.53
C SER A 29 15.84 19.76 -18.28
N VAL A 30 14.97 19.00 -17.59
CA VAL A 30 14.46 19.42 -16.29
C VAL A 30 14.49 18.31 -15.24
N ASN A 31 14.70 18.70 -14.00
CA ASN A 31 14.78 17.76 -12.89
C ASN A 31 13.42 17.45 -12.27
N LEU A 32 13.12 16.16 -12.13
CA LEU A 32 11.88 15.73 -11.49
C LEU A 32 12.02 15.32 -10.02
N LEU A 33 13.26 15.33 -9.52
CA LEU A 33 13.60 14.80 -8.21
C LEU A 33 14.07 15.88 -7.24
N GLU A 34 13.37 16.06 -6.13
CA GLU A 34 13.78 17.07 -5.17
C GLU A 34 14.82 16.45 -4.24
N ASP A 35 16.07 16.85 -4.44
CA ASP A 35 17.22 16.29 -3.73
C ASP A 35 17.82 17.20 -2.65
N SER A 36 17.20 18.33 -2.39
CA SER A 36 17.73 19.24 -1.37
C SER A 36 16.67 19.74 -0.40
N HIS A 37 17.14 20.20 0.75
CA HIS A 37 16.31 20.73 1.83
C HIS A 37 17.03 21.92 2.47
N ASN A 38 16.32 22.69 3.29
CA ASN A 38 16.87 23.94 3.82
C ASN A 38 17.50 23.80 5.20
N GLY A 39 17.59 22.57 5.71
CA GLY A 39 18.26 22.30 6.97
C GLY A 39 17.59 22.88 8.22
N LYS A 40 16.33 23.28 8.10
CA LYS A 40 15.59 23.87 9.22
C LYS A 40 14.22 23.23 9.50
N LEU A 41 13.76 23.38 10.75
CA LEU A 41 12.38 23.13 11.09
C LEU A 41 11.58 24.42 10.92
N CYS A 42 10.55 24.37 10.09
CA CYS A 42 9.80 25.57 9.73
C CYS A 42 8.36 25.52 10.18
N LYS A 43 7.66 26.62 9.94
CA LYS A 43 6.23 26.68 10.21
C LYS A 43 5.59 25.82 9.14
N LEU A 44 4.60 25.03 9.53
CA LEU A 44 3.87 24.25 8.55
C LEU A 44 2.55 24.92 8.25
N LYS A 45 2.34 25.24 6.98
CA LYS A 45 1.15 25.95 6.53
C LYS A 45 0.89 27.18 7.39
N GLY A 46 1.98 27.90 7.69
CA GLY A 46 1.94 29.16 8.40
C GLY A 46 1.80 29.17 9.92
N ILE A 47 1.88 27.98 10.54
CA ILE A 47 1.76 27.86 11.99
C ILE A 47 3.00 27.14 12.50
N ALA A 48 3.56 27.67 13.59
CA ALA A 48 4.73 27.10 14.21
C ALA A 48 4.42 25.80 14.94
N PRO A 49 5.43 24.91 15.05
CA PRO A 49 5.28 23.68 15.82
C PRO A 49 5.38 23.92 17.30
N LEU A 50 4.87 22.98 18.08
CA LEU A 50 5.08 22.99 19.52
C LEU A 50 6.52 22.56 19.82
N GLN A 51 7.23 23.37 20.61
CA GLN A 51 8.57 23.03 21.10
C GLN A 51 8.53 22.78 22.60
N LEU A 52 9.05 21.62 23.01
CA LEU A 52 8.94 21.17 24.41
C LEU A 52 10.19 21.37 25.28
N GLY A 53 11.25 21.94 24.72
CA GLY A 53 12.46 22.23 25.48
C GLY A 53 13.11 21.00 26.10
N LYS A 54 13.32 21.03 27.41
CA LYS A 54 13.94 19.91 28.12
C LYS A 54 13.05 18.67 28.22
N CYS A 55 11.76 18.84 27.96
CA CYS A 55 10.77 17.81 28.26
C CYS A 55 10.18 17.12 27.05
N ASN A 56 9.72 15.90 27.24
CA ASN A 56 8.92 15.21 26.24
C ASN A 56 7.45 15.51 26.48
N ILE A 57 6.58 14.96 25.65
CA ILE A 57 5.16 15.32 25.71
C ILE A 57 4.54 14.96 27.07
N ALA A 58 4.90 13.81 27.62
CA ALA A 58 4.39 13.41 28.92
C ALA A 58 4.79 14.41 30.02
N GLY A 59 6.07 14.79 30.05
CA GLY A 59 6.56 15.74 31.03
C GLY A 59 5.87 17.08 30.91
N TRP A 60 5.64 17.51 29.67
CA TRP A 60 4.97 18.77 29.41
C TRP A 60 3.52 18.73 29.89
N LEU A 61 2.80 17.65 29.58
CA LEU A 61 1.38 17.54 29.94
C LEU A 61 1.17 17.40 31.44
N LEU A 62 2.02 16.60 32.08
CA LEU A 62 1.90 16.35 33.51
C LEU A 62 2.47 17.51 34.32
N GLY A 63 3.28 18.36 33.67
CA GLY A 63 3.96 19.44 34.37
C GLY A 63 5.17 19.00 35.19
N ASN A 64 6.04 18.18 34.58
CA ASN A 64 7.35 17.89 35.16
C ASN A 64 8.07 19.20 35.52
N PRO A 65 8.57 19.31 36.77
CA PRO A 65 9.15 20.59 37.25
C PRO A 65 10.23 21.21 36.36
N GLU A 66 10.91 20.40 35.54
CA GLU A 66 11.92 20.91 34.62
C GLU A 66 11.35 21.51 33.34
N CYS A 67 10.05 21.35 33.11
CA CYS A 67 9.42 21.82 31.87
C CYS A 67 8.94 23.25 31.97
N ASP A 68 9.24 23.93 33.06
CA ASP A 68 8.74 25.29 33.24
C ASP A 68 9.14 26.12 32.01
N LEU A 69 8.12 26.62 31.33
CA LEU A 69 8.27 27.35 30.08
C LEU A 69 7.66 28.74 30.22
N LEU A 70 7.74 29.54 29.16
CA LEU A 70 7.00 30.79 29.12
C LEU A 70 5.53 30.40 29.18
N LEU A 71 5.16 29.48 28.29
CA LEU A 71 3.84 28.89 28.28
C LEU A 71 3.75 27.95 27.09
N THR A 72 2.81 27.01 27.16
CA THR A 72 2.52 26.15 26.02
C THR A 72 1.96 27.11 25.00
N ALA A 73 2.36 27.01 23.73
CA ALA A 73 1.81 27.92 22.75
C ALA A 73 0.33 27.60 22.63
N SER A 74 -0.43 28.51 22.05
CA SER A 74 -1.87 28.35 22.02
C SER A 74 -2.35 27.53 20.84
N SER A 75 -1.48 27.32 19.85
CA SER A 75 -1.79 26.48 18.69
C SER A 75 -0.50 25.96 18.09
N TRP A 76 -0.55 24.82 17.41
CA TRP A 76 0.60 24.32 16.66
C TRP A 76 0.19 23.40 15.51
N SER A 77 0.97 23.39 14.44
CA SER A 77 0.72 22.54 13.28
C SER A 77 1.32 21.14 13.42
N TYR A 78 2.34 21.02 14.26
CA TYR A 78 2.93 19.73 14.59
C TYR A 78 3.79 19.87 15.84
N ILE A 79 4.38 18.77 16.30
CA ILE A 79 5.18 18.76 17.52
C ILE A 79 6.62 18.29 17.31
N VAL A 80 7.55 19.01 17.95
CA VAL A 80 8.97 18.69 17.87
C VAL A 80 9.50 18.19 19.21
N GLU A 81 10.03 16.98 19.20
CA GLU A 81 10.82 16.50 20.34
C GLU A 81 12.28 16.46 19.91
N THR A 82 13.17 16.77 20.85
CA THR A 82 14.60 16.82 20.55
C THR A 82 15.33 15.74 21.31
N SER A 83 16.66 15.71 21.14
CA SER A 83 17.50 14.80 21.90
C SER A 83 17.60 15.30 23.32
N ASN A 84 17.16 16.55 23.53
CA ASN A 84 17.12 17.16 24.85
C ASN A 84 15.78 16.99 25.54
N SER A 85 14.84 16.25 24.95
CA SER A 85 13.57 16.12 25.63
C SER A 85 13.73 14.87 26.50
N GLU A 86 14.24 15.08 27.70
CA GLU A 86 14.53 13.96 28.61
C GLU A 86 13.60 13.85 29.80
N ASN A 87 12.87 14.92 30.09
CA ASN A 87 12.18 14.99 31.36
C ASN A 87 10.72 14.64 31.14
N GLY A 88 10.43 13.42 31.56
CA GLY A 88 9.19 12.71 31.33
C GLY A 88 8.39 12.56 32.61
N THR A 89 7.91 11.34 32.80
CA THR A 89 7.33 11.00 34.08
C THR A 89 8.49 10.79 35.08
N CYS A 90 8.62 11.72 36.02
CA CYS A 90 9.74 11.68 36.95
C CYS A 90 9.41 10.72 38.07
N TYR A 91 8.12 10.45 38.26
CA TYR A 91 7.69 9.37 39.14
C TYR A 91 7.49 8.13 38.27
N PRO A 92 8.28 7.08 38.48
CA PRO A 92 8.27 5.93 37.57
C PRO A 92 6.92 5.26 37.44
N GLY A 93 6.59 4.77 36.24
CA GLY A 93 5.33 4.10 35.98
C GLY A 93 4.92 4.17 34.51
N ASP A 94 3.71 3.68 34.22
CA ASP A 94 3.20 3.61 32.85
C ASP A 94 2.21 4.72 32.49
N PHE A 95 2.40 5.29 31.31
CA PHE A 95 1.50 6.29 30.73
C PHE A 95 0.62 5.56 29.71
N ILE A 96 -0.64 5.39 30.06
CA ILE A 96 -1.53 4.55 29.26
C ILE A 96 -2.01 5.25 27.99
N ASP A 97 -1.97 4.51 26.89
CA ASP A 97 -2.37 4.98 25.57
C ASP A 97 -1.61 6.25 25.21
N TYR A 98 -0.31 6.22 25.51
CA TYR A 98 0.54 7.39 25.36
C TYR A 98 0.74 7.75 23.90
N GLU A 99 1.02 6.74 23.08
CA GLU A 99 1.20 6.97 21.64
C GLU A 99 -0.08 7.54 21.01
N GLU A 100 -1.23 7.03 21.45
CA GLU A 100 -2.52 7.51 20.99
C GLU A 100 -2.69 8.99 21.30
N LEU A 101 -2.35 9.37 22.52
CA LEU A 101 -2.48 10.78 22.92
C LEU A 101 -1.56 11.69 22.09
N ARG A 102 -0.33 11.27 21.90
CA ARG A 102 0.64 12.01 21.11
C ARG A 102 0.12 12.28 19.70
N GLU A 103 -0.51 11.28 19.09
CA GLU A 103 -1.06 11.38 17.75
C GLU A 103 -2.21 12.39 17.73
N GLN A 104 -3.12 12.24 18.69
CA GLN A 104 -4.33 13.05 18.74
C GLN A 104 -4.07 14.50 19.15
N LEU A 105 -2.93 14.77 19.77
CA LEU A 105 -2.54 16.13 20.13
C LEU A 105 -1.56 16.74 19.13
N SER A 106 -1.23 16.00 18.07
CA SER A 106 -0.16 16.42 17.18
C SER A 106 -0.45 17.77 16.50
N SER A 107 -1.72 18.13 16.31
CA SER A 107 -2.06 19.50 15.91
C SER A 107 -3.36 19.98 16.52
N VAL A 108 -3.35 21.23 17.00
CA VAL A 108 -4.49 21.87 17.64
C VAL A 108 -4.57 23.32 17.20
N SER A 109 -5.78 23.87 17.12
CA SER A 109 -5.94 25.28 16.75
C SER A 109 -6.22 26.20 17.95
N SER A 110 -6.49 25.64 19.11
CA SER A 110 -6.51 26.43 20.34
C SER A 110 -6.19 25.52 21.52
N PHE A 111 -5.38 26.03 22.44
CA PHE A 111 -4.94 25.24 23.56
C PHE A 111 -4.82 26.17 24.76
N GLU A 112 -5.46 25.84 25.88
CA GLU A 112 -5.29 26.63 27.08
C GLU A 112 -5.28 25.73 28.30
N LYS A 113 -4.32 26.00 29.18
CA LYS A 113 -4.27 25.35 30.47
C LYS A 113 -5.15 26.13 31.43
N PHE A 114 -5.87 25.41 32.29
CA PHE A 114 -6.69 26.06 33.31
C PHE A 114 -6.75 25.18 34.55
N GLU A 115 -7.14 25.78 35.67
CA GLU A 115 -7.14 25.08 36.93
C GLU A 115 -8.52 24.43 37.09
N ILE A 116 -8.56 23.11 36.97
CA ILE A 116 -9.82 22.37 36.93
C ILE A 116 -10.36 22.12 38.33
N PHE A 117 -9.46 21.74 39.23
CA PHE A 117 -9.77 21.56 40.65
C PHE A 117 -8.80 22.38 41.50
N PRO A 118 -9.17 23.63 41.84
CA PRO A 118 -8.25 24.49 42.58
C PRO A 118 -7.74 23.84 43.86
N LYS A 119 -6.42 23.84 44.03
CA LYS A 119 -5.77 23.20 45.17
C LYS A 119 -6.29 23.72 46.49
N THR A 120 -6.57 25.01 46.55
CA THR A 120 -6.91 25.65 47.80
C THR A 120 -8.33 25.29 48.28
N SER A 121 -9.31 25.26 47.38
CA SER A 121 -10.68 24.96 47.78
C SER A 121 -11.22 23.54 47.53
N SER A 122 -10.47 22.68 46.85
CA SER A 122 -11.04 21.40 46.39
C SER A 122 -11.05 20.23 47.39
N TRP A 123 -10.06 20.17 48.28
CA TRP A 123 -9.87 18.98 49.10
C TRP A 123 -9.73 19.28 50.58
N PRO A 124 -10.83 19.74 51.19
CA PRO A 124 -10.83 20.13 52.61
C PRO A 124 -10.58 18.95 53.55
N ASN A 125 -11.01 17.77 53.11
CA ASN A 125 -10.92 16.57 53.94
C ASN A 125 -9.70 15.67 53.64
N HIS A 126 -8.80 16.15 52.77
CA HIS A 126 -7.56 15.40 52.46
C HIS A 126 -6.30 16.28 52.49
N GLU A 127 -5.14 15.64 52.70
CA GLU A 127 -3.84 16.32 52.60
C GLU A 127 -3.37 16.46 51.14
N THR A 128 -3.07 17.69 50.73
CA THR A 128 -2.61 17.97 49.37
C THR A 128 -1.10 18.21 49.20
N THR A 129 -0.32 18.08 50.27
CA THR A 129 1.07 18.56 50.29
C THR A 129 2.15 17.56 49.86
N GLY A 130 1.77 16.36 49.46
CA GLY A 130 2.74 15.33 49.14
C GLY A 130 3.73 15.67 48.05
N VAL A 131 5.01 15.40 48.31
CA VAL A 131 6.06 15.60 47.31
C VAL A 131 6.99 14.38 47.28
N THR A 132 7.98 14.42 46.39
CA THR A 132 8.96 13.34 46.27
C THR A 132 10.30 13.83 45.74
N ALA A 133 11.36 13.17 46.16
CA ALA A 133 12.70 13.48 45.67
C ALA A 133 12.86 13.09 44.22
N ALA A 134 11.99 12.19 43.75
CA ALA A 134 12.00 11.76 42.35
C ALA A 134 11.62 12.90 41.41
N CYS A 135 10.76 13.80 41.87
CA CYS A 135 10.45 15.00 41.10
C CYS A 135 10.95 16.21 41.86
N SER A 136 12.11 16.71 41.47
CA SER A 136 12.81 17.74 42.24
C SER A 136 12.93 19.04 41.45
N TYR A 137 12.77 20.16 42.14
CA TYR A 137 12.99 21.46 41.53
C TYR A 137 13.99 22.24 42.37
N ALA A 138 15.13 22.58 41.79
CA ALA A 138 16.15 23.37 42.47
C ALA A 138 16.58 22.72 43.78
N GLY A 139 16.88 21.42 43.73
CA GLY A 139 17.45 20.72 44.85
C GLY A 139 16.49 20.33 45.96
N ALA A 140 15.20 20.60 45.77
CA ALA A 140 14.19 20.28 46.79
C ALA A 140 13.10 19.37 46.24
N SER A 141 12.57 18.49 47.10
CA SER A 141 11.49 17.59 46.72
C SER A 141 10.26 18.40 46.29
N SER A 142 9.65 17.96 45.20
CA SER A 142 8.55 18.68 44.57
C SER A 142 7.61 17.66 43.94
N PHE A 143 6.73 18.13 43.06
CA PHE A 143 5.80 17.26 42.37
C PHE A 143 5.40 17.86 41.03
N TYR A 144 4.68 17.09 40.22
CA TYR A 144 4.08 17.57 38.98
C TYR A 144 3.27 18.85 39.21
N ARG A 145 3.36 19.81 38.30
CA ARG A 145 2.64 21.07 38.48
C ARG A 145 1.15 20.90 38.20
N ASN A 146 0.80 19.95 37.34
CA ASN A 146 -0.58 19.79 36.89
C ASN A 146 -1.39 18.75 37.66
N LEU A 147 -0.74 18.05 38.58
CA LEU A 147 -1.39 17.03 39.39
C LEU A 147 -1.20 17.32 40.87
N LEU A 148 -2.04 16.70 41.70
CA LEU A 148 -2.00 16.86 43.15
C LEU A 148 -1.98 15.52 43.86
N TRP A 149 -1.06 15.34 44.78
CA TRP A 149 -0.96 14.09 45.53
C TRP A 149 -1.85 14.14 46.77
N LEU A 150 -2.93 13.36 46.78
CA LEU A 150 -3.83 13.32 47.93
C LEU A 150 -3.47 12.17 48.85
N THR A 151 -3.18 12.52 50.11
CA THR A 151 -2.93 11.50 51.12
C THR A 151 -3.89 11.68 52.30
N LYS A 152 -3.81 10.77 53.27
CA LYS A 152 -4.77 10.78 54.37
C LYS A 152 -4.52 11.97 55.29
N LYS A 153 -5.60 12.54 55.79
CA LYS A 153 -5.52 13.65 56.73
C LYS A 153 -5.75 13.10 58.14
N GLY A 154 -4.72 13.22 58.97
CA GLY A 154 -4.70 12.54 60.25
C GLY A 154 -4.64 11.05 60.03
N SER A 155 -5.58 10.32 60.62
CA SER A 155 -5.62 8.87 60.51
C SER A 155 -6.57 8.39 59.41
N SER A 156 -7.28 9.34 58.77
CA SER A 156 -8.42 8.99 57.93
C SER A 156 -8.33 9.51 56.50
N TYR A 157 -8.79 8.69 55.56
CA TYR A 157 -8.92 9.04 54.14
C TYR A 157 -10.37 8.77 53.74
N PRO A 158 -11.26 9.76 53.94
CA PRO A 158 -12.67 9.56 53.58
C PRO A 158 -12.87 9.45 52.08
N LYS A 159 -13.93 8.77 51.66
CA LYS A 159 -14.28 8.70 50.26
C LYS A 159 -14.50 10.11 49.71
N LEU A 160 -13.78 10.45 48.65
CA LEU A 160 -13.90 11.75 48.02
C LEU A 160 -14.75 11.60 46.77
N SER A 161 -15.52 12.63 46.46
CA SER A 161 -16.31 12.70 45.23
C SER A 161 -16.14 14.09 44.67
N LYS A 162 -15.69 14.18 43.42
CA LYS A 162 -15.44 15.47 42.83
C LYS A 162 -15.81 15.46 41.35
N SER A 163 -16.54 16.47 40.91
CA SER A 163 -17.01 16.53 39.53
C SER A 163 -16.65 17.86 38.85
N TYR A 164 -16.39 17.78 37.56
CA TYR A 164 -16.14 18.97 36.75
C TYR A 164 -17.05 18.93 35.54
N VAL A 165 -17.70 20.06 35.28
CA VAL A 165 -18.59 20.18 34.13
C VAL A 165 -17.87 21.00 33.08
N ASN A 166 -17.85 20.54 31.84
CA ASN A 166 -17.12 21.23 30.81
C ASN A 166 -18.00 22.26 30.15
N ASN A 167 -17.74 23.51 30.52
CA ASN A 167 -18.40 24.69 29.98
C ASN A 167 -17.54 25.41 28.92
N LYS A 168 -16.42 24.81 28.54
CA LYS A 168 -15.42 25.46 27.68
C LYS A 168 -15.76 25.51 26.20
N GLY A 169 -16.82 24.83 25.79
CA GLY A 169 -17.25 24.84 24.40
C GLY A 169 -16.29 24.11 23.48
N LYS A 170 -15.40 23.34 24.08
CA LYS A 170 -14.46 22.51 23.32
C LYS A 170 -13.99 21.39 24.21
N GLU A 171 -13.15 20.52 23.67
CA GLU A 171 -12.66 19.38 24.41
C GLU A 171 -11.83 19.84 25.60
N VAL A 172 -11.92 19.09 26.68
CA VAL A 172 -11.01 19.26 27.81
C VAL A 172 -10.21 17.98 27.99
N LEU A 173 -8.89 18.11 27.94
CA LEU A 173 -8.02 16.98 28.24
C LEU A 173 -7.76 16.92 29.74
N VAL A 174 -8.21 15.83 30.38
CA VAL A 174 -8.04 15.64 31.80
C VAL A 174 -7.06 14.50 32.05
N LEU A 175 -5.99 14.80 32.77
CA LEU A 175 -5.01 13.79 33.14
C LEU A 175 -5.07 13.53 34.65
N TRP A 176 -4.84 12.28 35.03
CA TRP A 176 -4.74 11.94 36.44
C TRP A 176 -3.78 10.78 36.64
N GLY A 177 -3.60 10.37 37.88
CA GLY A 177 -2.71 9.27 38.18
C GLY A 177 -3.20 8.37 39.29
N VAL A 178 -2.64 7.18 39.33
CA VAL A 178 -2.92 6.19 40.36
C VAL A 178 -1.60 5.69 40.95
N HIS A 179 -1.46 5.81 42.26
CA HIS A 179 -0.20 5.48 42.94
C HIS A 179 -0.18 4.03 43.41
N HIS A 180 0.98 3.38 43.29
CA HIS A 180 1.11 1.97 43.60
C HIS A 180 2.25 1.71 44.56
N PRO A 181 1.97 1.67 45.86
CA PRO A 181 2.97 1.33 46.88
C PRO A 181 3.51 -0.09 46.71
N PRO A 182 4.77 -0.32 47.13
CA PRO A 182 5.38 -1.65 47.11
C PRO A 182 4.81 -2.60 48.19
N THR A 183 4.30 -2.02 49.27
CA THR A 183 3.83 -2.78 50.43
C THR A 183 2.50 -2.29 50.97
N GLY A 184 1.74 -3.18 51.60
CA GLY A 184 0.50 -2.80 52.25
C GLY A 184 0.76 -1.83 53.38
N THR A 185 1.94 -1.94 54.00
CA THR A 185 2.34 -1.04 55.06
C THR A 185 2.35 0.40 54.55
N GLU A 186 2.94 0.61 53.38
CA GLU A 186 2.98 1.94 52.77
C GLU A 186 1.58 2.38 52.34
N GLN A 187 0.79 1.44 51.81
CA GLN A 187 -0.61 1.72 51.45
C GLN A 187 -1.38 2.29 52.62
N GLN A 188 -1.22 1.68 53.79
CA GLN A 188 -1.93 2.12 54.98
C GLN A 188 -1.36 3.44 55.48
N SER A 189 -0.06 3.59 55.33
CA SER A 189 0.62 4.81 55.77
C SER A 189 0.12 6.06 55.00
N LEU A 190 -0.03 5.94 53.68
CA LEU A 190 -0.55 7.03 52.85
C LEU A 190 -2.07 7.15 52.79
N TYR A 191 -2.69 6.02 52.47
CA TYR A 191 -4.09 5.89 52.06
C TYR A 191 -5.15 5.34 53.04
N GLN A 192 -4.92 5.25 54.34
CA GLN A 192 -5.10 4.03 55.14
C GLN A 192 -5.94 2.85 54.63
N ASN A 193 -6.87 3.04 53.71
CA ASN A 193 -7.69 1.92 53.28
C ASN A 193 -6.91 0.97 52.36
N ALA A 194 -6.80 -0.29 52.78
CA ALA A 194 -6.12 -1.32 52.01
C ALA A 194 -6.98 -1.76 50.82
N ASP A 195 -8.28 -1.58 50.95
CA ASP A 195 -9.26 -1.99 49.94
C ASP A 195 -9.52 -0.84 48.94
N ALA A 196 -8.66 0.18 49.00
CA ALA A 196 -8.88 1.41 48.27
C ALA A 196 -9.04 1.23 46.76
N TYR A 197 -9.75 2.18 46.16
CA TYR A 197 -10.00 2.18 44.72
C TYR A 197 -10.15 3.61 44.21
N VAL A 198 -10.04 3.77 42.89
CA VAL A 198 -10.30 5.04 42.20
C VAL A 198 -11.31 4.80 41.08
N SER A 199 -12.30 5.67 40.98
CA SER A 199 -13.26 5.60 39.88
C SER A 199 -13.37 6.92 39.15
N VAL A 200 -13.32 6.84 37.82
CA VAL A 200 -13.43 8.00 36.97
C VAL A 200 -14.48 7.71 35.93
N GLY A 201 -15.42 8.63 35.77
CA GLY A 201 -16.44 8.43 34.76
C GLY A 201 -17.05 9.67 34.18
N SER A 202 -17.51 9.53 32.95
CA SER A 202 -18.17 10.59 32.20
C SER A 202 -19.29 9.91 31.45
N SER A 203 -19.92 10.61 30.52
CA SER A 203 -20.96 9.98 29.71
C SER A 203 -20.37 8.91 28.79
N LYS A 204 -19.07 9.01 28.51
CA LYS A 204 -18.40 8.10 27.58
C LYS A 204 -17.41 7.21 28.32
N TYR A 205 -16.43 7.83 28.96
CA TYR A 205 -15.38 7.13 29.69
C TYR A 205 -15.86 6.54 31.00
N ASN A 206 -15.57 5.28 31.25
CA ASN A 206 -15.77 4.69 32.58
C ASN A 206 -14.67 3.69 32.93
N ARG A 207 -13.94 3.93 34.01
CA ARG A 207 -12.89 3.01 34.42
C ARG A 207 -12.65 3.04 35.92
N ARG A 208 -12.28 1.88 36.45
CA ARG A 208 -11.96 1.73 37.86
C ARG A 208 -10.55 1.19 38.08
N PHE A 209 -9.85 1.81 39.02
CA PHE A 209 -8.46 1.46 39.34
C PHE A 209 -8.32 1.01 40.78
N THR A 210 -7.55 -0.05 40.99
CA THR A 210 -7.13 -0.45 42.33
C THR A 210 -5.61 -0.52 42.36
N PRO A 211 -5.01 -0.21 43.52
CA PRO A 211 -3.54 -0.31 43.60
C PRO A 211 -3.02 -1.74 43.47
N GLU A 212 -1.97 -1.96 42.69
CA GLU A 212 -1.33 -3.27 42.61
C GLU A 212 -0.03 -3.25 43.40
N ILE A 213 -0.07 -3.93 44.53
CA ILE A 213 0.99 -3.90 45.52
C ILE A 213 1.98 -5.03 45.25
N ALA A 214 3.22 -4.66 44.94
CA ALA A 214 4.25 -5.65 44.62
C ALA A 214 5.65 -5.13 44.95
N ALA A 215 6.53 -6.04 45.32
CA ALA A 215 7.93 -5.70 45.52
C ALA A 215 8.55 -5.44 44.15
N ARG A 216 9.24 -4.31 44.02
CA ARG A 216 9.82 -3.91 42.74
C ARG A 216 11.20 -3.29 42.91
N PRO A 217 12.05 -3.36 41.87
CA PRO A 217 13.33 -2.68 41.88
C PRO A 217 13.16 -1.17 42.01
N LYS A 218 14.14 -0.48 42.55
CA LYS A 218 14.06 0.96 42.65
C LYS A 218 14.36 1.64 41.31
N VAL A 219 13.50 2.59 40.95
CA VAL A 219 13.72 3.46 39.80
C VAL A 219 13.69 4.92 40.29
N ARG A 220 14.79 5.64 40.06
CA ARG A 220 14.97 6.97 40.63
C ARG A 220 14.75 6.91 42.13
N GLY A 221 15.27 5.86 42.74
CA GLY A 221 15.20 5.69 44.18
C GLY A 221 13.87 5.21 44.73
N LEU A 222 12.94 4.86 43.86
CA LEU A 222 11.59 4.47 44.29
C LEU A 222 11.20 3.08 43.84
N ALA A 223 10.73 2.28 44.79
CA ALA A 223 10.16 0.98 44.51
C ALA A 223 8.65 1.14 44.26
N SER A 224 8.13 2.31 44.59
CA SER A 224 6.76 2.66 44.26
C SER A 224 6.61 2.94 42.76
N ARG A 225 5.37 2.89 42.26
CA ARG A 225 5.07 3.28 40.87
C ARG A 225 3.87 4.22 40.82
N MET A 226 3.81 5.01 39.75
CA MET A 226 2.67 5.87 39.46
C MET A 226 2.25 5.77 37.98
N ASN A 227 1.01 5.32 37.72
CA ASN A 227 0.49 5.23 36.35
C ASN A 227 -0.35 6.45 35.98
N TYR A 228 -0.28 6.84 34.71
CA TYR A 228 -0.92 8.06 34.22
C TYR A 228 -2.01 7.76 33.19
N TYR A 229 -3.16 8.42 33.35
CA TYR A 229 -4.32 8.18 32.51
C TYR A 229 -4.93 9.49 32.05
N TRP A 230 -5.68 9.42 30.95
CA TRP A 230 -6.28 10.59 30.36
C TRP A 230 -7.59 10.29 29.65
N THR A 231 -8.38 11.34 29.44
CA THR A 231 -9.54 11.22 28.59
C THR A 231 -9.84 12.60 28.01
N LEU A 232 -10.45 12.61 26.82
CA LEU A 232 -10.89 13.86 26.21
C LEU A 232 -12.37 14.01 26.54
N LEU A 233 -12.67 14.99 27.38
CA LEU A 233 -14.04 15.28 27.79
C LEU A 233 -14.73 16.19 26.77
N GLU A 234 -15.87 15.74 26.25
CA GLU A 234 -16.59 16.51 25.24
C GLU A 234 -17.27 17.73 25.87
N PRO A 235 -17.46 18.80 25.07
CA PRO A 235 -18.18 19.98 25.55
C PRO A 235 -19.55 19.62 26.11
N GLY A 236 -19.86 20.09 27.30
CA GLY A 236 -21.15 19.86 27.92
C GLY A 236 -21.17 18.69 28.86
N ASP A 237 -20.26 17.75 28.67
CA ASP A 237 -20.20 16.53 29.48
C ASP A 237 -19.58 16.81 30.86
N THR A 238 -19.80 15.89 31.79
CA THR A 238 -19.24 15.95 33.14
C THR A 238 -18.30 14.77 33.40
N ILE A 239 -17.22 15.01 34.14
CA ILE A 239 -16.35 13.93 34.60
C ILE A 239 -16.35 13.94 36.12
N THR A 240 -16.43 12.74 36.71
CA THR A 240 -16.58 12.59 38.16
C THR A 240 -15.53 11.65 38.73
N PHE A 241 -14.85 12.11 39.77
CA PHE A 241 -13.83 11.31 40.44
C PHE A 241 -14.31 10.84 41.80
N GLU A 242 -14.17 9.53 42.05
CA GLU A 242 -14.37 8.96 43.37
C GLU A 242 -13.17 8.13 43.77
N ALA A 243 -12.69 8.33 45.00
CA ALA A 243 -11.55 7.56 45.47
C ALA A 243 -11.57 7.34 46.98
N THR A 244 -11.18 6.14 47.38
CA THR A 244 -10.84 5.85 48.78
C THR A 244 -9.33 5.83 48.99
N GLY A 245 -8.57 6.14 47.94
CA GLY A 245 -7.12 6.21 48.06
C GLY A 245 -6.41 6.22 46.73
N ASN A 246 -5.11 6.50 46.76
CA ASN A 246 -4.23 6.27 45.62
C ASN A 246 -4.46 7.17 44.41
N LEU A 247 -5.46 8.04 44.49
CA LEU A 247 -5.69 8.99 43.40
C LEU A 247 -4.68 10.13 43.41
N ILE A 248 -4.04 10.36 42.26
CA ILE A 248 -3.27 11.58 42.04
C ILE A 248 -4.16 12.47 41.20
N ALA A 249 -4.69 13.52 41.82
CA ALA A 249 -5.84 14.24 41.29
C ALA A 249 -5.49 15.26 40.22
N PRO A 250 -6.44 15.48 39.29
CA PRO A 250 -6.21 16.60 38.37
C PRO A 250 -6.16 17.92 39.12
N TRP A 251 -5.18 18.75 38.78
CA TRP A 251 -5.08 20.10 39.32
C TRP A 251 -5.34 21.08 38.19
N TYR A 252 -4.48 21.00 37.17
CA TYR A 252 -4.71 21.71 35.92
C TYR A 252 -5.06 20.72 34.81
N ALA A 253 -5.91 21.17 33.91
CA ALA A 253 -6.26 20.40 32.72
C ALA A 253 -6.16 21.33 31.51
N PHE A 254 -6.44 20.81 30.31
CA PHE A 254 -6.24 21.57 29.10
C PHE A 254 -7.51 21.61 28.27
N ALA A 255 -7.90 22.81 27.86
CA ALA A 255 -9.03 22.98 26.95
C ALA A 255 -8.49 23.19 25.55
N LEU A 256 -9.04 22.47 24.58
CA LEU A 256 -8.46 22.48 23.25
C LEU A 256 -9.42 22.10 22.12
N ASN A 257 -9.07 22.57 20.92
CA ASN A 257 -9.70 22.12 19.69
C ASN A 257 -8.67 21.47 18.77
N ARG A 258 -8.79 20.16 18.62
CA ARG A 258 -7.89 19.39 17.76
C ARG A 258 -8.08 19.73 16.30
N GLY A 259 -6.97 19.75 15.58
CA GLY A 259 -6.98 19.75 14.13
C GLY A 259 -6.99 18.27 13.80
N SER A 260 -6.43 17.89 12.66
CA SER A 260 -6.33 16.47 12.34
C SER A 260 -5.14 16.19 11.46
N GLY A 261 -4.73 14.93 11.44
CA GLY A 261 -3.76 14.47 10.47
C GLY A 261 -2.33 14.96 10.57
N SER A 262 -1.92 15.50 11.71
CA SER A 262 -0.50 15.85 11.90
C SER A 262 0.31 14.76 12.63
N GLY A 263 1.53 15.10 13.03
CA GLY A 263 2.40 14.16 13.70
C GLY A 263 3.57 14.79 14.45
N ILE A 264 4.49 13.93 14.90
CA ILE A 264 5.65 14.37 15.68
C ILE A 264 6.93 14.22 14.88
N ILE A 265 7.76 15.26 14.88
CA ILE A 265 9.08 15.19 14.27
C ILE A 265 10.11 15.18 15.39
N THR A 266 11.06 14.24 15.31
CA THR A 266 12.18 14.20 16.23
C THR A 266 13.41 14.75 15.53
N SER A 267 13.82 15.94 15.93
CA SER A 267 14.95 16.61 15.30
C SER A 267 15.56 17.62 16.25
N ASP A 268 16.87 17.84 16.14
CA ASP A 268 17.54 18.91 16.90
C ASP A 268 17.70 20.15 16.06
N ALA A 269 17.19 20.11 14.83
CA ALA A 269 17.32 21.26 13.95
C ALA A 269 16.55 22.40 14.59
N PRO A 270 17.11 23.61 14.52
CA PRO A 270 16.44 24.74 15.19
C PRO A 270 15.17 25.13 14.47
N VAL A 271 14.15 25.52 15.22
CA VAL A 271 12.90 26.00 14.63
C VAL A 271 13.14 27.43 14.17
N HIS A 272 12.66 27.77 12.97
CA HIS A 272 12.93 29.06 12.36
C HIS A 272 11.66 29.71 11.84
N ASP A 273 11.80 30.92 11.31
CA ASP A 273 10.66 31.72 10.88
C ASP A 273 10.25 31.42 9.44
N CYS A 274 10.88 30.44 8.83
CA CYS A 274 10.54 30.05 7.47
C CYS A 274 9.18 29.34 7.43
N ASN A 275 8.56 29.31 6.25
CA ASN A 275 7.30 28.60 6.05
C ASN A 275 7.47 27.49 5.02
N THR A 276 6.79 26.36 5.19
CA THR A 276 6.88 25.25 4.23
C THR A 276 5.57 24.49 4.15
N LYS A 277 5.36 23.81 3.02
CA LYS A 277 4.27 22.87 2.89
C LYS A 277 4.68 21.43 3.20
N CYS A 278 5.97 21.17 3.28
CA CYS A 278 6.46 19.83 3.61
C CYS A 278 7.65 19.86 4.57
N GLN A 279 7.46 19.28 5.76
CA GLN A 279 8.52 19.25 6.75
C GLN A 279 9.13 17.86 6.85
N THR A 280 10.45 17.85 6.88
CA THR A 280 11.24 16.62 7.02
C THR A 280 12.11 16.77 8.27
N PRO A 281 12.50 15.65 8.91
CA PRO A 281 13.36 15.80 10.09
C PRO A 281 14.70 16.47 9.81
N HIS A 282 15.18 16.34 8.57
CA HIS A 282 16.39 16.99 8.10
C HIS A 282 16.18 18.47 7.78
N GLY A 283 14.97 18.82 7.35
CA GLY A 283 14.71 20.18 6.93
C GLY A 283 13.46 20.28 6.09
N ALA A 284 13.07 21.51 5.74
CA ALA A 284 11.90 21.68 4.89
C ALA A 284 12.25 21.41 3.43
N ILE A 285 11.26 20.98 2.66
CA ILE A 285 11.45 20.80 1.23
C ILE A 285 10.32 21.41 0.45
N ASN A 286 10.69 21.76 -0.76
CA ASN A 286 9.84 22.31 -1.77
C ASN A 286 8.80 21.24 -2.24
N SER A 287 7.54 21.65 -2.44
CA SER A 287 6.48 20.70 -2.83
C SER A 287 6.15 20.63 -4.33
N SER A 288 6.87 21.37 -5.17
CA SER A 288 6.47 21.48 -6.59
C SER A 288 6.75 20.21 -7.39
N LEU A 289 7.91 19.60 -7.16
CA LEU A 289 8.29 18.40 -7.91
C LEU A 289 7.57 17.15 -7.40
N PRO A 290 7.34 16.16 -8.27
CA PRO A 290 6.62 14.92 -7.91
C PRO A 290 7.37 13.94 -6.99
N PHE A 291 8.71 13.98 -6.98
CA PHE A 291 9.50 13.02 -6.18
C PHE A 291 10.61 13.66 -5.36
N GLN A 292 10.95 13.02 -4.24
CA GLN A 292 12.01 13.48 -3.35
C GLN A 292 12.75 12.31 -2.68
N ASN A 293 14.08 12.40 -2.59
CA ASN A 293 14.90 11.39 -1.90
C ASN A 293 15.40 11.79 -0.50
N ILE A 294 14.90 12.90 0.03
CA ILE A 294 15.35 13.41 1.32
C ILE A 294 15.06 12.51 2.53
N HIS A 295 13.84 12.00 2.64
CA HIS A 295 13.39 11.29 3.84
C HIS A 295 12.01 10.68 3.62
N PRO A 296 11.81 9.43 4.03
CA PRO A 296 10.52 8.74 3.84
C PRO A 296 9.38 9.21 4.74
N VAL A 297 9.72 9.74 5.92
CA VAL A 297 8.71 10.10 6.90
C VAL A 297 8.57 11.61 6.95
N THR A 298 7.46 12.13 6.43
CA THR A 298 7.28 13.56 6.26
C THR A 298 5.94 14.02 6.81
N ILE A 299 5.80 15.33 6.97
CA ILE A 299 4.55 15.93 7.36
C ILE A 299 4.23 17.08 6.42
N GLY A 300 3.11 16.94 5.71
CA GLY A 300 2.69 18.01 4.85
C GLY A 300 2.08 17.50 3.57
N GLU A 301 2.08 18.37 2.59
CA GLU A 301 1.76 18.01 1.24
C GLU A 301 3.09 17.83 0.53
N CYS A 302 3.46 16.57 0.28
CA CYS A 302 4.85 16.21 0.02
C CYS A 302 4.99 15.41 -1.28
N PRO A 303 6.12 15.60 -1.99
CA PRO A 303 6.45 14.72 -3.11
C PRO A 303 6.65 13.29 -2.63
N LYS A 304 6.41 12.31 -3.50
CA LYS A 304 6.56 10.91 -3.12
C LYS A 304 8.02 10.58 -2.88
N TYR A 305 8.30 9.82 -1.82
CA TYR A 305 9.67 9.44 -1.52
C TYR A 305 10.14 8.31 -2.43
N VAL A 306 11.34 8.48 -2.98
CA VAL A 306 11.97 7.46 -3.83
C VAL A 306 13.45 7.31 -3.48
N ARG A 307 14.02 6.16 -3.83
CA ARG A 307 15.43 5.90 -3.60
C ARG A 307 16.34 6.46 -4.69
N SER A 308 15.74 6.95 -5.77
CA SER A 308 16.52 7.45 -6.90
C SER A 308 17.52 8.50 -6.45
N THR A 309 18.72 8.44 -6.99
CA THR A 309 19.68 9.53 -6.86
C THR A 309 19.58 10.55 -8.00
N LYS A 310 19.02 10.14 -9.13
CA LYS A 310 18.83 11.03 -10.27
C LYS A 310 17.55 10.73 -11.06
N LEU A 311 16.67 11.72 -11.23
CA LEU A 311 15.58 11.62 -12.21
C LEU A 311 15.57 12.89 -13.03
N ARG A 312 16.06 12.80 -14.27
CA ARG A 312 16.21 13.99 -15.10
C ARG A 312 15.60 13.73 -16.46
N MET A 313 14.73 14.64 -16.85
CA MET A 313 13.90 14.47 -18.02
C MET A 313 14.42 15.34 -19.16
N ALA A 314 14.78 14.71 -20.28
CA ALA A 314 15.17 15.45 -21.46
C ALA A 314 13.99 16.25 -21.98
N THR A 315 14.22 17.51 -22.27
CA THR A 315 13.26 18.38 -22.91
C THR A 315 13.75 18.67 -24.33
N GLY A 316 14.97 19.20 -24.43
CA GLY A 316 15.59 19.45 -25.72
C GLY A 316 16.04 18.16 -26.37
N LEU A 317 16.95 18.27 -27.34
CA LEU A 317 17.34 17.14 -28.19
C LEU A 317 18.79 16.74 -27.96
N ARG A 318 19.24 15.69 -28.64
CA ARG A 318 20.64 15.29 -28.54
C ARG A 318 21.57 16.43 -28.89
N ASN A 319 22.49 16.72 -27.97
CA ASN A 319 23.41 17.83 -28.15
C ASN A 319 24.68 17.34 -28.83
N ILE A 320 24.88 17.75 -30.07
CA ILE A 320 26.02 17.32 -30.88
C ILE A 320 26.72 18.52 -31.50
N PRO A 321 27.52 19.23 -30.69
CA PRO A 321 28.29 20.36 -31.20
C PRO A 321 29.62 19.92 -31.82
N GLY B 1 19.17 7.01 -34.38
CA GLY B 1 17.85 7.69 -34.23
C GLY B 1 16.75 6.89 -34.87
N LEU B 2 15.57 6.90 -34.25
CA LEU B 2 14.45 6.11 -34.73
C LEU B 2 14.01 6.58 -36.11
N PHE B 3 14.07 7.89 -36.32
CA PHE B 3 13.68 8.48 -37.60
C PHE B 3 14.87 8.84 -38.52
N GLY B 4 16.09 8.57 -38.06
CA GLY B 4 17.24 8.60 -38.95
C GLY B 4 17.83 9.94 -39.34
N ALA B 5 17.33 11.03 -38.77
CA ALA B 5 17.84 12.37 -39.09
C ALA B 5 18.93 12.82 -38.10
N ILE B 6 18.55 13.05 -36.84
CA ILE B 6 19.51 13.50 -35.83
C ILE B 6 20.52 12.39 -35.51
N ALA B 7 21.81 12.74 -35.60
CA ALA B 7 22.90 11.76 -35.54
C ALA B 7 22.69 10.73 -36.66
N GLY B 8 21.89 11.13 -37.63
CA GLY B 8 21.53 10.35 -38.79
C GLY B 8 22.24 10.86 -40.02
N PHE B 9 21.51 10.88 -41.13
CA PHE B 9 22.03 11.44 -42.35
C PHE B 9 22.35 12.93 -42.19
N ILE B 10 21.88 13.55 -41.11
CA ILE B 10 22.37 14.87 -40.69
C ILE B 10 23.26 14.65 -39.46
N GLU B 11 24.57 14.79 -39.64
CA GLU B 11 25.56 14.24 -38.69
C GLU B 11 25.67 15.00 -37.37
N GLY B 12 25.40 16.30 -37.39
CA GLY B 12 25.59 17.12 -36.21
C GLY B 12 24.65 18.29 -36.11
N GLY B 13 24.72 18.97 -34.97
CA GLY B 13 23.86 20.10 -34.69
C GLY B 13 24.58 21.40 -34.92
N TRP B 14 23.84 22.50 -34.85
CA TRP B 14 24.39 23.82 -35.11
C TRP B 14 24.43 24.68 -33.86
N THR B 15 25.65 24.90 -33.34
CA THR B 15 25.82 25.85 -32.24
C THR B 15 25.58 27.26 -32.76
N GLY B 16 25.69 27.42 -34.07
CA GLY B 16 25.44 28.70 -34.70
C GLY B 16 23.99 29.14 -34.62
N MET B 17 23.06 28.19 -34.58
CA MET B 17 21.65 28.54 -34.52
C MET B 17 21.18 28.56 -33.06
N ILE B 18 21.04 29.78 -32.53
CA ILE B 18 20.74 29.97 -31.11
C ILE B 18 19.25 30.24 -30.80
N ASP B 19 18.47 30.54 -31.83
CA ASP B 19 17.10 31.05 -31.63
C ASP B 19 15.98 30.01 -31.78
N GLY B 20 16.32 28.75 -31.97
CA GLY B 20 15.30 27.72 -32.15
C GLY B 20 15.88 26.31 -32.11
N TRP B 21 15.00 25.32 -32.01
CA TRP B 21 15.41 23.91 -32.00
C TRP B 21 15.72 23.38 -33.39
N TYR B 22 14.89 23.75 -34.37
CA TYR B 22 15.05 23.31 -35.76
C TYR B 22 15.11 24.52 -36.68
N GLY B 23 15.91 24.40 -37.74
CA GLY B 23 16.02 25.52 -38.66
C GLY B 23 16.87 25.32 -39.89
N TYR B 24 17.26 26.45 -40.49
CA TYR B 24 17.92 26.45 -41.78
C TYR B 24 19.27 27.16 -41.78
N HIS B 25 20.19 26.64 -42.60
CA HIS B 25 21.39 27.37 -42.95
C HIS B 25 21.45 27.57 -44.46
N HIS B 26 21.58 28.81 -44.89
CA HIS B 26 21.59 29.15 -46.31
C HIS B 26 22.92 29.78 -46.72
N GLN B 27 23.28 29.54 -47.98
CA GLN B 27 24.45 30.17 -48.59
C GLN B 27 24.12 30.59 -50.01
N ASN B 28 24.30 31.86 -50.30
CA ASN B 28 24.14 32.38 -51.65
C ASN B 28 25.14 33.51 -51.85
N GLU B 29 25.01 34.24 -52.96
CA GLU B 29 25.98 35.27 -53.29
C GLU B 29 25.95 36.43 -52.30
N GLN B 30 24.81 36.64 -51.64
CA GLN B 30 24.67 37.72 -50.69
C GLN B 30 25.30 37.43 -49.32
N GLY B 31 25.49 36.15 -49.02
CA GLY B 31 26.11 35.74 -47.77
C GLY B 31 25.56 34.43 -47.25
N SER B 32 25.96 34.07 -46.03
CA SER B 32 25.47 32.87 -45.37
C SER B 32 24.96 33.19 -43.98
N GLY B 33 24.20 32.26 -43.39
CA GLY B 33 23.70 32.47 -42.04
C GLY B 33 22.67 31.44 -41.59
N TYR B 34 22.39 31.45 -40.28
CA TYR B 34 21.43 30.53 -39.66
C TYR B 34 20.09 31.19 -39.41
N ALA B 35 19.01 30.45 -39.63
CA ALA B 35 17.66 30.91 -39.29
C ALA B 35 16.83 29.75 -38.74
N ALA B 36 16.16 29.98 -37.61
CA ALA B 36 15.34 28.94 -37.00
C ALA B 36 13.90 28.95 -37.56
N ASP B 37 13.35 27.77 -37.75
CA ASP B 37 11.95 27.64 -38.13
C ASP B 37 11.11 27.78 -36.88
N GLN B 38 10.29 28.83 -36.80
CA GLN B 38 9.57 29.12 -35.55
C GLN B 38 8.35 28.26 -35.38
N LYS B 39 7.69 27.87 -36.47
CA LYS B 39 6.46 27.09 -36.34
C LYS B 39 6.75 25.70 -35.75
N SER B 40 7.72 24.98 -36.31
CA SER B 40 8.00 23.63 -35.84
C SER B 40 8.67 23.63 -34.47
N THR B 41 9.49 24.65 -34.21
CA THR B 41 10.14 24.78 -32.91
C THR B 41 9.08 25.01 -31.83
N GLN B 42 8.18 25.93 -32.09
CA GLN B 42 7.19 26.31 -31.10
C GLN B 42 6.19 25.18 -30.85
N ASN B 43 5.91 24.39 -31.90
CA ASN B 43 5.04 23.23 -31.75
C ASN B 43 5.68 22.19 -30.84
N ALA B 44 6.97 21.95 -31.06
CA ALA B 44 7.70 20.99 -30.26
C ALA B 44 7.73 21.48 -28.82
N ILE B 45 7.96 22.78 -28.65
CA ILE B 45 7.99 23.39 -27.33
C ILE B 45 6.65 23.22 -26.62
N ASP B 46 5.55 23.53 -27.31
CA ASP B 46 4.23 23.35 -26.72
C ASP B 46 4.02 21.91 -26.26
N GLY B 47 4.46 20.96 -27.08
CA GLY B 47 4.28 19.55 -26.79
C GLY B 47 5.09 19.09 -25.60
N ILE B 48 6.38 19.40 -25.60
CA ILE B 48 7.27 18.96 -24.53
C ILE B 48 6.84 19.62 -23.23
N THR B 49 6.41 20.88 -23.30
CA THR B 49 5.89 21.57 -22.13
C THR B 49 4.69 20.85 -21.55
N ASN B 50 3.78 20.40 -22.42
CA ASN B 50 2.60 19.67 -21.98
C ASN B 50 2.97 18.32 -21.36
N LYS B 51 3.99 17.69 -21.91
CA LYS B 51 4.48 16.42 -21.37
C LYS B 51 5.01 16.61 -19.96
N VAL B 52 5.88 17.60 -19.79
CA VAL B 52 6.47 17.92 -18.50
C VAL B 52 5.40 18.29 -17.46
N ASN B 53 4.46 19.15 -17.83
CA ASN B 53 3.42 19.56 -16.91
C ASN B 53 2.53 18.38 -16.52
N SER B 54 2.34 17.44 -17.44
CA SER B 54 1.56 16.23 -17.16
C SER B 54 2.25 15.37 -16.10
N VAL B 55 3.54 15.14 -16.24
CA VAL B 55 4.27 14.30 -15.29
C VAL B 55 4.29 14.93 -13.90
N ILE B 56 4.47 16.23 -13.85
CA ILE B 56 4.56 16.92 -12.57
C ILE B 56 3.19 17.11 -11.91
N GLU B 57 2.23 17.65 -12.65
CA GLU B 57 0.97 18.11 -12.05
C GLU B 57 -0.10 17.04 -11.86
N LYS B 58 0.03 15.90 -12.55
CA LYS B 58 -0.89 14.79 -12.36
C LYS B 58 -0.69 14.12 -10.99
N MET B 59 0.37 14.48 -10.29
CA MET B 59 0.65 13.89 -9.00
C MET B 59 -0.23 14.53 -7.94
N ASN B 60 -1.12 13.72 -7.37
CA ASN B 60 -1.98 14.17 -6.28
C ASN B 60 -1.15 14.30 -5.03
N THR B 61 -1.31 15.40 -4.32
CA THR B 61 -0.59 15.55 -3.06
C THR B 61 -1.59 16.08 -2.01
N GLN B 62 -1.89 15.22 -1.05
CA GLN B 62 -2.76 15.57 0.07
C GLN B 62 -1.90 15.70 1.31
N PHE B 63 -2.33 16.56 2.23
CA PHE B 63 -1.65 16.68 3.52
C PHE B 63 -1.62 15.33 4.21
N THR B 64 -0.43 14.90 4.60
CA THR B 64 -0.24 13.59 5.19
C THR B 64 0.82 13.61 6.26
N ALA B 65 0.54 12.96 7.39
CA ALA B 65 1.59 12.68 8.36
C ALA B 65 1.96 11.19 8.21
N VAL B 66 3.14 10.92 7.65
CA VAL B 66 3.54 9.56 7.33
C VAL B 66 3.88 8.73 8.58
N GLY B 67 4.55 9.36 9.53
CA GLY B 67 5.07 8.68 10.71
C GLY B 67 4.01 8.09 11.64
N LYS B 68 4.42 7.04 12.33
CA LYS B 68 3.59 6.39 13.33
C LYS B 68 4.48 5.97 14.50
N GLU B 69 3.89 5.91 15.69
CA GLU B 69 4.63 5.55 16.89
C GLU B 69 3.96 4.34 17.52
N PHE B 70 4.80 3.37 17.91
CA PHE B 70 4.31 2.13 18.50
C PHE B 70 5.13 1.74 19.72
N ASN B 71 4.46 1.21 20.74
CA ASN B 71 5.14 0.76 21.94
C ASN B 71 5.71 -0.64 21.72
N ASN B 72 6.34 -1.20 22.74
CA ASN B 72 7.14 -2.39 22.55
C ASN B 72 6.32 -3.68 22.49
N LEU B 73 5.01 -3.59 22.72
CA LEU B 73 4.07 -4.67 22.45
C LEU B 73 3.30 -4.53 21.13
N GLU B 74 3.63 -3.50 20.36
CA GLU B 74 3.05 -3.23 19.04
C GLU B 74 3.91 -3.58 17.79
N ARG B 75 4.97 -4.37 17.97
CA ARG B 75 5.89 -4.67 16.87
C ARG B 75 5.24 -5.15 15.57
N ARG B 76 4.18 -5.92 15.65
CA ARG B 76 3.57 -6.46 14.44
C ARG B 76 2.95 -5.37 13.57
N ILE B 77 2.17 -4.49 14.18
CA ILE B 77 1.55 -3.42 13.40
C ILE B 77 2.61 -2.38 13.05
N GLU B 78 3.66 -2.29 13.85
CA GLU B 78 4.78 -1.42 13.50
C GLU B 78 5.41 -1.92 12.19
N ASN B 79 5.57 -3.24 12.07
CA ASN B 79 6.16 -3.79 10.86
C ASN B 79 5.18 -3.75 9.69
N LEU B 80 3.89 -3.83 9.97
CA LEU B 80 2.87 -3.64 8.95
C LEU B 80 3.00 -2.22 8.39
N ASN B 81 3.11 -1.23 9.28
CA ASN B 81 3.31 0.14 8.85
C ASN B 81 4.56 0.25 7.98
N LYS B 82 5.63 -0.44 8.38
CA LYS B 82 6.87 -0.40 7.61
C LYS B 82 6.68 -1.06 6.24
N LYS B 83 5.90 -2.13 6.19
CA LYS B 83 5.66 -2.82 4.93
C LYS B 83 4.91 -1.91 3.97
N VAL B 84 4.03 -1.08 4.51
CA VAL B 84 3.26 -0.16 3.69
C VAL B 84 4.18 0.92 3.11
N ASP B 85 4.97 1.56 3.96
CA ASP B 85 5.88 2.62 3.53
C ASP B 85 6.90 2.12 2.51
N ASP B 86 7.49 0.96 2.79
CA ASP B 86 8.49 0.38 1.91
C ASP B 86 7.87 -0.09 0.61
N GLY B 87 6.63 -0.59 0.72
CA GLY B 87 5.90 -1.05 -0.44
C GLY B 87 5.60 0.09 -1.41
N PHE B 88 5.22 1.23 -0.86
CA PHE B 88 4.99 2.43 -1.66
C PHE B 88 6.30 2.93 -2.24
N LEU B 89 7.37 2.76 -1.47
CA LEU B 89 8.69 3.18 -1.93
C LEU B 89 9.13 2.38 -3.16
N ASP B 90 8.95 1.07 -3.12
CA ASP B 90 9.34 0.22 -4.23
C ASP B 90 8.59 0.56 -5.49
N ILE B 91 7.29 0.76 -5.34
CA ILE B 91 6.43 1.06 -6.48
C ILE B 91 6.81 2.41 -7.09
N TRP B 92 6.90 3.45 -6.29
CA TRP B 92 7.18 4.76 -6.85
C TRP B 92 8.59 4.88 -7.42
N THR B 93 9.57 4.22 -6.80
CA THR B 93 10.93 4.30 -7.31
C THR B 93 10.99 3.64 -8.68
N TYR B 94 10.43 2.43 -8.78
CA TYR B 94 10.48 1.68 -10.02
C TYR B 94 9.77 2.41 -11.14
N ASN B 95 8.54 2.86 -10.87
CA ASN B 95 7.75 3.49 -11.91
C ASN B 95 8.34 4.81 -12.38
N ALA B 96 8.87 5.61 -11.46
CA ALA B 96 9.46 6.88 -11.82
C ALA B 96 10.73 6.66 -12.65
N GLU B 97 11.56 5.71 -12.24
CA GLU B 97 12.78 5.39 -12.96
C GLU B 97 12.48 4.99 -14.40
N LEU B 98 11.51 4.10 -14.59
CA LEU B 98 11.15 3.64 -15.92
C LEU B 98 10.43 4.72 -16.72
N LEU B 99 9.60 5.50 -16.04
CA LEU B 99 8.87 6.57 -16.71
C LEU B 99 9.84 7.57 -17.33
N VAL B 100 10.90 7.89 -16.61
CA VAL B 100 11.87 8.86 -17.11
C VAL B 100 12.71 8.25 -18.24
N LEU B 101 13.17 7.02 -18.06
CA LEU B 101 13.89 6.30 -19.11
C LEU B 101 13.09 6.19 -20.40
N LEU B 102 11.85 5.74 -20.28
CA LEU B 102 11.00 5.52 -21.44
C LEU B 102 10.62 6.82 -22.13
N GLU B 103 10.24 7.83 -21.36
CA GLU B 103 9.78 9.08 -21.95
C GLU B 103 10.94 9.93 -22.47
N ASN B 104 12.14 9.69 -21.95
CA ASN B 104 13.30 10.38 -22.49
C ASN B 104 13.60 9.86 -23.90
N GLU B 105 13.48 8.55 -24.05
CA GLU B 105 13.62 7.91 -25.36
C GLU B 105 12.63 8.52 -26.34
N ARG B 106 11.39 8.67 -25.88
CA ARG B 106 10.33 9.21 -26.73
C ARG B 106 10.54 10.67 -27.08
N THR B 107 11.06 11.46 -26.15
CA THR B 107 11.32 12.87 -26.40
C THR B 107 12.40 13.05 -27.48
N LEU B 108 13.46 12.26 -27.43
CA LEU B 108 14.50 12.33 -28.44
C LEU B 108 13.99 11.86 -29.81
N ASP B 109 13.19 10.80 -29.80
CA ASP B 109 12.59 10.31 -31.03
C ASP B 109 11.67 11.36 -31.62
N PHE B 110 11.05 12.16 -30.76
CA PHE B 110 10.15 13.22 -31.20
C PHE B 110 10.91 14.31 -31.95
N HIS B 111 12.07 14.69 -31.42
CA HIS B 111 12.89 15.72 -32.04
C HIS B 111 13.40 15.21 -33.37
N ASP B 112 13.84 13.96 -33.38
CA ASP B 112 14.32 13.30 -34.58
C ASP B 112 13.25 13.34 -35.67
N SER B 113 12.03 13.00 -35.27
CA SER B 113 10.88 13.02 -36.16
C SER B 113 10.59 14.41 -36.71
N ASN B 114 10.70 15.43 -35.87
CA ASN B 114 10.43 16.80 -36.29
C ASN B 114 11.43 17.28 -37.34
N VAL B 115 12.69 16.94 -37.15
CA VAL B 115 13.74 17.28 -38.09
C VAL B 115 13.49 16.63 -39.44
N ARG B 116 13.12 15.35 -39.40
CA ARG B 116 12.87 14.60 -40.62
C ARG B 116 11.66 15.17 -41.36
N ASN B 117 10.60 15.49 -40.62
CA ASN B 117 9.39 16.01 -41.23
C ASN B 117 9.64 17.35 -41.89
N LEU B 118 10.47 18.18 -41.27
CA LEU B 118 10.81 19.49 -41.80
C LEU B 118 11.63 19.33 -43.09
N TYR B 119 12.58 18.40 -43.06
CA TYR B 119 13.43 18.15 -44.21
C TYR B 119 12.61 17.75 -45.42
N GLU B 120 11.66 16.85 -45.21
CA GLU B 120 10.86 16.33 -46.30
C GLU B 120 9.85 17.36 -46.76
N LYS B 121 9.56 18.34 -45.90
CA LYS B 121 8.67 19.43 -46.24
C LYS B 121 9.32 20.36 -47.26
N VAL B 122 10.59 20.67 -47.02
CA VAL B 122 11.38 21.49 -47.93
C VAL B 122 11.60 20.75 -49.25
N LYS B 123 11.93 19.47 -49.14
CA LYS B 123 12.22 18.65 -50.32
C LYS B 123 11.07 18.59 -51.30
N SER B 124 9.86 18.43 -50.78
CA SER B 124 8.69 18.32 -51.65
C SER B 124 8.41 19.66 -52.31
N GLN B 125 8.84 20.74 -51.66
CA GLN B 125 8.65 22.08 -52.23
C GLN B 125 9.59 22.34 -53.39
N LEU B 126 10.84 21.93 -53.22
CA LEU B 126 11.90 22.19 -54.18
C LEU B 126 11.82 21.24 -55.39
N LYS B 127 11.43 20.00 -55.14
CA LYS B 127 11.33 18.98 -56.19
C LYS B 127 12.65 18.83 -56.95
N ASN B 128 12.61 18.96 -58.28
CA ASN B 128 13.81 18.78 -59.11
C ASN B 128 14.54 20.10 -59.40
N ASN B 129 14.07 21.20 -58.83
CA ASN B 129 14.74 22.48 -58.94
C ASN B 129 16.02 22.56 -58.14
N ALA B 130 16.31 21.52 -57.35
CA ALA B 130 17.53 21.47 -56.57
C ALA B 130 18.05 20.04 -56.45
N LYS B 131 19.33 19.91 -56.09
CA LYS B 131 19.98 18.62 -55.92
C LYS B 131 20.15 18.31 -54.43
N GLU B 132 19.92 17.05 -54.06
CA GLU B 132 20.09 16.64 -52.68
C GLU B 132 21.50 16.13 -52.48
N ILE B 133 22.29 16.90 -51.73
CA ILE B 133 23.67 16.55 -51.48
C ILE B 133 23.74 15.45 -50.45
N GLY B 134 22.85 15.57 -49.47
CA GLY B 134 22.92 14.77 -48.26
C GLY B 134 23.36 15.72 -47.16
N ASN B 135 23.48 15.17 -45.96
CA ASN B 135 23.80 15.96 -44.78
C ASN B 135 22.75 17.06 -44.56
N GLY B 136 21.59 16.87 -45.18
CA GLY B 136 20.46 17.77 -44.99
C GLY B 136 20.45 18.96 -45.94
N CYS B 137 21.37 18.97 -46.90
CA CYS B 137 21.56 20.15 -47.74
C CYS B 137 20.99 19.99 -49.16
N PHE B 138 20.36 21.06 -49.64
CA PHE B 138 19.86 21.13 -51.01
C PHE B 138 20.66 22.16 -51.81
N GLU B 139 21.19 21.73 -52.95
CA GLU B 139 21.90 22.64 -53.85
C GLU B 139 21.00 22.99 -55.02
N PHE B 140 20.65 24.27 -55.12
CA PHE B 140 19.73 24.75 -56.14
C PHE B 140 20.30 24.65 -57.54
N TYR B 141 19.43 24.36 -58.51
CA TYR B 141 19.80 24.34 -59.92
C TYR B 141 19.60 25.73 -60.52
N HIS B 142 19.28 26.70 -59.65
CA HIS B 142 19.13 28.08 -60.06
C HIS B 142 19.69 29.01 -58.99
N LYS B 143 19.64 30.31 -59.25
CA LYS B 143 20.08 31.31 -58.27
C LYS B 143 18.96 31.61 -57.30
N CYS B 144 19.29 31.57 -56.01
CA CYS B 144 18.33 31.83 -54.94
C CYS B 144 18.85 32.89 -54.00
N ASP B 145 18.18 34.04 -54.01
CA ASP B 145 18.58 35.18 -53.17
C ASP B 145 17.94 35.07 -51.79
N ASP B 146 18.17 36.08 -50.95
CA ASP B 146 17.64 36.09 -49.59
C ASP B 146 16.11 36.04 -49.58
N ALA B 147 15.48 36.74 -50.52
CA ALA B 147 14.03 36.73 -50.63
C ALA B 147 13.54 35.35 -51.03
N CYS B 148 14.31 34.68 -51.89
CA CYS B 148 13.99 33.33 -52.32
C CYS B 148 14.19 32.35 -51.18
N MET B 149 15.29 32.51 -50.44
CA MET B 149 15.58 31.62 -49.32
C MET B 149 14.46 31.76 -48.28
N GLU B 150 13.95 32.96 -48.11
CA GLU B 150 12.88 33.22 -47.16
C GLU B 150 11.60 32.49 -47.56
N SER B 151 11.35 32.38 -48.87
CA SER B 151 10.16 31.68 -49.35
C SER B 151 10.21 30.19 -49.00
N VAL B 152 11.40 29.60 -49.00
CA VAL B 152 11.55 28.20 -48.64
C VAL B 152 11.27 28.00 -47.15
N ARG B 153 11.82 28.88 -46.34
CA ARG B 153 11.64 28.81 -44.89
C ARG B 153 10.19 29.13 -44.54
N ASN B 154 9.56 29.96 -45.37
CA ASN B 154 8.19 30.37 -45.13
C ASN B 154 7.20 29.33 -45.66
N GLY B 155 7.72 28.36 -46.42
CA GLY B 155 6.90 27.35 -47.05
C GLY B 155 6.14 27.86 -48.26
N THR B 156 6.46 29.08 -48.70
CA THR B 156 5.80 29.71 -49.84
C THR B 156 6.55 29.57 -51.16
N TYR B 157 7.64 28.79 -51.16
CA TYR B 157 8.51 28.69 -52.33
C TYR B 157 7.75 28.39 -53.62
N ASP B 158 8.13 29.09 -54.69
CA ASP B 158 7.42 29.02 -55.97
C ASP B 158 8.19 28.14 -56.95
N TYR B 159 7.68 26.93 -57.22
CA TYR B 159 8.38 26.01 -58.11
C TYR B 159 8.35 26.45 -59.58
N PRO B 160 7.15 26.74 -60.14
CA PRO B 160 7.13 27.08 -61.56
C PRO B 160 7.89 28.37 -61.90
N LYS B 161 8.12 29.22 -60.90
CA LYS B 161 8.86 30.46 -61.12
C LYS B 161 10.33 30.20 -61.40
N TYR B 162 10.78 28.98 -61.08
CA TYR B 162 12.16 28.53 -61.31
C TYR B 162 12.29 27.25 -62.14
N SER B 163 12.90 27.42 -63.30
CA SER B 163 13.28 26.35 -64.21
C SER B 163 14.80 26.33 -64.25
N GLU B 164 15.39 25.82 -65.33
CA GLU B 164 16.85 25.79 -65.49
C GLU B 164 17.44 24.61 -64.75
N ASP C 1 24.04 -7.99 -61.31
CA ASP C 1 24.70 -7.70 -60.00
C ASP C 1 23.79 -6.93 -59.05
N THR C 2 23.49 -7.55 -57.91
CA THR C 2 22.51 -7.03 -56.96
C THR C 2 23.00 -7.11 -55.51
N ILE C 3 22.58 -6.12 -54.72
CA ILE C 3 22.76 -6.16 -53.27
C ILE C 3 21.41 -5.94 -52.61
N CYS C 4 21.15 -6.71 -51.56
CA CYS C 4 19.85 -6.71 -50.89
C CYS C 4 20.01 -6.34 -49.42
N ILE C 5 19.03 -5.63 -48.88
CA ILE C 5 18.97 -5.35 -47.45
C ILE C 5 17.92 -6.27 -46.82
N GLY C 6 18.29 -6.92 -45.72
CA GLY C 6 17.38 -7.84 -45.07
C GLY C 6 17.70 -8.02 -43.60
N TYR C 7 16.98 -8.93 -42.94
CA TYR C 7 17.13 -9.13 -41.50
C TYR C 7 17.11 -10.61 -41.13
N HIS C 8 17.55 -10.90 -39.91
CA HIS C 8 17.76 -12.26 -39.41
C HIS C 8 16.48 -13.09 -39.26
N ALA C 9 16.62 -14.39 -39.49
CA ALA C 9 15.56 -15.35 -39.21
C ALA C 9 16.21 -16.60 -38.63
N ASN C 10 15.44 -17.38 -37.86
CA ASN C 10 15.93 -18.63 -37.31
C ASN C 10 14.78 -19.58 -37.03
N ASN C 11 15.09 -20.66 -36.30
CA ASN C 11 14.10 -21.69 -35.99
C ASN C 11 13.36 -21.45 -34.65
N SER C 12 13.60 -20.31 -34.02
CA SER C 12 13.01 -20.01 -32.72
C SER C 12 11.48 -20.02 -32.74
N THR C 13 10.90 -20.76 -31.80
CA THR C 13 9.44 -20.82 -31.61
C THR C 13 8.98 -19.94 -30.46
N ASP C 14 9.89 -19.21 -29.82
CA ASP C 14 9.52 -18.31 -28.75
C ASP C 14 8.44 -17.34 -29.24
N THR C 15 7.39 -17.19 -28.44
CA THR C 15 6.34 -16.21 -28.74
C THR C 15 6.25 -15.23 -27.59
N VAL C 16 5.91 -13.98 -27.91
CA VAL C 16 5.63 -12.95 -26.93
C VAL C 16 4.32 -12.26 -27.28
N ASP C 17 3.76 -11.54 -26.31
CA ASP C 17 2.59 -10.71 -26.56
C ASP C 17 3.00 -9.25 -26.70
N THR C 18 2.28 -8.55 -27.57
CA THR C 18 2.49 -7.12 -27.78
C THR C 18 1.15 -6.43 -27.62
N VAL C 19 1.15 -5.12 -27.46
CA VAL C 19 -0.10 -4.41 -27.22
C VAL C 19 -1.05 -4.48 -28.42
N LEU C 20 -0.50 -4.46 -29.64
CA LEU C 20 -1.33 -4.58 -30.85
C LEU C 20 -1.63 -6.03 -31.27
N GLU C 21 -0.78 -6.97 -30.87
CA GLU C 21 -0.90 -8.34 -31.37
C GLU C 21 -0.48 -9.37 -30.33
N LYS C 22 -1.31 -10.39 -30.13
CA LYS C 22 -0.95 -11.51 -29.27
C LYS C 22 -0.12 -12.56 -29.98
N ASN C 23 0.72 -13.26 -29.21
CA ASN C 23 1.40 -14.46 -29.68
C ASN C 23 2.26 -14.24 -30.93
N VAL C 24 3.17 -13.29 -30.83
CA VAL C 24 4.09 -12.99 -31.91
C VAL C 24 5.38 -13.80 -31.77
N THR C 25 5.72 -14.54 -32.81
CA THR C 25 6.94 -15.34 -32.80
C THR C 25 8.15 -14.44 -33.08
N VAL C 26 9.16 -14.52 -32.20
CA VAL C 26 10.35 -13.69 -32.30
C VAL C 26 11.62 -14.53 -32.27
N THR C 27 12.71 -13.93 -32.72
CA THR C 27 13.97 -14.66 -32.86
C THR C 27 14.69 -14.87 -31.51
N HIS C 28 14.56 -13.91 -30.61
CA HIS C 28 15.19 -14.00 -29.29
C HIS C 28 14.29 -13.34 -28.22
N SER C 29 14.33 -13.88 -27.00
CA SER C 29 13.54 -13.32 -25.91
C SER C 29 14.15 -13.66 -24.54
N VAL C 30 13.71 -12.94 -23.50
CA VAL C 30 14.12 -13.24 -22.12
C VAL C 30 12.93 -13.25 -21.18
N ASN C 31 13.00 -14.12 -20.18
CA ASN C 31 11.94 -14.29 -19.20
C ASN C 31 12.09 -13.34 -18.02
N LEU C 32 11.02 -12.60 -17.71
CA LEU C 32 11.03 -11.72 -16.55
C LEU C 32 10.35 -12.32 -15.33
N LEU C 33 9.78 -13.50 -15.48
CA LEU C 33 8.92 -14.10 -14.45
C LEU C 33 9.52 -15.37 -13.87
N GLU C 34 9.80 -15.37 -12.57
CA GLU C 34 10.35 -16.55 -11.94
C GLU C 34 9.19 -17.47 -11.50
N ASP C 35 9.01 -18.57 -12.23
CA ASP C 35 7.88 -19.50 -12.01
C ASP C 35 8.21 -20.85 -11.37
N SER C 36 9.46 -21.06 -10.94
CA SER C 36 9.82 -22.34 -10.32
C SER C 36 10.61 -22.15 -9.02
N HIS C 37 10.66 -23.21 -8.21
CA HIS C 37 11.36 -23.21 -6.93
C HIS C 37 12.08 -24.56 -6.70
N ASN C 38 12.97 -24.62 -5.70
CA ASN C 38 13.79 -25.81 -5.47
C ASN C 38 13.23 -26.79 -4.44
N GLY C 39 12.02 -26.50 -3.95
CA GLY C 39 11.33 -27.40 -3.05
C GLY C 39 11.94 -27.58 -1.68
N LYS C 40 12.85 -26.68 -1.31
CA LYS C 40 13.54 -26.77 -0.02
C LYS C 40 13.43 -25.49 0.80
N LEU C 41 13.52 -25.65 2.12
CA LEU C 41 13.69 -24.52 3.02
C LEU C 41 15.19 -24.33 3.27
N CYS C 42 15.70 -23.16 2.90
CA CYS C 42 17.13 -22.92 2.89
C CYS C 42 17.58 -21.86 3.90
N LYS C 43 18.88 -21.64 3.96
CA LYS C 43 19.44 -20.64 4.86
C LYS C 43 19.24 -19.21 4.32
N LEU C 44 18.81 -18.32 5.21
CA LEU C 44 18.73 -16.90 4.93
C LEU C 44 19.84 -16.16 5.64
N LYS C 45 20.55 -15.31 4.89
CA LYS C 45 21.71 -14.61 5.40
C LYS C 45 22.71 -15.60 6.01
N GLY C 46 22.85 -16.75 5.35
CA GLY C 46 23.87 -17.71 5.69
C GLY C 46 23.58 -18.51 6.95
N ILE C 47 22.36 -18.36 7.48
CA ILE C 47 21.98 -19.00 8.73
C ILE C 47 20.70 -19.82 8.56
N ALA C 48 20.71 -21.03 9.12
CA ALA C 48 19.57 -21.93 9.06
C ALA C 48 18.43 -21.45 9.95
N PRO C 49 17.19 -21.83 9.63
CA PRO C 49 16.03 -21.51 10.47
C PRO C 49 15.89 -22.38 11.72
N LEU C 50 15.16 -21.89 12.70
CA LEU C 50 14.74 -22.70 13.84
C LEU C 50 13.64 -23.66 13.38
N GLN C 51 13.83 -24.95 13.64
CA GLN C 51 12.82 -25.94 13.30
C GLN C 51 12.12 -26.48 14.54
N LEU C 52 10.81 -26.34 14.61
CA LEU C 52 10.09 -26.76 15.80
C LEU C 52 9.37 -28.11 15.72
N GLY C 53 9.35 -28.75 14.55
CA GLY C 53 8.84 -30.11 14.47
C GLY C 53 7.42 -30.31 15.01
N LYS C 54 7.34 -31.18 16.01
CA LYS C 54 6.10 -31.54 16.70
C LYS C 54 5.48 -30.40 17.47
N CYS C 55 6.30 -29.40 17.79
CA CYS C 55 5.92 -28.36 18.72
C CYS C 55 5.75 -27.01 18.06
N ASN C 56 4.90 -26.18 18.63
CA ASN C 56 4.85 -24.78 18.25
C ASN C 56 5.71 -23.97 19.22
N ILE C 57 5.78 -22.66 19.02
CA ILE C 57 6.69 -21.79 19.76
C ILE C 57 6.42 -21.80 21.26
N ALA C 58 5.14 -21.83 21.62
CA ALA C 58 4.77 -21.87 23.04
C ALA C 58 5.30 -23.13 23.73
N GLY C 59 5.14 -24.29 23.08
CA GLY C 59 5.62 -25.54 23.62
C GLY C 59 7.13 -25.54 23.79
N TRP C 60 7.80 -24.95 22.82
CA TRP C 60 9.24 -24.86 22.83
C TRP C 60 9.73 -23.97 23.99
N LEU C 61 9.12 -22.80 24.15
CA LEU C 61 9.56 -21.85 25.17
C LEU C 61 9.25 -22.34 26.60
N LEU C 62 8.10 -22.97 26.76
CA LEU C 62 7.68 -23.45 28.07
C LEU C 62 8.35 -24.77 28.42
N GLY C 63 8.85 -25.49 27.41
CA GLY C 63 9.40 -26.82 27.63
C GLY C 63 8.35 -27.90 27.77
N ASN C 64 7.38 -27.89 26.87
CA ASN C 64 6.43 -29.01 26.75
C ASN C 64 7.23 -30.31 26.63
N PRO C 65 6.89 -31.34 27.43
CA PRO C 65 7.69 -32.58 27.47
C PRO C 65 7.91 -33.25 26.11
N GLU C 66 7.06 -32.98 25.12
CA GLU C 66 7.24 -33.58 23.80
C GLU C 66 8.29 -32.86 22.97
N CYS C 67 8.76 -31.70 23.43
CA CYS C 67 9.71 -30.89 22.68
C CYS C 67 11.17 -31.18 23.07
N ASP C 68 11.38 -32.15 23.94
CA ASP C 68 12.73 -32.48 24.42
C ASP C 68 13.73 -32.79 23.30
N LEU C 69 13.25 -33.28 22.15
CA LEU C 69 14.14 -33.75 21.10
C LEU C 69 14.40 -32.68 20.05
N LEU C 70 13.67 -31.56 20.13
CA LEU C 70 13.96 -30.40 19.30
C LEU C 70 15.35 -29.90 19.71
N LEU C 71 16.01 -29.16 18.83
CA LEU C 71 17.32 -28.59 19.14
C LEU C 71 17.37 -27.15 18.66
N THR C 72 17.84 -26.26 19.55
CA THR C 72 17.99 -24.85 19.23
C THR C 72 19.44 -24.38 19.16
N ALA C 73 19.79 -23.77 18.03
CA ALA C 73 21.10 -23.15 17.84
C ALA C 73 21.12 -21.84 18.59
N SER C 74 22.28 -21.17 18.59
CA SER C 74 22.43 -19.90 19.28
C SER C 74 21.91 -18.76 18.39
N SER C 75 21.62 -19.07 17.12
CA SER C 75 21.05 -18.09 16.21
C SER C 75 20.19 -18.71 15.10
N TRP C 76 19.22 -17.95 14.60
CA TRP C 76 18.46 -18.35 13.43
C TRP C 76 17.90 -17.14 12.67
N SER C 77 17.80 -17.28 11.36
CA SER C 77 17.30 -16.22 10.50
C SER C 77 15.78 -16.20 10.38
N TYR C 78 15.15 -17.33 10.63
CA TYR C 78 13.70 -17.38 10.69
C TYR C 78 13.26 -18.65 11.41
N ILE C 79 11.95 -18.80 11.55
CA ILE C 79 11.38 -19.94 12.26
C ILE C 79 10.46 -20.72 11.32
N VAL C 80 10.56 -22.04 11.39
CA VAL C 80 9.72 -22.94 10.61
C VAL C 80 8.82 -23.76 11.54
N GLU C 81 7.52 -23.63 11.35
CA GLU C 81 6.55 -24.53 11.96
C GLU C 81 5.96 -25.40 10.85
N THR C 82 5.51 -26.60 11.21
CA THR C 82 4.92 -27.50 10.23
C THR C 82 3.43 -27.67 10.51
N SER C 83 2.76 -28.48 9.69
CA SER C 83 1.36 -28.81 9.94
C SER C 83 1.26 -29.79 11.10
N ASN C 84 2.40 -30.33 11.49
CA ASN C 84 2.49 -31.25 12.62
C ASN C 84 2.84 -30.55 13.94
N SER C 85 2.88 -29.22 13.97
CA SER C 85 3.28 -28.57 15.21
C SER C 85 2.07 -28.34 16.09
N GLU C 86 1.77 -29.33 16.92
CA GLU C 86 0.64 -29.28 17.84
C GLU C 86 0.99 -29.11 19.30
N ASN C 87 2.25 -29.29 19.67
CA ASN C 87 2.53 -29.38 21.09
C ASN C 87 2.95 -28.03 21.66
N GLY C 88 1.94 -27.48 22.32
CA GLY C 88 1.89 -26.14 22.86
C GLY C 88 1.87 -26.13 24.36
N THR C 89 0.96 -25.30 24.88
CA THR C 89 0.66 -25.31 26.28
C THR C 89 -0.20 -26.53 26.59
N CYS C 90 0.38 -27.50 27.28
CA CYS C 90 -0.34 -28.75 27.56
C CYS C 90 -1.23 -28.58 28.78
N TYR C 91 -0.91 -27.60 29.61
CA TYR C 91 -1.80 -27.20 30.69
C TYR C 91 -2.66 -26.04 30.17
N PRO C 92 -3.98 -26.23 30.08
CA PRO C 92 -4.85 -25.23 29.45
C PRO C 92 -4.84 -23.85 30.12
N GLY C 93 -4.96 -22.81 29.30
CA GLY C 93 -4.97 -21.43 29.78
C GLY C 93 -4.54 -20.46 28.69
N ASP C 94 -4.38 -19.19 29.06
CA ASP C 94 -4.05 -18.14 28.09
C ASP C 94 -2.56 -17.78 28.08
N PHE C 95 -2.01 -17.69 26.87
CA PHE C 95 -0.64 -17.21 26.67
C PHE C 95 -0.73 -15.76 26.23
N ILE C 96 -0.36 -14.85 27.11
CA ILE C 96 -0.62 -13.44 26.87
C ILE C 96 0.34 -12.88 25.84
N ASP C 97 -0.19 -12.07 24.93
CA ASP C 97 0.63 -11.40 23.92
C ASP C 97 1.50 -12.40 23.16
N TYR C 98 0.90 -13.55 22.82
CA TYR C 98 1.61 -14.66 22.23
C TYR C 98 2.12 -14.33 20.82
N GLU C 99 1.27 -13.72 20.00
CA GLU C 99 1.65 -13.38 18.64
C GLU C 99 2.82 -12.40 18.63
N GLU C 100 2.80 -11.44 19.54
CA GLU C 100 3.89 -10.47 19.68
C GLU C 100 5.21 -11.15 20.02
N LEU C 101 5.19 -12.04 21.00
CA LEU C 101 6.38 -12.76 21.39
C LEU C 101 6.94 -13.60 20.22
N ARG C 102 6.05 -14.30 19.52
CA ARG C 102 6.47 -15.07 18.35
C ARG C 102 7.18 -14.18 17.34
N GLU C 103 6.65 -12.98 17.11
CA GLU C 103 7.26 -12.03 16.17
C GLU C 103 8.65 -11.59 16.65
N GLN C 104 8.78 -11.32 17.95
CA GLN C 104 10.01 -10.79 18.50
C GLN C 104 11.12 -11.84 18.54
N LEU C 105 10.75 -13.12 18.45
CA LEU C 105 11.69 -14.23 18.40
C LEU C 105 11.97 -14.75 17.00
N SER C 106 11.33 -14.16 15.99
CA SER C 106 11.38 -14.72 14.64
C SER C 106 12.81 -14.79 14.09
N SER C 107 13.69 -13.91 14.55
CA SER C 107 15.13 -14.04 14.29
C SER C 107 15.94 -13.56 15.48
N VAL C 108 16.95 -14.34 15.87
CA VAL C 108 17.80 -14.01 17.02
C VAL C 108 19.25 -14.43 16.82
N SER C 109 20.15 -13.69 17.45
CA SER C 109 21.55 -14.07 17.57
C SER C 109 21.86 -14.31 19.04
N SER C 110 22.89 -15.12 19.33
CA SER C 110 23.44 -15.23 20.68
C SER C 110 22.42 -15.77 21.69
N PHE C 111 21.58 -16.68 21.23
CA PHE C 111 20.51 -17.24 22.05
C PHE C 111 21.01 -18.34 22.97
N GLU C 112 20.70 -18.21 24.26
CA GLU C 112 21.08 -19.23 25.23
C GLU C 112 20.02 -19.42 26.27
N LYS C 113 19.73 -20.69 26.58
CA LYS C 113 18.93 -21.02 27.73
C LYS C 113 19.84 -21.16 28.95
N PHE C 114 19.39 -20.67 30.10
CA PHE C 114 20.15 -20.78 31.34
C PHE C 114 19.20 -20.94 32.51
N GLU C 115 19.74 -21.41 33.63
CA GLU C 115 18.92 -21.71 34.80
C GLU C 115 18.82 -20.48 35.67
N ILE C 116 17.66 -19.85 35.68
CA ILE C 116 17.50 -18.56 36.35
C ILE C 116 17.28 -18.78 37.84
N PHE C 117 16.43 -19.74 38.18
CA PHE C 117 16.17 -20.10 39.56
C PHE C 117 16.35 -21.60 39.70
N PRO C 118 17.57 -22.05 40.07
CA PRO C 118 17.83 -23.49 40.17
C PRO C 118 16.86 -24.22 41.08
N LYS C 119 16.31 -25.33 40.58
CA LYS C 119 15.33 -26.14 41.31
C LYS C 119 15.81 -26.57 42.69
N THR C 120 17.09 -26.90 42.79
CA THR C 120 17.60 -27.48 44.02
C THR C 120 17.79 -26.45 45.14
N SER C 121 18.33 -25.29 44.82
CA SER C 121 18.63 -24.28 45.84
C SER C 121 17.66 -23.12 46.01
N SER C 122 16.68 -22.99 45.12
CA SER C 122 15.86 -21.77 45.10
C SER C 122 14.71 -21.76 46.08
N TRP C 123 14.14 -22.93 46.37
CA TRP C 123 12.90 -23.05 47.14
C TRP C 123 13.03 -24.07 48.26
N PRO C 124 13.80 -23.73 49.30
CA PRO C 124 14.05 -24.64 50.43
C PRO C 124 12.79 -24.90 51.25
N ASN C 125 11.88 -23.93 51.29
CA ASN C 125 10.66 -24.03 52.08
C ASN C 125 9.39 -24.46 51.33
N HIS C 126 9.51 -24.80 50.04
CA HIS C 126 8.35 -25.23 49.24
C HIS C 126 8.57 -26.54 48.49
N GLU C 127 7.46 -27.21 48.18
CA GLU C 127 7.50 -28.41 47.35
C GLU C 127 7.56 -28.04 45.86
N THR C 128 8.57 -28.56 45.16
CA THR C 128 8.74 -28.32 43.72
C THR C 128 8.31 -29.49 42.80
N THR C 129 7.76 -30.56 43.35
CA THR C 129 7.65 -31.84 42.62
C THR C 129 6.40 -32.00 41.75
N GLY C 130 5.56 -30.98 41.69
CA GLY C 130 4.27 -31.09 41.02
C GLY C 130 4.31 -31.51 39.56
N VAL C 131 3.44 -32.47 39.20
CA VAL C 131 3.27 -32.90 37.83
C VAL C 131 1.79 -33.01 37.52
N THR C 132 1.47 -33.37 36.27
CA THR C 132 0.09 -33.53 35.85
C THR C 132 -0.05 -34.49 34.67
N ALA C 133 -1.19 -35.14 34.57
CA ALA C 133 -1.46 -36.02 33.44
C ALA C 133 -1.62 -35.21 32.16
N ALA C 134 -1.90 -33.92 32.30
CA ALA C 134 -2.07 -33.03 31.16
C ALA C 134 -0.77 -32.83 30.39
N CYS C 135 0.36 -32.85 31.09
CA CYS C 135 1.65 -32.83 30.42
C CYS C 135 2.36 -34.14 30.68
N SER C 136 2.27 -35.07 29.74
CA SER C 136 2.75 -36.43 29.96
C SER C 136 3.94 -36.72 29.09
N TYR C 137 4.89 -37.43 29.68
CA TYR C 137 6.07 -37.90 28.98
C TYR C 137 6.24 -39.40 29.10
N ALA C 138 6.14 -40.08 27.98
CA ALA C 138 6.35 -41.53 27.92
C ALA C 138 5.46 -42.29 28.90
N GLY C 139 4.17 -41.95 28.87
CA GLY C 139 3.18 -42.66 29.67
C GLY C 139 3.12 -42.25 31.13
N ALA C 140 3.92 -41.27 31.52
CA ALA C 140 3.93 -40.79 32.90
C ALA C 140 3.66 -39.29 33.01
N SER C 141 2.97 -38.91 34.08
CA SER C 141 2.68 -37.51 34.36
C SER C 141 3.96 -36.73 34.57
N SER C 142 4.01 -35.53 33.99
CA SER C 142 5.22 -34.72 33.98
C SER C 142 4.82 -33.25 34.02
N PHE C 143 5.77 -32.38 33.70
CA PHE C 143 5.50 -30.96 33.70
C PHE C 143 6.44 -30.25 32.73
N TYR C 144 6.15 -28.98 32.45
CA TYR C 144 7.03 -28.17 31.61
C TYR C 144 8.47 -28.24 32.12
N ARG C 145 9.43 -28.37 31.22
CA ARG C 145 10.83 -28.50 31.62
C ARG C 145 11.40 -27.16 32.10
N ASN C 146 10.88 -26.06 31.57
CA ASN C 146 11.46 -24.74 31.84
C ASN C 146 10.77 -23.98 32.97
N LEU C 147 9.73 -24.59 33.54
CA LEU C 147 8.99 -24.00 34.65
C LEU C 147 8.95 -24.95 35.84
N LEU C 148 8.64 -24.42 37.02
CA LEU C 148 8.55 -25.23 38.22
C LEU C 148 7.26 -24.96 39.00
N TRP C 149 6.55 -26.03 39.36
CA TRP C 149 5.30 -25.94 40.10
C TRP C 149 5.58 -25.96 41.61
N LEU C 150 5.33 -24.83 42.27
CA LEU C 150 5.54 -24.71 43.71
C LEU C 150 4.24 -24.98 44.46
N THR C 151 4.26 -25.96 45.35
CA THR C 151 3.14 -26.24 46.24
C THR C 151 3.57 -26.20 47.71
N LYS C 152 2.60 -26.41 48.61
CA LYS C 152 2.86 -26.30 50.04
C LYS C 152 3.72 -27.47 50.54
N LYS C 153 4.59 -27.17 51.49
CA LYS C 153 5.45 -28.16 52.12
C LYS C 153 4.84 -28.56 53.45
N GLY C 154 4.41 -29.81 53.56
CA GLY C 154 3.64 -30.24 54.71
C GLY C 154 2.32 -29.49 54.70
N SER C 155 2.02 -28.82 55.80
CA SER C 155 0.79 -28.05 55.96
C SER C 155 0.98 -26.57 55.65
N SER C 156 2.20 -26.16 55.32
CA SER C 156 2.52 -24.73 55.24
C SER C 156 3.15 -24.33 53.90
N TYR C 157 2.73 -23.15 53.43
CA TYR C 157 3.27 -22.50 52.24
C TYR C 157 3.69 -21.10 52.67
N PRO C 158 4.92 -20.93 53.16
CA PRO C 158 5.30 -19.57 53.59
C PRO C 158 5.40 -18.63 52.39
N LYS C 159 5.24 -17.33 52.60
CA LYS C 159 5.42 -16.37 51.53
C LYS C 159 6.85 -16.43 51.00
N LEU C 160 6.98 -16.55 49.68
CA LEU C 160 8.28 -16.62 49.04
C LEU C 160 8.63 -15.27 48.43
N SER C 161 9.91 -14.95 48.41
CA SER C 161 10.41 -13.79 47.70
C SER C 161 11.73 -14.14 47.02
N LYS C 162 11.79 -13.91 45.71
CA LYS C 162 12.96 -14.24 44.90
C LYS C 162 13.24 -13.22 43.80
N SER C 163 14.51 -12.87 43.64
CA SER C 163 14.93 -11.88 42.66
C SER C 163 16.06 -12.37 41.75
N TYR C 164 16.06 -11.89 40.51
CA TYR C 164 17.13 -12.15 39.56
C TYR C 164 17.62 -10.87 38.93
N VAL C 165 18.94 -10.70 38.86
CA VAL C 165 19.55 -9.54 38.23
C VAL C 165 20.17 -9.93 36.89
N ASN C 166 19.91 -9.16 35.83
CA ASN C 166 20.41 -9.55 34.52
C ASN C 166 21.80 -8.99 34.30
N ASN C 167 22.78 -9.87 34.45
CA ASN C 167 24.18 -9.56 34.21
C ASN C 167 24.71 -10.08 32.87
N LYS C 168 23.82 -10.65 32.05
CA LYS C 168 24.22 -11.41 30.88
C LYS C 168 24.64 -10.52 29.71
N GLY C 169 24.48 -9.21 29.87
CA GLY C 169 24.90 -8.27 28.84
C GLY C 169 24.00 -8.27 27.62
N LYS C 170 22.81 -8.86 27.77
CA LYS C 170 21.80 -8.84 26.73
C LYS C 170 20.44 -9.07 27.37
N GLU C 171 19.38 -9.03 26.58
CA GLU C 171 18.03 -9.21 27.10
C GLU C 171 17.83 -10.61 27.66
N VAL C 172 17.04 -10.71 28.72
CA VAL C 172 16.63 -12.00 29.25
C VAL C 172 15.13 -12.14 29.13
N LEU C 173 14.70 -13.18 28.42
CA LEU C 173 13.29 -13.52 28.31
C LEU C 173 12.90 -14.41 29.48
N VAL C 174 11.99 -13.92 30.31
CA VAL C 174 11.52 -14.67 31.47
C VAL C 174 10.05 -15.07 31.30
N LEU C 175 9.75 -16.36 31.41
CA LEU C 175 8.39 -16.84 31.34
C LEU C 175 7.94 -17.39 32.70
N TRP C 176 6.67 -17.19 33.05
CA TRP C 176 6.09 -17.81 34.24
C TRP C 176 4.60 -18.07 34.06
N GLY C 177 3.97 -18.63 35.07
CA GLY C 177 2.54 -18.91 35.00
C GLY C 177 1.83 -18.74 36.32
N VAL C 178 0.50 -18.61 36.24
CA VAL C 178 -0.35 -18.47 37.42
C VAL C 178 -1.47 -19.48 37.32
N HIS C 179 -1.60 -20.31 38.34
CA HIS C 179 -2.54 -21.42 38.35
C HIS C 179 -3.87 -21.03 39.00
N HIS C 180 -4.97 -21.53 38.43
CA HIS C 180 -6.32 -21.17 38.90
C HIS C 180 -7.18 -22.40 39.18
N PRO C 181 -7.19 -22.86 40.45
CA PRO C 181 -8.02 -24.01 40.84
C PRO C 181 -9.52 -23.79 40.62
N PRO C 182 -10.27 -24.86 40.34
CA PRO C 182 -11.73 -24.80 40.17
C PRO C 182 -12.48 -24.60 41.48
N THR C 183 -11.90 -25.04 42.59
CA THR C 183 -12.55 -24.99 43.89
C THR C 183 -11.59 -24.50 44.98
N GLY C 184 -12.14 -23.86 46.01
CA GLY C 184 -11.35 -23.43 47.15
C GLY C 184 -10.74 -24.62 47.86
N THR C 185 -11.42 -25.75 47.75
CA THR C 185 -10.94 -27.01 48.31
C THR C 185 -9.57 -27.35 47.74
N GLU C 186 -9.46 -27.20 46.42
CA GLU C 186 -8.21 -27.47 45.71
C GLU C 186 -7.16 -26.42 46.06
N GLN C 187 -7.60 -25.17 46.17
CA GLN C 187 -6.71 -24.08 46.57
C GLN C 187 -5.98 -24.39 47.88
N GLN C 188 -6.73 -24.85 48.88
CA GLN C 188 -6.13 -25.14 50.18
C GLN C 188 -5.29 -26.41 50.10
N SER C 189 -5.73 -27.36 49.30
CA SER C 189 -5.00 -28.62 49.16
C SER C 189 -3.60 -28.39 48.57
N LEU C 190 -3.52 -27.52 47.57
CA LEU C 190 -2.23 -27.21 46.93
C LEU C 190 -1.46 -26.10 47.65
N TYR C 191 -2.05 -24.92 47.74
CA TYR C 191 -1.33 -23.74 48.23
C TYR C 191 -1.63 -23.35 49.68
N GLN C 192 -2.54 -24.10 50.30
CA GLN C 192 -2.93 -23.95 51.72
C GLN C 192 -3.61 -22.62 52.08
N ASN C 193 -3.35 -21.58 51.30
CA ASN C 193 -3.90 -20.24 51.58
C ASN C 193 -5.06 -19.85 50.70
N ALA C 194 -6.19 -19.49 51.32
CA ALA C 194 -7.33 -19.02 50.55
C ALA C 194 -7.10 -17.61 50.00
N ASP C 195 -6.28 -16.83 50.69
CA ASP C 195 -6.03 -15.43 50.33
C ASP C 195 -4.82 -15.26 49.42
N ALA C 196 -4.30 -16.37 48.89
CA ALA C 196 -3.01 -16.36 48.19
C ALA C 196 -2.96 -15.41 46.98
N TYR C 197 -1.75 -14.96 46.67
CA TYR C 197 -1.50 -14.03 45.57
C TYR C 197 -0.12 -14.24 44.96
N VAL C 198 0.06 -13.72 43.75
CA VAL C 198 1.36 -13.70 43.06
C VAL C 198 1.65 -12.27 42.61
N SER C 199 2.87 -11.81 42.90
CA SER C 199 3.29 -10.49 42.45
C SER C 199 4.62 -10.59 41.69
N VAL C 200 4.67 -9.88 40.57
CA VAL C 200 5.85 -9.84 39.72
C VAL C 200 6.20 -8.40 39.41
N GLY C 201 7.47 -8.02 39.58
CA GLY C 201 7.85 -6.66 39.24
C GLY C 201 9.29 -6.45 38.81
N SER C 202 9.48 -5.43 38.00
CA SER C 202 10.77 -5.01 37.49
C SER C 202 10.74 -3.48 37.31
N SER C 203 11.72 -2.94 36.60
CA SER C 203 11.72 -1.51 36.31
C SER C 203 10.56 -1.14 35.37
N LYS C 204 10.07 -2.13 34.62
CA LYS C 204 9.02 -1.94 33.62
C LYS C 204 7.73 -2.66 34.01
N TYR C 205 7.83 -3.97 34.21
CA TYR C 205 6.67 -4.79 34.49
C TYR C 205 6.17 -4.56 35.92
N ASN C 206 4.87 -4.34 36.07
CA ASN C 206 4.25 -4.35 37.40
C ASN C 206 2.87 -5.01 37.42
N ARG C 207 2.73 -6.10 38.16
CA ARG C 207 1.42 -6.73 38.28
C ARG C 207 1.26 -7.58 39.54
N ARG C 208 0.02 -7.62 40.03
CA ARG C 208 -0.34 -8.51 41.13
C ARG C 208 -1.47 -9.40 40.62
N PHE C 209 -1.33 -10.71 40.82
CA PHE C 209 -2.31 -11.67 40.34
C PHE C 209 -3.03 -12.28 41.51
N THR C 210 -4.33 -12.51 41.34
CA THR C 210 -5.11 -13.24 42.32
C THR C 210 -5.69 -14.48 41.67
N PRO C 211 -5.77 -15.59 42.42
CA PRO C 211 -6.40 -16.79 41.85
C PRO C 211 -7.90 -16.56 41.64
N GLU C 212 -8.40 -16.97 40.48
CA GLU C 212 -9.81 -16.87 40.19
C GLU C 212 -10.43 -18.25 40.27
N ILE C 213 -11.19 -18.50 41.33
CA ILE C 213 -11.75 -19.80 41.59
C ILE C 213 -13.14 -19.84 40.97
N ALA C 214 -13.30 -20.67 39.94
CA ALA C 214 -14.56 -20.73 39.20
C ALA C 214 -14.75 -22.08 38.53
N ALA C 215 -16.01 -22.47 38.34
CA ALA C 215 -16.33 -23.67 37.58
C ALA C 215 -16.04 -23.43 36.11
N ARG C 216 -15.32 -24.36 35.50
CA ARG C 216 -14.95 -24.25 34.09
C ARG C 216 -15.07 -25.62 33.44
N PRO C 217 -15.31 -25.63 32.11
CA PRO C 217 -15.30 -26.91 31.39
C PRO C 217 -13.94 -27.57 31.49
N LYS C 218 -13.90 -28.90 31.41
CA LYS C 218 -12.64 -29.62 31.44
C LYS C 218 -11.96 -29.53 30.08
N VAL C 219 -10.68 -29.18 30.09
CA VAL C 219 -9.85 -29.19 28.91
C VAL C 219 -8.66 -30.09 29.22
N ARG C 220 -8.45 -31.13 28.41
CA ARG C 220 -7.44 -32.14 28.71
C ARG C 220 -7.63 -32.63 30.16
N GLY C 221 -8.89 -32.84 30.52
CA GLY C 221 -9.27 -33.37 31.81
C GLY C 221 -9.22 -32.39 32.98
N LEU C 222 -8.99 -31.12 32.70
CA LEU C 222 -8.79 -30.14 33.76
C LEU C 222 -9.77 -28.96 33.72
N ALA C 223 -10.43 -28.71 34.85
CA ALA C 223 -11.30 -27.55 35.03
C ALA C 223 -10.50 -26.37 35.54
N SER C 224 -9.27 -26.64 35.95
CA SER C 224 -8.29 -25.61 36.29
C SER C 224 -7.75 -24.94 35.02
N ARG C 225 -7.14 -23.76 35.19
CA ARG C 225 -6.42 -23.10 34.09
C ARG C 225 -5.05 -22.62 34.57
N MET C 226 -4.11 -22.53 33.64
CA MET C 226 -2.79 -21.99 33.92
C MET C 226 -2.48 -20.94 32.86
N ASN C 227 -2.36 -19.69 33.28
CA ASN C 227 -2.10 -18.60 32.36
C ASN C 227 -0.62 -18.29 32.30
N TYR C 228 -0.14 -17.93 31.11
CA TYR C 228 1.28 -17.76 30.89
C TYR C 228 1.60 -16.32 30.56
N TYR C 229 2.65 -15.82 31.20
CA TYR C 229 3.06 -14.43 31.08
C TYR C 229 4.55 -14.38 30.81
N TRP C 230 4.99 -13.27 30.22
CA TRP C 230 6.40 -13.12 29.88
C TRP C 230 6.83 -11.66 29.90
N THR C 231 8.12 -11.43 30.02
CA THR C 231 8.67 -10.09 29.90
C THR C 231 10.10 -10.18 29.43
N LEU C 232 10.56 -9.14 28.75
CA LEU C 232 11.95 -9.05 28.37
C LEU C 232 12.69 -8.18 29.38
N LEU C 233 13.57 -8.82 30.14
CA LEU C 233 14.31 -8.13 31.18
C LEU C 233 15.54 -7.47 30.58
N GLU C 234 15.65 -6.16 30.74
CA GLU C 234 16.75 -5.41 30.13
C GLU C 234 18.06 -5.67 30.86
N PRO C 235 19.19 -5.53 30.15
CA PRO C 235 20.48 -5.71 30.81
C PRO C 235 20.62 -4.82 32.04
N GLY C 236 21.02 -5.41 33.16
CA GLY C 236 21.23 -4.67 34.38
C GLY C 236 20.01 -4.63 35.29
N ASP C 237 18.83 -4.82 34.72
CA ASP C 237 17.59 -4.72 35.47
C ASP C 237 17.36 -5.92 36.37
N THR C 238 16.47 -5.73 37.35
CA THR C 238 16.10 -6.77 38.30
C THR C 238 14.62 -7.13 38.15
N ILE C 239 14.30 -8.41 38.30
CA ILE C 239 12.92 -8.86 38.36
C ILE C 239 12.65 -9.58 39.68
N THR C 240 11.51 -9.29 40.30
CA THR C 240 11.20 -9.82 41.63
C THR C 240 9.86 -10.55 41.66
N PHE C 241 9.88 -11.78 42.15
CA PHE C 241 8.69 -12.60 42.31
C PHE C 241 8.37 -12.76 43.80
N GLU C 242 7.13 -12.46 44.19
CA GLU C 242 6.65 -12.80 45.52
C GLU C 242 5.32 -13.53 45.41
N ALA C 243 5.15 -14.61 46.18
CA ALA C 243 3.88 -15.34 46.16
C ALA C 243 3.56 -16.05 47.47
N THR C 244 2.28 -16.04 47.83
CA THR C 244 1.75 -16.90 48.90
C THR C 244 1.05 -18.13 48.32
N GLY C 245 1.09 -18.27 47.00
CA GLY C 245 0.56 -19.44 46.31
C GLY C 245 0.38 -19.22 44.81
N ASN C 246 0.09 -20.30 44.09
CA ASN C 246 -0.38 -20.23 42.71
C ASN C 246 0.65 -19.79 41.66
N LEU C 247 1.88 -19.48 42.09
CA LEU C 247 2.96 -19.14 41.15
C LEU C 247 3.53 -20.40 40.49
N ILE C 248 3.62 -20.39 39.15
CA ILE C 248 4.42 -21.39 38.44
C ILE C 248 5.72 -20.70 38.08
N ALA C 249 6.79 -21.09 38.75
CA ALA C 249 7.99 -20.27 38.81
C ALA C 249 8.90 -20.46 37.61
N PRO C 250 9.62 -19.40 37.23
CA PRO C 250 10.65 -19.61 36.21
C PRO C 250 11.73 -20.54 36.74
N TRP C 251 12.13 -21.50 35.91
CA TRP C 251 13.23 -22.38 36.23
C TRP C 251 14.36 -22.06 35.25
N TYR C 252 14.07 -22.24 33.95
CA TYR C 252 14.97 -21.79 32.90
C TYR C 252 14.42 -20.56 32.19
N ALA C 253 15.34 -19.69 31.77
CA ALA C 253 15.01 -18.50 30.99
C ALA C 253 15.98 -18.40 29.84
N PHE C 254 15.82 -17.39 29.00
CA PHE C 254 16.60 -17.27 27.79
C PHE C 254 17.24 -15.91 27.70
N ALA C 255 18.55 -15.88 27.43
CA ALA C 255 19.24 -14.64 27.12
C ALA C 255 19.50 -14.58 25.63
N LEU C 256 19.27 -13.43 25.02
CA LEU C 256 19.26 -13.34 23.57
C LEU C 256 19.52 -11.92 23.07
N ASN C 257 19.89 -11.82 21.80
CA ASN C 257 19.86 -10.55 21.08
C ASN C 257 18.81 -10.67 19.99
N ARG C 258 17.70 -9.97 20.14
CA ARG C 258 16.63 -10.05 19.15
C ARG C 258 17.12 -9.48 17.85
N GLY C 259 16.76 -10.13 16.74
CA GLY C 259 16.97 -9.55 15.44
C GLY C 259 15.77 -8.72 15.04
N SER C 260 15.61 -8.47 13.74
CA SER C 260 14.45 -7.72 13.27
C SER C 260 14.12 -8.07 11.84
N GLY C 261 12.88 -7.76 11.45
CA GLY C 261 12.45 -7.86 10.08
C GLY C 261 12.35 -9.26 9.50
N SER C 262 12.45 -10.30 10.34
CA SER C 262 12.18 -11.65 9.86
C SER C 262 10.77 -12.08 10.25
N GLY C 263 10.48 -13.36 10.06
CA GLY C 263 9.14 -13.88 10.29
C GLY C 263 9.07 -15.38 10.42
N ILE C 264 7.83 -15.88 10.41
CA ILE C 264 7.56 -17.30 10.62
C ILE C 264 7.00 -17.94 9.35
N ILE C 265 7.60 -19.05 8.94
CA ILE C 265 7.10 -19.82 7.78
C ILE C 265 6.47 -21.13 8.25
N THR C 266 5.28 -21.43 7.72
CA THR C 266 4.64 -22.72 7.94
C THR C 266 4.77 -23.57 6.69
N SER C 267 5.59 -24.63 6.76
CA SER C 267 5.85 -25.48 5.60
C SER C 267 6.28 -26.88 6.02
N ASP C 268 5.91 -27.87 5.21
CA ASP C 268 6.35 -29.25 5.41
C ASP C 268 7.54 -29.61 4.51
N ALA C 269 8.02 -28.66 3.71
CA ALA C 269 9.17 -28.90 2.85
C ALA C 269 10.42 -29.13 3.68
N PRO C 270 11.30 -30.03 3.22
CA PRO C 270 12.50 -30.35 4.01
C PRO C 270 13.50 -29.19 4.07
N VAL C 271 14.08 -28.98 5.26
CA VAL C 271 15.14 -28.00 5.45
C VAL C 271 16.47 -28.57 4.96
N HIS C 272 17.26 -27.74 4.27
CA HIS C 272 18.56 -28.17 3.74
C HIS C 272 19.65 -27.13 3.95
N ASP C 273 20.87 -27.49 3.55
CA ASP C 273 22.04 -26.65 3.81
C ASP C 273 22.28 -25.64 2.69
N CYS C 274 21.34 -25.53 1.76
CA CYS C 274 21.46 -24.56 0.68
C CYS C 274 21.30 -23.12 1.18
N ASN C 275 21.75 -22.16 0.38
CA ASN C 275 21.60 -20.74 0.68
C ASN C 275 20.66 -20.09 -0.32
N THR C 276 19.89 -19.12 0.13
CA THR C 276 18.96 -18.42 -0.74
C THR C 276 18.82 -16.97 -0.30
N LYS C 277 18.44 -16.09 -1.21
CA LYS C 277 18.06 -14.75 -0.82
C LYS C 277 16.56 -14.57 -0.63
N CYS C 278 15.77 -15.53 -1.11
CA CYS C 278 14.32 -15.49 -0.99
C CYS C 278 13.71 -16.85 -0.67
N GLN C 279 13.04 -16.96 0.47
CA GLN C 279 12.36 -18.18 0.86
C GLN C 279 10.83 -18.09 0.79
N THR C 280 10.22 -19.10 0.17
CA THR C 280 8.77 -19.23 0.13
C THR C 280 8.39 -20.54 0.82
N PRO C 281 7.16 -20.64 1.32
CA PRO C 281 6.74 -21.88 1.97
C PRO C 281 6.84 -23.12 1.08
N HIS C 282 6.76 -22.93 -0.25
CA HIS C 282 6.91 -24.01 -1.21
C HIS C 282 8.36 -24.42 -1.42
N GLY C 283 9.27 -23.45 -1.29
CA GLY C 283 10.68 -23.68 -1.53
C GLY C 283 11.36 -22.34 -1.77
N ALA C 284 12.68 -22.36 -1.90
CA ALA C 284 13.45 -21.16 -2.22
C ALA C 284 13.40 -20.88 -3.73
N ILE C 285 13.56 -19.60 -4.10
CA ILE C 285 13.58 -19.19 -5.51
C ILE C 285 14.73 -18.22 -5.79
N ASN C 286 15.13 -18.09 -7.07
CA ASN C 286 16.11 -17.08 -7.46
C ASN C 286 15.50 -15.70 -7.23
N SER C 287 16.31 -14.78 -6.71
CA SER C 287 15.88 -13.42 -6.44
C SER C 287 16.26 -12.45 -7.58
N SER C 288 16.81 -12.97 -8.67
CA SER C 288 17.35 -12.11 -9.72
C SER C 288 16.29 -11.38 -10.54
N LEU C 289 15.22 -12.08 -10.89
CA LEU C 289 14.16 -11.48 -11.71
C LEU C 289 13.24 -10.57 -10.89
N PRO C 290 12.63 -9.57 -11.55
CA PRO C 290 11.77 -8.61 -10.84
C PRO C 290 10.45 -9.18 -10.35
N PHE C 291 9.96 -10.27 -10.95
CA PHE C 291 8.66 -10.81 -10.59
C PHE C 291 8.67 -12.33 -10.40
N GLN C 292 7.79 -12.81 -9.53
CA GLN C 292 7.63 -14.25 -9.24
C GLN C 292 6.18 -14.57 -8.94
N ASN C 293 5.67 -15.68 -9.48
CA ASN C 293 4.31 -16.15 -9.18
C ASN C 293 4.22 -17.33 -8.20
N ILE C 294 5.32 -17.67 -7.55
CA ILE C 294 5.36 -18.81 -6.63
C ILE C 294 4.47 -18.68 -5.39
N HIS C 295 4.51 -17.53 -4.73
CA HIS C 295 3.77 -17.37 -3.47
C HIS C 295 3.86 -15.92 -2.99
N PRO C 296 2.73 -15.35 -2.53
CA PRO C 296 2.70 -13.97 -2.06
C PRO C 296 3.38 -13.71 -0.70
N VAL C 297 3.43 -14.73 0.15
CA VAL C 297 3.97 -14.54 1.50
C VAL C 297 5.36 -15.16 1.60
N THR C 298 6.36 -14.28 1.65
CA THR C 298 7.75 -14.68 1.58
C THR C 298 8.62 -14.01 2.63
N ILE C 299 9.83 -14.53 2.79
CA ILE C 299 10.84 -13.92 3.63
C ILE C 299 12.14 -13.86 2.86
N GLY C 300 12.68 -12.65 2.69
CA GLY C 300 13.95 -12.47 2.05
C GLY C 300 14.00 -11.20 1.23
N GLU C 301 14.96 -11.15 0.32
CA GLU C 301 14.99 -10.11 -0.71
C GLU C 301 14.41 -10.77 -1.95
N CYS C 302 13.18 -10.39 -2.27
CA CYS C 302 12.33 -11.21 -3.12
C CYS C 302 11.81 -10.44 -4.31
N PRO C 303 11.63 -11.13 -5.45
CA PRO C 303 10.88 -10.53 -6.55
C PRO C 303 9.44 -10.24 -6.12
N LYS C 304 8.81 -9.24 -6.73
CA LYS C 304 7.44 -8.90 -6.40
C LYS C 304 6.52 -10.00 -6.88
N TYR C 305 5.55 -10.35 -6.03
CA TYR C 305 4.59 -11.39 -6.37
C TYR C 305 3.54 -10.85 -7.35
N VAL C 306 3.26 -11.62 -8.40
CA VAL C 306 2.24 -11.26 -9.38
C VAL C 306 1.37 -12.47 -9.77
N ARG C 307 0.20 -12.21 -10.35
CA ARG C 307 -0.71 -13.27 -10.80
C ARG C 307 -0.31 -13.84 -12.14
N SER C 308 0.61 -13.17 -12.83
CA SER C 308 1.01 -13.54 -14.18
C SER C 308 1.50 -14.98 -14.27
N THR C 309 1.07 -15.67 -15.32
CA THR C 309 1.69 -16.94 -15.70
C THR C 309 2.81 -16.77 -16.73
N LYS C 310 2.80 -15.66 -17.47
CA LYS C 310 3.86 -15.40 -18.46
C LYS C 310 4.22 -13.92 -18.58
N LEU C 311 5.49 -13.61 -18.37
CA LEU C 311 6.01 -12.29 -18.71
C LEU C 311 7.29 -12.49 -19.52
N ARG C 312 7.20 -12.28 -20.82
CA ARG C 312 8.32 -12.59 -21.70
C ARG C 312 8.60 -11.42 -22.61
N MET C 313 9.86 -11.02 -22.61
CA MET C 313 10.27 -9.81 -23.24
C MET C 313 11.03 -10.08 -24.54
N ALA C 314 10.54 -9.49 -25.62
CA ALA C 314 11.22 -9.57 -26.91
C ALA C 314 12.59 -8.88 -26.83
N THR C 315 13.61 -9.59 -27.29
CA THR C 315 14.95 -9.02 -27.47
C THR C 315 15.21 -8.96 -28.97
N GLY C 316 15.13 -10.13 -29.62
CA GLY C 316 15.27 -10.19 -31.06
C GLY C 316 14.04 -9.68 -31.78
N LEU C 317 13.91 -10.02 -33.07
CA LEU C 317 12.87 -9.43 -33.90
C LEU C 317 11.86 -10.45 -34.37
N ARG C 318 10.85 -9.97 -35.11
CA ARG C 318 9.80 -10.81 -35.67
C ARG C 318 10.45 -11.90 -36.50
N ASN C 319 10.11 -13.16 -36.21
CA ASN C 319 10.71 -14.29 -36.92
C ASN C 319 9.90 -14.68 -38.14
N ILE C 320 10.46 -14.42 -39.32
CA ILE C 320 9.76 -14.68 -40.57
C ILE C 320 10.60 -15.49 -41.56
N PRO C 321 10.74 -16.80 -41.30
CA PRO C 321 11.45 -17.69 -42.23
C PRO C 321 10.51 -18.22 -43.31
N GLY D 1 4.07 -3.27 -39.71
CA GLY D 1 5.18 -2.62 -38.97
C GLY D 1 5.08 -1.11 -39.04
N LEU D 2 5.49 -0.46 -37.96
CA LEU D 2 5.35 0.98 -37.82
C LEU D 2 6.19 1.73 -38.87
N PHE D 3 7.37 1.20 -39.16
CA PHE D 3 8.26 1.80 -40.14
C PHE D 3 8.25 1.11 -41.52
N GLY D 4 7.39 0.10 -41.70
CA GLY D 4 7.08 -0.40 -43.03
C GLY D 4 8.10 -1.31 -43.71
N ALA D 5 9.17 -1.69 -43.01
CA ALA D 5 10.19 -2.56 -43.59
C ALA D 5 9.96 -4.04 -43.26
N ILE D 6 10.08 -4.42 -41.99
CA ILE D 6 9.93 -5.81 -41.58
C ILE D 6 8.48 -6.25 -41.75
N ALA D 7 8.27 -7.35 -42.49
CA ALA D 7 6.93 -7.78 -42.93
C ALA D 7 6.27 -6.65 -43.70
N GLY D 8 7.12 -5.74 -44.17
CA GLY D 8 6.76 -4.59 -44.96
C GLY D 8 7.15 -4.82 -46.40
N PHE D 9 7.65 -3.77 -47.05
CA PHE D 9 8.14 -3.91 -48.41
C PHE D 9 9.31 -4.88 -48.48
N ILE D 10 9.90 -5.24 -47.34
CA ILE D 10 10.79 -6.39 -47.25
C ILE D 10 10.01 -7.49 -46.54
N GLU D 11 9.58 -8.50 -47.30
CA GLU D 11 8.52 -9.40 -46.87
C GLU D 11 8.94 -10.45 -45.84
N GLY D 12 10.21 -10.83 -45.83
CA GLY D 12 10.67 -11.91 -44.98
C GLY D 12 12.11 -11.78 -44.53
N GLY D 13 12.51 -12.68 -43.63
CA GLY D 13 13.84 -12.66 -43.06
C GLY D 13 14.74 -13.68 -43.71
N TRP D 14 16.02 -13.63 -43.36
CA TRP D 14 17.03 -14.50 -43.93
C TRP D 14 17.58 -15.48 -42.89
N THR D 15 17.21 -16.75 -43.02
CA THR D 15 17.79 -17.77 -42.17
C THR D 15 19.26 -17.98 -42.51
N GLY D 16 19.63 -17.57 -43.73
CA GLY D 16 20.99 -17.70 -44.21
C GLY D 16 22.02 -16.84 -43.50
N MET D 17 21.58 -15.71 -42.96
CA MET D 17 22.49 -14.80 -42.26
C MET D 17 22.53 -15.14 -40.78
N ILE D 18 23.62 -15.78 -40.35
CA ILE D 18 23.73 -16.27 -38.97
C ILE D 18 24.47 -15.34 -38.01
N ASP D 19 25.19 -14.36 -38.55
CA ASP D 19 26.12 -13.55 -37.74
C ASP D 19 25.58 -12.18 -37.33
N GLY D 20 24.32 -11.87 -37.64
CA GLY D 20 23.78 -10.57 -37.26
C GLY D 20 22.27 -10.42 -37.38
N TRP D 21 21.73 -9.36 -36.78
CA TRP D 21 20.29 -9.09 -36.83
C TRP D 21 19.89 -8.48 -38.17
N TYR D 22 20.67 -7.51 -38.64
CA TYR D 22 20.42 -6.86 -39.92
C TYR D 22 21.67 -6.96 -40.78
N GLY D 23 21.48 -7.07 -42.09
CA GLY D 23 22.62 -7.19 -42.99
C GLY D 23 22.26 -7.24 -44.46
N TYR D 24 23.21 -7.77 -45.24
CA TYR D 24 23.13 -7.73 -46.69
C TYR D 24 23.20 -9.10 -47.36
N HIS D 25 22.54 -9.21 -48.51
CA HIS D 25 22.78 -10.31 -49.42
C HIS D 25 23.26 -9.73 -50.75
N HIS D 26 24.41 -10.21 -51.22
CA HIS D 26 25.03 -9.71 -52.45
C HIS D 26 25.09 -10.78 -53.52
N GLN D 27 25.02 -10.35 -54.77
CA GLN D 27 25.15 -11.26 -55.91
C GLN D 27 26.02 -10.63 -56.99
N ASN D 28 27.11 -11.32 -57.34
CA ASN D 28 27.95 -10.90 -58.47
C ASN D 28 28.59 -12.11 -59.17
N GLU D 29 29.54 -11.85 -60.06
CA GLU D 29 30.16 -12.92 -60.85
C GLU D 29 31.03 -13.84 -60.00
N GLN D 30 31.54 -13.30 -58.89
CA GLN D 30 32.42 -14.06 -58.00
C GLN D 30 31.64 -15.01 -57.08
N GLY D 31 30.35 -14.74 -56.90
CA GLY D 31 29.52 -15.58 -56.07
C GLY D 31 28.43 -14.81 -55.35
N SER D 32 27.75 -15.50 -54.43
CA SER D 32 26.72 -14.87 -53.61
C SER D 32 27.00 -15.17 -52.15
N GLY D 33 26.35 -14.45 -51.26
CA GLY D 33 26.53 -14.70 -49.84
C GLY D 33 25.90 -13.64 -48.96
N TYR D 34 25.81 -13.99 -47.68
CA TYR D 34 25.23 -13.10 -46.68
C TYR D 34 26.34 -12.42 -45.89
N ALA D 35 26.12 -11.16 -45.57
CA ALA D 35 27.02 -10.41 -44.70
C ALA D 35 26.22 -9.54 -43.77
N ALA D 36 26.54 -9.64 -42.48
CA ALA D 36 25.82 -8.86 -41.48
C ALA D 36 26.43 -7.47 -41.33
N ASP D 37 25.58 -6.47 -41.14
CA ASP D 37 26.07 -5.14 -40.83
C ASP D 37 26.45 -5.09 -39.37
N GLN D 38 27.73 -4.86 -39.08
CA GLN D 38 28.23 -5.02 -37.71
C GLN D 38 27.89 -3.85 -36.82
N LYS D 39 27.90 -2.65 -37.40
CA LYS D 39 27.61 -1.46 -36.62
C LYS D 39 26.15 -1.41 -36.18
N SER D 40 25.23 -1.61 -37.12
CA SER D 40 23.82 -1.49 -36.82
C SER D 40 23.34 -2.64 -35.95
N THR D 41 23.93 -3.82 -36.12
CA THR D 41 23.61 -4.95 -35.28
C THR D 41 24.03 -4.67 -33.85
N GLN D 42 25.28 -4.23 -33.67
CA GLN D 42 25.81 -4.06 -32.33
C GLN D 42 25.13 -2.90 -31.60
N ASN D 43 24.73 -1.87 -32.35
CA ASN D 43 24.03 -0.75 -31.77
C ASN D 43 22.65 -1.18 -31.25
N ALA D 44 21.96 -2.00 -32.03
CA ALA D 44 20.66 -2.53 -31.63
C ALA D 44 20.81 -3.42 -30.40
N ILE D 45 21.85 -4.25 -30.42
CA ILE D 45 22.16 -5.13 -29.29
C ILE D 45 22.42 -4.36 -28.00
N ASP D 46 23.27 -3.35 -28.07
CA ASP D 46 23.57 -2.51 -26.92
C ASP D 46 22.29 -1.91 -26.37
N GLY D 47 21.41 -1.46 -27.26
CA GLY D 47 20.17 -0.83 -26.87
C GLY D 47 19.23 -1.79 -26.15
N ILE D 48 18.99 -2.95 -26.75
CA ILE D 48 18.08 -3.92 -26.16
C ILE D 48 18.67 -4.50 -24.87
N THR D 49 19.98 -4.68 -24.82
CA THR D 49 20.62 -5.14 -23.59
C THR D 49 20.36 -4.13 -22.47
N ASN D 50 20.47 -2.85 -22.79
CA ASN D 50 20.24 -1.79 -21.82
C ASN D 50 18.78 -1.73 -21.37
N LYS D 51 17.85 -1.99 -22.28
CA LYS D 51 16.44 -1.99 -21.96
C LYS D 51 16.12 -3.08 -20.95
N VAL D 52 16.55 -4.31 -21.26
CA VAL D 52 16.32 -5.45 -20.37
C VAL D 52 16.95 -5.24 -19.01
N ASN D 53 18.19 -4.78 -18.97
CA ASN D 53 18.86 -4.54 -17.70
C ASN D 53 18.16 -3.46 -16.87
N SER D 54 17.57 -2.48 -17.55
CA SER D 54 16.83 -1.42 -16.86
C SER D 54 15.59 -1.99 -16.18
N VAL D 55 14.84 -2.80 -16.90
CA VAL D 55 13.61 -3.39 -16.38
C VAL D 55 13.92 -4.29 -15.18
N ILE D 56 15.02 -5.02 -15.28
CA ILE D 56 15.40 -5.96 -14.21
C ILE D 56 16.04 -5.26 -13.02
N GLU D 57 17.02 -4.39 -13.28
CA GLU D 57 17.84 -3.84 -12.20
C GLU D 57 17.23 -2.63 -11.50
N LYS D 58 16.26 -1.98 -12.13
CA LYS D 58 15.61 -0.84 -11.46
C LYS D 58 14.75 -1.32 -10.29
N MET D 59 14.53 -2.62 -10.20
CA MET D 59 13.78 -3.16 -9.08
C MET D 59 14.74 -3.31 -7.92
N ASN D 60 14.52 -2.50 -6.90
CA ASN D 60 15.29 -2.56 -5.67
C ASN D 60 14.37 -3.04 -4.55
N THR D 61 14.83 -4.00 -3.75
CA THR D 61 13.99 -4.51 -2.66
C THR D 61 14.78 -4.70 -1.38
N GLN D 62 14.10 -4.51 -0.25
CA GLN D 62 14.66 -4.70 1.07
C GLN D 62 14.22 -6.05 1.63
N PHE D 63 15.06 -6.62 2.50
CA PHE D 63 14.71 -7.84 3.20
C PHE D 63 13.37 -7.63 3.87
N THR D 64 12.42 -8.51 3.58
CA THR D 64 11.07 -8.35 4.08
C THR D 64 10.46 -9.69 4.42
N ALA D 65 9.84 -9.75 5.58
CA ALA D 65 9.01 -10.87 5.95
C ALA D 65 7.59 -10.42 5.73
N VAL D 66 6.95 -10.96 4.69
CA VAL D 66 5.61 -10.52 4.32
C VAL D 66 4.56 -10.91 5.33
N GLY D 67 4.60 -12.16 5.80
CA GLY D 67 3.56 -12.70 6.67
C GLY D 67 3.47 -12.09 8.06
N LYS D 68 2.26 -12.08 8.59
CA LYS D 68 1.97 -11.59 9.93
C LYS D 68 0.90 -12.46 10.57
N GLU D 69 0.89 -12.52 11.90
CA GLU D 69 -0.02 -13.40 12.63
C GLU D 69 -0.91 -12.60 13.58
N PHE D 70 -2.21 -12.90 13.56
CA PHE D 70 -3.19 -12.18 14.36
C PHE D 70 -4.15 -13.14 15.03
N ASN D 71 -4.53 -12.85 16.27
CA ASN D 71 -5.50 -13.69 17.00
C ASN D 71 -6.93 -13.35 16.61
N ASN D 72 -7.90 -13.98 17.26
CA ASN D 72 -9.29 -13.91 16.82
C ASN D 72 -10.01 -12.63 17.28
N LEU D 73 -9.35 -11.79 18.07
CA LEU D 73 -9.83 -10.43 18.34
C LEU D 73 -9.10 -9.36 17.53
N GLU D 74 -8.24 -9.81 16.62
CA GLU D 74 -7.50 -8.96 15.70
C GLU D 74 -7.96 -8.97 14.23
N ARG D 75 -9.18 -9.45 13.98
CA ARG D 75 -9.69 -9.60 12.62
C ARG D 75 -9.57 -8.36 11.71
N ARG D 76 -9.71 -7.17 12.27
CA ARG D 76 -9.67 -5.96 11.47
C ARG D 76 -8.29 -5.68 10.91
N ILE D 77 -7.26 -5.76 11.75
CA ILE D 77 -5.91 -5.47 11.28
C ILE D 77 -5.39 -6.63 10.44
N GLU D 78 -5.92 -7.83 10.69
CA GLU D 78 -5.58 -8.97 9.83
C GLU D 78 -6.05 -8.69 8.40
N ASN D 79 -7.26 -8.12 8.27
CA ASN D 79 -7.80 -7.79 6.95
C ASN D 79 -7.16 -6.54 6.36
N LEU D 80 -6.70 -5.62 7.22
CA LEU D 80 -5.91 -4.47 6.75
C LEU D 80 -4.61 -4.99 6.12
N ASN D 81 -3.95 -5.92 6.81
CA ASN D 81 -2.74 -6.55 6.29
C ASN D 81 -3.02 -7.21 4.95
N LYS D 82 -4.15 -7.90 4.85
CA LYS D 82 -4.50 -8.59 3.62
C LYS D 82 -4.79 -7.58 2.50
N LYS D 83 -5.42 -6.47 2.85
CA LYS D 83 -5.72 -5.44 1.87
C LYS D 83 -4.43 -4.85 1.31
N VAL D 84 -3.42 -4.76 2.15
CA VAL D 84 -2.15 -4.24 1.70
C VAL D 84 -1.49 -5.22 0.75
N ASP D 85 -1.42 -6.49 1.15
CA ASP D 85 -0.77 -7.50 0.32
C ASP D 85 -1.44 -7.62 -1.05
N ASP D 86 -2.78 -7.67 -1.03
CA ASP D 86 -3.56 -7.81 -2.25
C ASP D 86 -3.45 -6.57 -3.13
N GLY D 87 -3.44 -5.41 -2.49
CA GLY D 87 -3.34 -4.15 -3.20
C GLY D 87 -2.04 -4.06 -3.95
N PHE D 88 -0.97 -4.55 -3.32
CA PHE D 88 0.34 -4.62 -3.97
C PHE D 88 0.30 -5.61 -5.14
N LEU D 89 -0.46 -6.70 -4.98
CA LEU D 89 -0.59 -7.72 -6.01
C LEU D 89 -1.27 -7.17 -7.26
N ASP D 90 -2.35 -6.43 -7.05
CA ASP D 90 -3.08 -5.83 -8.16
C ASP D 90 -2.21 -4.83 -8.93
N ILE D 91 -1.46 -4.00 -8.20
CA ILE D 91 -0.62 -2.99 -8.82
C ILE D 91 0.53 -3.58 -9.64
N TRP D 92 1.30 -4.49 -9.04
CA TRP D 92 2.47 -5.04 -9.73
C TRP D 92 2.08 -5.93 -10.89
N THR D 93 0.98 -6.66 -10.75
CA THR D 93 0.54 -7.54 -11.81
C THR D 93 0.14 -6.71 -13.02
N TYR D 94 -0.67 -5.68 -12.78
CA TYR D 94 -1.15 -4.82 -13.85
C TYR D 94 -0.01 -4.13 -14.56
N ASN D 95 0.87 -3.51 -13.78
CA ASN D 95 1.97 -2.74 -14.32
C ASN D 95 2.98 -3.61 -15.07
N ALA D 96 3.23 -4.80 -14.54
CA ALA D 96 4.17 -5.73 -15.16
C ALA D 96 3.62 -6.23 -16.49
N GLU D 97 2.35 -6.60 -16.49
CA GLU D 97 1.70 -7.07 -17.71
C GLU D 97 1.71 -6.00 -18.80
N LEU D 98 1.32 -4.77 -18.46
CA LEU D 98 1.27 -3.72 -19.46
C LEU D 98 2.68 -3.30 -19.87
N LEU D 99 3.62 -3.31 -18.94
CA LEU D 99 4.98 -2.90 -19.26
C LEU D 99 5.55 -3.79 -20.36
N VAL D 100 5.30 -5.09 -20.27
CA VAL D 100 5.84 -6.05 -21.23
C VAL D 100 5.15 -5.94 -22.59
N LEU D 101 3.83 -5.84 -22.59
CA LEU D 101 3.07 -5.64 -23.83
C LEU D 101 3.51 -4.39 -24.58
N LEU D 102 3.60 -3.28 -23.86
CA LEU D 102 3.94 -2.00 -24.46
C LEU D 102 5.36 -1.98 -24.98
N GLU D 103 6.30 -2.48 -24.18
CA GLU D 103 7.71 -2.46 -24.54
C GLU D 103 8.07 -3.50 -25.58
N ASN D 104 7.27 -4.56 -25.67
CA ASN D 104 7.48 -5.52 -26.75
C ASN D 104 7.15 -4.85 -28.08
N GLU D 105 6.07 -4.08 -28.09
CA GLU D 105 5.68 -3.33 -29.29
C GLU D 105 6.81 -2.40 -29.70
N ARG D 106 7.37 -1.69 -28.72
CA ARG D 106 8.44 -0.75 -28.98
C ARG D 106 9.71 -1.44 -29.46
N THR D 107 10.01 -2.62 -28.94
CA THR D 107 11.20 -3.34 -29.38
C THR D 107 11.06 -3.73 -30.86
N LEU D 108 9.88 -4.21 -31.23
CA LEU D 108 9.64 -4.60 -32.61
C LEU D 108 9.68 -3.38 -33.54
N ASP D 109 9.16 -2.25 -33.07
CA ASP D 109 9.23 -1.00 -33.81
C ASP D 109 10.70 -0.58 -33.97
N PHE D 110 11.50 -0.87 -32.96
CA PHE D 110 12.91 -0.52 -32.95
C PHE D 110 13.64 -1.27 -34.06
N HIS D 111 13.33 -2.56 -34.17
CA HIS D 111 13.94 -3.41 -35.17
C HIS D 111 13.51 -3.00 -36.59
N ASP D 112 12.22 -2.73 -36.74
CA ASP D 112 11.67 -2.28 -38.01
C ASP D 112 12.36 -1.00 -38.47
N SER D 113 12.49 -0.05 -37.54
CA SER D 113 13.13 1.23 -37.81
C SER D 113 14.58 1.09 -38.25
N ASN D 114 15.31 0.21 -37.58
CA ASN D 114 16.72 -0.01 -37.86
C ASN D 114 16.94 -0.57 -39.27
N VAL D 115 16.08 -1.51 -39.66
CA VAL D 115 16.13 -2.08 -40.99
C VAL D 115 15.91 -1.00 -42.03
N ARG D 116 14.92 -0.15 -41.80
CA ARG D 116 14.61 0.92 -42.74
C ARG D 116 15.75 1.91 -42.85
N ASN D 117 16.32 2.30 -41.72
CA ASN D 117 17.41 3.26 -41.70
C ASN D 117 18.61 2.72 -42.48
N LEU D 118 18.87 1.42 -42.36
CA LEU D 118 19.97 0.82 -43.06
C LEU D 118 19.69 0.83 -44.57
N TYR D 119 18.46 0.52 -44.95
CA TYR D 119 18.06 0.50 -46.35
C TYR D 119 18.23 1.85 -47.01
N GLU D 120 17.77 2.90 -46.35
CA GLU D 120 17.81 4.23 -46.92
C GLU D 120 19.21 4.83 -46.87
N LYS D 121 20.06 4.27 -46.03
CA LYS D 121 21.46 4.68 -45.96
C LYS D 121 22.18 4.21 -47.20
N VAL D 122 21.92 2.96 -47.55
CA VAL D 122 22.47 2.35 -48.76
C VAL D 122 21.91 3.05 -49.99
N LYS D 123 20.61 3.32 -49.96
CA LYS D 123 19.93 3.96 -51.08
C LYS D 123 20.51 5.33 -51.36
N SER D 124 20.78 6.09 -50.31
CA SER D 124 21.28 7.46 -50.48
C SER D 124 22.71 7.52 -50.99
N GLN D 125 23.53 6.52 -50.68
CA GLN D 125 24.90 6.51 -51.20
C GLN D 125 24.93 6.00 -52.66
N LEU D 126 24.10 5.02 -52.99
CA LEU D 126 24.11 4.46 -54.35
C LEU D 126 23.44 5.41 -55.35
N LYS D 127 22.39 6.10 -54.92
CA LYS D 127 21.67 7.05 -55.77
C LYS D 127 21.21 6.40 -57.08
N ASN D 128 21.56 6.99 -58.23
CA ASN D 128 21.08 6.48 -59.53
C ASN D 128 22.05 5.50 -60.20
N ASN D 129 23.14 5.15 -59.53
CA ASN D 129 24.06 4.12 -60.02
C ASN D 129 23.46 2.73 -59.90
N ALA D 130 22.27 2.65 -59.31
CA ALA D 130 21.55 1.39 -59.17
C ALA D 130 20.04 1.62 -59.31
N LYS D 131 19.31 0.54 -59.57
CA LYS D 131 17.86 0.57 -59.73
C LYS D 131 17.22 0.03 -58.47
N GLU D 132 16.10 0.64 -58.07
CA GLU D 132 15.39 0.18 -56.88
C GLU D 132 14.37 -0.87 -57.31
N ILE D 133 14.67 -2.13 -56.99
CA ILE D 133 13.84 -3.25 -57.38
C ILE D 133 12.61 -3.42 -56.50
N GLY D 134 12.80 -3.19 -55.21
CA GLY D 134 11.81 -3.51 -54.21
C GLY D 134 12.26 -4.74 -53.43
N ASN D 135 11.58 -5.03 -52.33
CA ASN D 135 11.95 -6.14 -51.45
C ASN D 135 13.36 -5.92 -50.90
N GLY D 136 13.82 -4.67 -50.94
CA GLY D 136 15.09 -4.29 -50.36
C GLY D 136 16.33 -4.41 -51.23
N CYS D 137 16.16 -4.73 -52.52
CA CYS D 137 17.32 -4.99 -53.39
C CYS D 137 17.61 -3.85 -54.36
N PHE D 138 18.90 -3.61 -54.56
CA PHE D 138 19.37 -2.65 -55.54
C PHE D 138 20.10 -3.37 -56.67
N GLU D 139 19.69 -3.10 -57.90
CA GLU D 139 20.35 -3.68 -59.07
C GLU D 139 21.26 -2.65 -59.72
N PHE D 140 22.56 -2.94 -59.68
CA PHE D 140 23.59 -2.01 -60.14
C PHE D 140 23.61 -1.77 -61.65
N TYR D 141 23.91 -0.52 -62.00
CA TYR D 141 24.09 -0.10 -63.39
C TYR D 141 25.55 -0.22 -63.84
N HIS D 142 26.38 -0.76 -62.97
CA HIS D 142 27.78 -1.01 -63.27
C HIS D 142 28.21 -2.32 -62.64
N LYS D 143 29.46 -2.70 -62.85
CA LYS D 143 29.97 -3.94 -62.31
C LYS D 143 30.45 -3.71 -60.89
N CYS D 144 30.03 -4.59 -59.98
CA CYS D 144 30.41 -4.48 -58.57
C CYS D 144 31.01 -5.80 -58.11
N ASP D 145 32.31 -5.78 -57.83
CA ASP D 145 33.04 -6.95 -57.37
C ASP D 145 32.99 -7.05 -55.85
N ASP D 146 33.69 -8.03 -55.29
CA ASP D 146 33.70 -8.23 -53.84
C ASP D 146 34.23 -6.97 -53.14
N ALA D 147 35.22 -6.34 -53.74
CA ALA D 147 35.78 -5.12 -53.19
C ALA D 147 34.78 -3.97 -53.24
N CYS D 148 33.98 -3.92 -54.30
CA CYS D 148 32.96 -2.91 -54.45
C CYS D 148 31.80 -3.08 -53.47
N MET D 149 31.34 -4.33 -53.31
CA MET D 149 30.24 -4.61 -52.40
C MET D 149 30.60 -4.24 -50.96
N GLU D 150 31.84 -4.51 -50.57
CA GLU D 150 32.26 -4.24 -49.19
C GLU D 150 32.22 -2.74 -48.91
N SER D 151 32.51 -1.93 -49.93
CA SER D 151 32.47 -0.48 -49.76
C SER D 151 31.04 -0.02 -49.50
N VAL D 152 30.08 -0.71 -50.11
CA VAL D 152 28.66 -0.39 -49.90
C VAL D 152 28.25 -0.75 -48.47
N ARG D 153 28.68 -1.93 -48.02
CA ARG D 153 28.37 -2.39 -46.67
C ARG D 153 29.08 -1.53 -45.62
N ASN D 154 30.24 -1.00 -45.99
CA ASN D 154 31.05 -0.19 -45.08
C ASN D 154 30.63 1.28 -45.10
N GLY D 155 29.76 1.64 -46.04
CA GLY D 155 29.31 3.02 -46.18
C GLY D 155 30.33 3.96 -46.80
N THR D 156 31.42 3.38 -47.31
CA THR D 156 32.50 4.15 -47.95
C THR D 156 32.38 4.19 -49.47
N TYR D 157 31.27 3.65 -49.99
CA TYR D 157 31.07 3.47 -51.43
C TYR D 157 31.33 4.72 -52.27
N ASP D 158 32.01 4.53 -53.40
CA ASP D 158 32.45 5.63 -54.25
C ASP D 158 31.54 5.80 -55.46
N TYR D 159 30.69 6.82 -55.41
CA TYR D 159 29.70 7.06 -56.46
C TYR D 159 30.28 7.60 -57.76
N PRO D 160 31.07 8.70 -57.70
CA PRO D 160 31.56 9.25 -58.96
C PRO D 160 32.46 8.30 -59.73
N LYS D 161 33.02 7.31 -59.04
CA LYS D 161 33.92 6.35 -59.67
C LYS D 161 33.16 5.51 -60.70
N TYR D 162 31.82 5.53 -60.62
CA TYR D 162 30.99 4.81 -61.58
C TYR D 162 29.96 5.69 -62.28
N SER D 163 30.14 5.91 -63.58
CA SER D 163 29.07 6.47 -64.41
C SER D 163 28.77 5.51 -65.56
N GLU D 164 27.65 4.80 -65.48
CA GLU D 164 27.23 3.90 -66.55
C GLU D 164 25.72 3.70 -66.49
N ASP E 1 -6.84 12.39 -64.65
CA ASP E 1 -6.99 11.09 -63.95
C ASP E 1 -6.08 11.02 -62.72
N THR E 2 -6.69 10.96 -61.53
CA THR E 2 -5.95 11.02 -60.26
C THR E 2 -6.45 9.98 -59.26
N ILE E 3 -5.54 9.45 -58.44
CA ILE E 3 -5.92 8.66 -57.27
C ILE E 3 -5.22 9.25 -56.03
N CYS E 4 -5.97 9.33 -54.93
CA CYS E 4 -5.50 9.97 -53.70
C CYS E 4 -5.55 9.02 -52.52
N ILE E 5 -4.58 9.15 -51.62
CA ILE E 5 -4.56 8.41 -50.37
C ILE E 5 -5.02 9.34 -49.25
N GLY E 6 -5.95 8.86 -48.43
CA GLY E 6 -6.50 9.68 -47.37
C GLY E 6 -7.07 8.87 -46.23
N TYR E 7 -7.68 9.56 -45.27
CA TYR E 7 -8.17 8.93 -44.06
C TYR E 7 -9.55 9.44 -43.67
N HIS E 8 -10.22 8.67 -42.82
CA HIS E 8 -11.61 8.89 -42.44
C HIS E 8 -11.82 10.17 -41.64
N ALA E 9 -12.98 10.77 -41.82
CA ALA E 9 -13.43 11.89 -40.99
C ALA E 9 -14.93 11.74 -40.75
N ASN E 10 -15.43 12.33 -39.67
CA ASN E 10 -16.86 12.31 -39.40
C ASN E 10 -17.27 13.50 -38.52
N ASN E 11 -18.51 13.48 -38.04
CA ASN E 11 -19.04 14.60 -37.27
C ASN E 11 -18.83 14.43 -35.75
N SER E 12 -18.10 13.39 -35.36
CA SER E 12 -17.84 13.11 -33.94
C SER E 12 -17.10 14.25 -33.25
N THR E 13 -17.62 14.66 -32.09
CA THR E 13 -17.00 15.69 -31.27
C THR E 13 -16.20 15.15 -30.07
N ASP E 14 -16.09 13.82 -29.96
CA ASP E 14 -15.33 13.20 -28.88
C ASP E 14 -13.93 13.78 -28.79
N THR E 15 -13.48 14.11 -27.57
CA THR E 15 -12.12 14.58 -27.34
C THR E 15 -11.35 13.68 -26.39
N VAL E 16 -10.04 13.56 -26.62
CA VAL E 16 -9.14 12.88 -25.70
C VAL E 16 -7.94 13.78 -25.41
N ASP E 17 -7.22 13.47 -24.34
CA ASP E 17 -5.96 14.14 -24.03
C ASP E 17 -4.80 13.25 -24.42
N THR E 18 -3.72 13.86 -24.87
CA THR E 18 -2.49 13.14 -25.17
C THR E 18 -1.36 13.84 -24.45
N VAL E 19 -0.22 13.18 -24.31
CA VAL E 19 0.88 13.74 -23.55
C VAL E 19 1.40 15.04 -24.17
N LEU E 20 1.37 15.12 -25.50
CA LEU E 20 1.80 16.33 -26.20
C LEU E 20 0.70 17.39 -26.34
N GLU E 21 -0.56 16.97 -26.34
CA GLU E 21 -1.64 17.91 -26.63
C GLU E 21 -2.96 17.61 -25.91
N LYS E 22 -3.57 18.65 -25.34
CA LYS E 22 -4.90 18.54 -24.74
C LYS E 22 -6.05 18.67 -25.77
N ASN E 23 -7.19 18.05 -25.45
CA ASN E 23 -8.45 18.28 -26.16
C ASN E 23 -8.39 18.02 -27.66
N VAL E 24 -7.92 16.83 -28.04
CA VAL E 24 -7.86 16.43 -29.44
C VAL E 24 -9.13 15.70 -29.87
N THR E 25 -9.77 16.20 -30.91
CA THR E 25 -10.98 15.58 -31.44
C THR E 25 -10.64 14.36 -32.30
N VAL E 26 -11.30 13.25 -31.99
CA VAL E 26 -11.06 11.98 -32.68
C VAL E 26 -12.35 11.41 -33.23
N THR E 27 -12.22 10.48 -34.18
CA THR E 27 -13.37 9.92 -34.88
C THR E 27 -14.09 8.88 -34.04
N HIS E 28 -13.33 8.13 -33.26
CA HIS E 28 -13.86 7.09 -32.38
C HIS E 28 -13.06 7.02 -31.07
N SER E 29 -13.73 6.69 -29.98
CA SER E 29 -13.06 6.54 -28.68
C SER E 29 -13.86 5.62 -27.75
N VAL E 30 -13.21 5.17 -26.67
CA VAL E 30 -13.89 4.39 -25.63
C VAL E 30 -13.58 4.86 -24.22
N ASN E 31 -14.55 4.67 -23.33
CA ASN E 31 -14.40 5.07 -21.95
C ASN E 31 -13.78 3.94 -21.11
N LEU E 32 -12.71 4.25 -20.38
CA LEU E 32 -12.08 3.30 -19.45
C LEU E 32 -12.51 3.48 -17.99
N LEU E 33 -13.32 4.50 -17.76
CA LEU E 33 -13.67 4.92 -16.42
C LEU E 33 -15.15 4.69 -16.18
N GLU E 34 -15.50 3.86 -15.20
CA GLU E 34 -16.90 3.64 -14.91
C GLU E 34 -17.39 4.83 -14.10
N ASP E 35 -18.24 5.63 -14.74
CA ASP E 35 -18.74 6.89 -14.17
C ASP E 35 -20.20 6.89 -13.70
N SER E 36 -20.88 5.75 -13.74
CA SER E 36 -22.28 5.70 -13.30
C SER E 36 -22.62 4.51 -12.40
N HIS E 37 -23.72 4.63 -11.66
CA HIS E 37 -24.18 3.59 -10.77
C HIS E 37 -25.71 3.50 -10.82
N ASN E 38 -26.27 2.42 -10.28
CA ASN E 38 -27.71 2.18 -10.42
C ASN E 38 -28.57 2.65 -9.23
N GLY E 39 -27.97 3.32 -8.26
CA GLY E 39 -28.73 3.91 -7.18
C GLY E 39 -29.42 2.92 -6.24
N LYS E 40 -29.03 1.64 -6.29
CA LYS E 40 -29.64 0.60 -5.48
C LYS E 40 -28.58 -0.18 -4.67
N LEU E 41 -28.98 -0.75 -3.55
CA LEU E 41 -28.13 -1.72 -2.85
C LEU E 41 -28.55 -3.12 -3.30
N CYS E 42 -27.62 -3.88 -3.87
CA CYS E 42 -27.94 -5.17 -4.51
C CYS E 42 -27.34 -6.39 -3.80
N LYS E 43 -27.63 -7.56 -4.36
CA LYS E 43 -27.06 -8.80 -3.85
C LYS E 43 -25.59 -8.96 -4.27
N LEU E 44 -24.76 -9.37 -3.32
CA LEU E 44 -23.38 -9.77 -3.59
C LEU E 44 -23.30 -11.31 -3.50
N LYS E 45 -22.71 -11.93 -4.51
CA LYS E 45 -22.65 -13.40 -4.60
C LYS E 45 -24.02 -14.06 -4.48
N GLY E 46 -25.02 -13.45 -5.09
CA GLY E 46 -26.35 -14.05 -5.13
C GLY E 46 -27.10 -13.95 -3.82
N ILE E 47 -26.56 -13.21 -2.86
CA ILE E 47 -27.16 -13.12 -1.53
C ILE E 47 -27.44 -11.67 -1.15
N ALA E 48 -28.63 -11.43 -0.61
CA ALA E 48 -29.05 -10.10 -0.16
C ALA E 48 -28.30 -9.68 1.10
N PRO E 49 -28.15 -8.36 1.33
CA PRO E 49 -27.52 -7.84 2.54
C PRO E 49 -28.45 -7.89 3.75
N LEU E 50 -27.86 -7.86 4.94
CA LEU E 50 -28.63 -7.66 6.16
C LEU E 50 -29.04 -6.18 6.28
N GLN E 51 -30.33 -5.92 6.48
CA GLN E 51 -30.85 -4.57 6.72
C GLN E 51 -31.28 -4.39 8.16
N LEU E 52 -30.72 -3.41 8.85
CA LEU E 52 -31.04 -3.23 10.27
C LEU E 52 -32.03 -2.10 10.58
N GLY E 53 -32.42 -1.32 9.56
CA GLY E 53 -33.44 -0.29 9.76
C GLY E 53 -33.09 0.74 10.81
N LYS E 54 -33.95 0.88 11.82
CA LYS E 54 -33.75 1.84 12.91
C LYS E 54 -32.57 1.50 13.81
N CYS E 55 -32.10 0.28 13.71
CA CYS E 55 -31.16 -0.25 14.68
C CYS E 55 -29.77 -0.40 14.07
N ASN E 56 -28.75 -0.31 14.91
CA ASN E 56 -27.41 -0.68 14.53
C ASN E 56 -27.16 -2.12 14.95
N ILE E 57 -25.96 -2.62 14.72
CA ILE E 57 -25.68 -4.03 14.96
C ILE E 57 -25.85 -4.40 16.44
N ALA E 58 -25.41 -3.52 17.33
CA ALA E 58 -25.54 -3.76 18.76
C ALA E 58 -27.02 -3.91 19.16
N GLY E 59 -27.87 -3.02 18.66
CA GLY E 59 -29.29 -3.06 18.97
C GLY E 59 -29.95 -4.34 18.49
N TRP E 60 -29.56 -4.77 17.28
CA TRP E 60 -30.10 -5.98 16.69
C TRP E 60 -29.70 -7.23 17.50
N LEU E 61 -28.44 -7.34 17.86
CA LEU E 61 -27.95 -8.52 18.57
C LEU E 61 -28.53 -8.60 19.99
N LEU E 62 -28.59 -7.46 20.67
CA LEU E 62 -29.08 -7.43 22.05
C LEU E 62 -30.60 -7.55 22.08
N GLY E 63 -31.25 -7.26 20.95
CA GLY E 63 -32.70 -7.22 20.90
C GLY E 63 -33.27 -5.93 21.49
N ASN E 64 -32.69 -4.80 21.08
CA ASN E 64 -33.27 -3.49 21.39
C ASN E 64 -34.75 -3.51 20.99
N PRO E 65 -35.65 -3.09 21.89
CA PRO E 65 -37.08 -3.21 21.58
C PRO E 65 -37.51 -2.53 20.26
N GLU E 66 -36.73 -1.60 19.75
CA GLU E 66 -37.05 -0.91 18.49
C GLU E 66 -36.74 -1.78 17.27
N CYS E 67 -36.07 -2.91 17.49
CA CYS E 67 -35.65 -3.82 16.41
C CYS E 67 -36.62 -5.00 16.19
N ASP E 68 -37.75 -5.01 16.90
CA ASP E 68 -38.71 -6.12 16.87
C ASP E 68 -39.22 -6.54 15.48
N LEU E 69 -39.38 -5.57 14.59
CA LEU E 69 -40.05 -5.84 13.30
C LEU E 69 -39.08 -6.06 12.15
N LEU E 70 -37.78 -6.08 12.45
CA LEU E 70 -36.77 -6.45 11.47
C LEU E 70 -36.94 -7.89 11.01
N LEU E 71 -36.77 -8.13 9.71
CA LEU E 71 -36.79 -9.50 9.18
C LEU E 71 -35.37 -9.91 8.80
N THR E 72 -34.82 -10.83 9.59
CA THR E 72 -33.47 -11.38 9.36
C THR E 72 -33.46 -12.71 8.61
N ALA E 73 -32.68 -12.76 7.53
CA ALA E 73 -32.47 -14.01 6.79
C ALA E 73 -31.45 -14.91 7.48
N SER E 74 -31.26 -16.11 6.96
CA SER E 74 -30.32 -17.07 7.54
C SER E 74 -28.92 -16.83 6.97
N SER E 75 -28.83 -15.98 5.96
CA SER E 75 -27.53 -15.62 5.38
C SER E 75 -27.54 -14.21 4.83
N TRP E 76 -26.36 -13.59 4.79
CA TRP E 76 -26.19 -12.31 4.14
C TRP E 76 -24.75 -12.15 3.64
N SER E 77 -24.62 -11.45 2.52
CA SER E 77 -23.30 -11.21 1.93
C SER E 77 -22.60 -9.97 2.51
N TYR E 78 -23.38 -9.03 3.04
CA TYR E 78 -22.85 -7.88 3.77
C TYR E 78 -23.96 -7.26 4.61
N ILE E 79 -23.62 -6.23 5.38
CA ILE E 79 -24.56 -5.60 6.31
C ILE E 79 -24.75 -4.13 5.96
N VAL E 80 -26.00 -3.69 5.99
CA VAL E 80 -26.36 -2.30 5.72
C VAL E 80 -26.89 -1.59 6.95
N GLU E 81 -26.22 -0.50 7.31
CA GLU E 81 -26.73 0.43 8.29
C GLU E 81 -27.12 1.69 7.52
N THR E 82 -28.09 2.42 8.05
CA THR E 82 -28.56 3.64 7.42
C THR E 82 -28.20 4.82 8.28
N SER E 83 -28.56 6.01 7.84
CA SER E 83 -28.42 7.20 8.67
C SER E 83 -29.52 7.16 9.73
N ASN E 84 -30.47 6.23 9.57
CA ASN E 84 -31.54 6.02 10.54
C ASN E 84 -31.20 4.98 11.62
N SER E 85 -29.97 4.44 11.65
CA SER E 85 -29.72 3.40 12.66
C SER E 85 -29.22 4.04 13.94
N GLU E 86 -30.16 4.38 14.82
CA GLU E 86 -29.83 5.04 16.06
C GLU E 86 -29.95 4.12 17.26
N ASN E 87 -30.66 3.01 17.11
CA ASN E 87 -31.10 2.28 18.30
C ASN E 87 -30.16 1.11 18.56
N GLY E 88 -29.32 1.39 19.56
CA GLY E 88 -28.19 0.60 19.99
C GLY E 88 -28.38 -0.01 21.36
N THR E 89 -27.32 0.15 22.13
CA THR E 89 -27.40 -0.13 23.54
C THR E 89 -28.16 1.03 24.21
N CYS E 90 -29.38 0.76 24.63
CA CYS E 90 -30.24 1.79 25.17
C CYS E 90 -29.94 2.00 26.65
N TYR E 91 -29.32 0.99 27.27
CA TYR E 91 -28.78 1.12 28.61
C TYR E 91 -27.32 1.55 28.49
N PRO E 92 -26.97 2.72 29.01
CA PRO E 92 -25.62 3.26 28.78
C PRO E 92 -24.50 2.33 29.29
N GLY E 93 -23.39 2.30 28.56
CA GLY E 93 -22.25 1.48 28.94
C GLY E 93 -21.38 1.13 27.75
N ASP E 94 -20.39 0.27 27.97
CA ASP E 94 -19.42 -0.08 26.93
C ASP E 94 -19.71 -1.45 26.31
N PHE E 95 -19.65 -1.49 24.99
CA PHE E 95 -19.73 -2.75 24.26
C PHE E 95 -18.30 -3.16 23.87
N ILE E 96 -17.79 -4.20 24.53
CA ILE E 96 -16.40 -4.58 24.40
C ILE E 96 -16.10 -5.26 23.07
N ASP E 97 -15.00 -4.86 22.44
CA ASP E 97 -14.56 -5.40 21.15
C ASP E 97 -15.68 -5.34 20.12
N TYR E 98 -16.39 -4.21 20.11
CA TYR E 98 -17.58 -4.03 19.29
C TYR E 98 -17.25 -3.98 17.80
N GLU E 99 -16.22 -3.22 17.43
CA GLU E 99 -15.84 -3.11 16.03
C GLU E 99 -15.45 -4.48 15.49
N GLU E 100 -14.75 -5.26 16.32
CA GLU E 100 -14.34 -6.62 15.95
C GLU E 100 -15.54 -7.50 15.65
N LEU E 101 -16.52 -7.46 16.53
CA LEU E 101 -17.71 -8.30 16.35
C LEU E 101 -18.44 -7.93 15.07
N ARG E 102 -18.57 -6.64 14.81
CA ARG E 102 -19.20 -6.14 13.58
C ARG E 102 -18.52 -6.69 12.34
N GLU E 103 -17.19 -6.67 12.37
CA GLU E 103 -16.37 -7.14 11.27
C GLU E 103 -16.58 -8.63 11.05
N GLN E 104 -16.54 -9.39 12.14
CA GLN E 104 -16.61 -10.85 12.08
C GLN E 104 -18.01 -11.36 11.73
N LEU E 105 -19.02 -10.49 11.86
CA LEU E 105 -20.37 -10.86 11.47
C LEU E 105 -20.77 -10.35 10.07
N SER E 106 -19.85 -9.70 9.37
CA SER E 106 -20.22 -8.97 8.15
C SER E 106 -20.82 -9.90 7.07
N SER E 107 -20.44 -11.18 7.07
CA SER E 107 -21.13 -12.18 6.25
C SER E 107 -21.22 -13.54 6.97
N VAL E 108 -22.39 -14.16 6.88
CA VAL E 108 -22.66 -15.46 7.51
C VAL E 108 -23.53 -16.31 6.56
N SER E 109 -23.38 -17.64 6.56
CA SER E 109 -24.22 -18.48 5.69
C SER E 109 -25.37 -19.30 6.28
N SER E 110 -25.37 -19.61 7.57
CA SER E 110 -26.58 -20.19 8.15
C SER E 110 -26.78 -19.68 9.57
N PHE E 111 -27.63 -18.67 9.69
CA PHE E 111 -27.77 -17.91 10.91
C PHE E 111 -29.12 -18.19 11.53
N GLU E 112 -29.10 -18.52 12.82
CA GLU E 112 -30.34 -18.79 13.55
C GLU E 112 -30.24 -18.27 14.97
N LYS E 113 -31.29 -17.60 15.42
CA LYS E 113 -31.40 -17.27 16.82
C LYS E 113 -32.08 -18.44 17.51
N PHE E 114 -31.62 -18.77 18.72
CA PHE E 114 -32.26 -19.83 19.50
C PHE E 114 -32.20 -19.48 20.98
N GLU E 115 -33.03 -20.15 21.77
CA GLU E 115 -33.14 -19.85 23.19
C GLU E 115 -32.11 -20.69 23.92
N ILE E 116 -31.07 -20.04 24.43
CA ILE E 116 -29.95 -20.76 25.04
C ILE E 116 -30.29 -21.11 26.50
N PHE E 117 -30.85 -20.15 27.23
CA PHE E 117 -31.29 -20.35 28.62
C PHE E 117 -32.76 -19.94 28.73
N PRO E 118 -33.70 -20.90 28.59
CA PRO E 118 -35.14 -20.60 28.57
C PRO E 118 -35.62 -19.82 29.80
N LYS E 119 -36.34 -18.72 29.56
CA LYS E 119 -36.79 -17.85 30.65
C LYS E 119 -37.62 -18.58 31.71
N THR E 120 -38.49 -19.49 31.29
CA THR E 120 -39.45 -20.09 32.21
C THR E 120 -38.81 -21.08 33.19
N SER E 121 -37.88 -21.91 32.72
CA SER E 121 -37.28 -22.92 33.59
C SER E 121 -35.90 -22.58 34.15
N SER E 122 -35.29 -21.49 33.70
CA SER E 122 -33.88 -21.26 34.06
C SER E 122 -33.67 -20.58 35.40
N TRP E 123 -34.59 -19.71 35.83
CA TRP E 123 -34.34 -18.87 37.00
C TRP E 123 -35.49 -18.86 38.01
N PRO E 124 -35.74 -19.99 38.69
CA PRO E 124 -36.89 -20.02 39.62
C PRO E 124 -36.71 -19.11 40.85
N ASN E 125 -35.47 -18.96 41.29
CA ASN E 125 -35.14 -18.15 42.48
C ASN E 125 -34.61 -16.74 42.22
N HIS E 126 -34.68 -16.28 40.98
CA HIS E 126 -34.34 -14.89 40.67
C HIS E 126 -35.50 -14.24 39.92
N GLU E 127 -35.67 -12.92 40.07
CA GLU E 127 -36.65 -12.16 39.28
C GLU E 127 -36.08 -11.87 37.91
N THR E 128 -36.86 -12.18 36.88
CA THR E 128 -36.47 -11.91 35.50
C THR E 128 -37.15 -10.70 34.84
N THR E 129 -37.99 -9.99 35.57
CA THR E 129 -38.90 -9.04 34.93
C THR E 129 -38.39 -7.60 34.81
N GLY E 130 -37.16 -7.35 35.24
CA GLY E 130 -36.62 -6.00 35.31
C GLY E 130 -36.65 -5.23 34.00
N VAL E 131 -37.09 -3.98 34.06
CA VAL E 131 -37.09 -3.09 32.90
C VAL E 131 -36.52 -1.73 33.26
N THR E 132 -36.45 -0.85 32.28
CA THR E 132 -35.97 0.51 32.50
C THR E 132 -36.60 1.47 31.50
N ALA E 133 -36.74 2.72 31.91
CA ALA E 133 -37.21 3.77 31.03
C ALA E 133 -36.15 4.05 29.97
N ALA E 134 -34.90 3.72 30.27
CA ALA E 134 -33.80 3.94 29.33
C ALA E 134 -33.99 3.05 28.08
N CYS E 135 -34.61 1.89 28.25
CA CYS E 135 -34.99 1.08 27.08
C CYS E 135 -36.50 1.04 26.98
N SER E 136 -37.05 1.86 26.09
CA SER E 136 -38.48 2.05 26.04
C SER E 136 -39.07 1.45 24.80
N TYR E 137 -40.26 0.92 24.99
CA TYR E 137 -41.05 0.33 23.94
C TYR E 137 -42.34 1.12 23.91
N ALA E 138 -42.50 1.91 22.86
CA ALA E 138 -43.70 2.72 22.66
C ALA E 138 -44.00 3.56 23.90
N GLY E 139 -42.99 4.20 24.44
CA GLY E 139 -43.17 5.12 25.56
C GLY E 139 -43.28 4.41 26.90
N ALA E 140 -43.10 3.10 26.91
CA ALA E 140 -43.20 2.34 28.15
C ALA E 140 -41.86 1.66 28.45
N SER E 141 -41.52 1.56 29.73
CA SER E 141 -40.29 0.93 30.15
C SER E 141 -40.24 -0.53 29.73
N SER E 142 -39.07 -0.93 29.21
CA SER E 142 -38.88 -2.24 28.62
C SER E 142 -37.42 -2.67 28.80
N PHE E 143 -37.03 -3.72 28.07
CA PHE E 143 -35.66 -4.22 28.13
C PHE E 143 -35.31 -4.94 26.85
N TYR E 144 -34.02 -5.22 26.68
CA TYR E 144 -33.53 -6.01 25.57
C TYR E 144 -34.30 -7.33 25.46
N ARG E 145 -34.62 -7.75 24.23
CA ARG E 145 -35.37 -8.99 24.03
C ARG E 145 -34.52 -10.24 24.22
N ASN E 146 -33.22 -10.14 23.97
CA ASN E 146 -32.35 -11.32 23.95
C ASN E 146 -31.61 -11.55 25.26
N LEU E 147 -31.77 -10.63 26.20
CA LEU E 147 -31.16 -10.75 27.52
C LEU E 147 -32.22 -10.63 28.59
N LEU E 148 -31.90 -11.11 29.78
CA LEU E 148 -32.79 -10.99 30.93
C LEU E 148 -32.07 -10.32 32.09
N TRP E 149 -32.73 -9.33 32.68
CA TRP E 149 -32.16 -8.66 33.84
C TRP E 149 -32.53 -9.49 35.06
N LEU E 150 -31.52 -10.09 35.68
CA LEU E 150 -31.73 -10.90 36.85
C LEU E 150 -31.56 -10.05 38.10
N THR E 151 -32.60 -9.95 38.91
CA THR E 151 -32.50 -9.32 40.21
C THR E 151 -32.96 -10.31 41.28
N LYS E 152 -32.88 -9.90 42.54
CA LYS E 152 -33.19 -10.78 43.66
C LYS E 152 -34.69 -11.08 43.76
N LYS E 153 -35.02 -12.31 44.14
CA LYS E 153 -36.40 -12.70 44.38
C LYS E 153 -36.64 -12.67 45.88
N GLY E 154 -37.55 -11.82 46.32
CA GLY E 154 -37.69 -11.56 47.74
C GLY E 154 -36.48 -10.85 48.30
N SER E 155 -35.85 -11.42 49.32
CA SER E 155 -34.71 -10.77 49.95
C SER E 155 -33.35 -11.14 49.41
N SER E 156 -33.28 -12.16 48.56
CA SER E 156 -31.99 -12.79 48.22
C SER E 156 -31.69 -13.05 46.75
N TYR E 157 -30.41 -13.05 46.46
CA TYR E 157 -29.91 -13.39 45.15
C TYR E 157 -28.98 -14.58 45.31
N PRO E 158 -29.55 -15.80 45.21
CA PRO E 158 -28.69 -16.97 45.38
C PRO E 158 -27.68 -17.10 44.25
N LYS E 159 -26.56 -17.74 44.54
CA LYS E 159 -25.54 -18.01 43.54
C LYS E 159 -26.12 -18.88 42.45
N LEU E 160 -25.99 -18.43 41.19
CA LEU E 160 -26.50 -19.18 40.05
C LEU E 160 -25.33 -19.83 39.34
N SER E 161 -25.59 -21.00 38.76
CA SER E 161 -24.64 -21.67 37.89
C SER E 161 -25.36 -22.28 36.69
N LYS E 162 -24.93 -21.91 35.49
CA LYS E 162 -25.59 -22.38 34.27
C LYS E 162 -24.57 -22.65 33.17
N SER E 163 -24.72 -23.79 32.51
CA SER E 163 -23.82 -24.16 31.43
C SER E 163 -24.60 -24.52 30.17
N TYR E 164 -24.01 -24.20 29.04
CA TYR E 164 -24.56 -24.55 27.74
C TYR E 164 -23.47 -25.25 26.95
N VAL E 165 -23.85 -26.36 26.31
CA VAL E 165 -22.94 -27.13 25.48
C VAL E 165 -23.31 -26.87 24.02
N ASN E 166 -22.32 -26.57 23.18
CA ASN E 166 -22.65 -26.24 21.80
C ASN E 166 -22.70 -27.52 20.97
N ASN E 167 -23.93 -27.96 20.73
CA ASN E 167 -24.24 -29.13 19.91
C ASN E 167 -24.71 -28.75 18.51
N LYS E 168 -24.62 -27.47 18.16
CA LYS E 168 -25.22 -26.99 16.91
C LYS E 168 -24.42 -27.32 15.65
N GLY E 169 -23.20 -27.82 15.82
CA GLY E 169 -22.36 -28.16 14.68
C GLY E 169 -21.80 -26.93 13.96
N LYS E 170 -21.85 -25.79 14.62
CA LYS E 170 -21.27 -24.57 14.11
C LYS E 170 -20.99 -23.65 15.27
N GLU E 171 -20.41 -22.49 15.02
CA GLU E 171 -20.11 -21.54 16.07
C GLU E 171 -21.41 -21.01 16.68
N VAL E 172 -21.39 -20.76 17.99
CA VAL E 172 -22.48 -20.11 18.68
C VAL E 172 -22.02 -18.78 19.26
N LEU E 173 -22.70 -17.70 18.89
CA LEU E 173 -22.43 -16.38 19.43
C LEU E 173 -23.24 -16.15 20.70
N VAL E 174 -22.56 -15.98 21.82
CA VAL E 174 -23.21 -15.71 23.10
C VAL E 174 -22.89 -14.30 23.59
N LEU E 175 -23.92 -13.52 23.86
CA LEU E 175 -23.78 -12.17 24.43
C LEU E 175 -24.32 -12.11 25.86
N TRP E 176 -23.70 -11.28 26.71
CA TRP E 176 -24.24 -11.01 28.04
C TRP E 176 -23.88 -9.60 28.48
N GLY E 177 -24.30 -9.24 29.68
CA GLY E 177 -23.98 -7.93 30.20
C GLY E 177 -23.72 -7.93 31.69
N VAL E 178 -23.08 -6.88 32.17
CA VAL E 178 -22.82 -6.70 33.59
C VAL E 178 -23.27 -5.32 34.03
N HIS E 179 -24.12 -5.27 35.06
CA HIS E 179 -24.72 -4.04 35.52
C HIS E 179 -23.91 -3.41 36.65
N HIS E 180 -23.80 -2.09 36.63
CA HIS E 180 -22.97 -1.35 37.58
C HIS E 180 -23.77 -0.22 38.22
N PRO E 181 -24.35 -0.48 39.40
CA PRO E 181 -25.09 0.53 40.15
C PRO E 181 -24.21 1.72 40.59
N PRO E 182 -24.81 2.91 40.69
CA PRO E 182 -24.08 4.09 41.15
C PRO E 182 -23.77 4.08 42.65
N THR E 183 -24.56 3.35 43.44
CA THR E 183 -24.47 3.36 44.92
C THR E 183 -24.53 1.97 45.53
N GLY E 184 -23.94 1.82 46.71
CA GLY E 184 -24.04 0.56 47.42
C GLY E 184 -25.48 0.27 47.79
N THR E 185 -26.27 1.32 48.00
CA THR E 185 -27.69 1.19 48.29
C THR E 185 -28.44 0.49 47.16
N GLU E 186 -28.19 0.92 45.93
CA GLU E 186 -28.86 0.32 44.78
C GLU E 186 -28.40 -1.11 44.59
N GLN E 187 -27.11 -1.37 44.78
CA GLN E 187 -26.58 -2.73 44.72
C GLN E 187 -27.36 -3.68 45.62
N GLN E 188 -27.61 -3.30 46.87
CA GLN E 188 -28.31 -4.20 47.79
C GLN E 188 -29.79 -4.31 47.44
N SER E 189 -30.33 -3.19 46.98
CA SER E 189 -31.72 -3.14 46.57
C SER E 189 -31.96 -4.12 45.42
N LEU E 190 -31.01 -4.19 44.49
CA LEU E 190 -31.14 -5.08 43.34
C LEU E 190 -30.66 -6.51 43.62
N TYR E 191 -29.39 -6.65 43.99
CA TYR E 191 -28.75 -7.95 44.13
C TYR E 191 -28.48 -8.44 45.57
N GLN E 192 -28.78 -7.60 46.55
CA GLN E 192 -28.58 -7.88 47.98
C GLN E 192 -27.13 -8.13 48.41
N ASN E 193 -26.30 -8.64 47.52
CA ASN E 193 -24.93 -8.98 47.86
C ASN E 193 -24.00 -7.83 47.51
N ALA E 194 -23.31 -7.27 48.50
CA ALA E 194 -22.38 -6.18 48.23
C ALA E 194 -21.11 -6.72 47.57
N ASP E 195 -20.80 -7.98 47.87
CA ASP E 195 -19.59 -8.68 47.41
C ASP E 195 -19.78 -9.44 46.07
N ALA E 196 -20.85 -9.17 45.36
CA ALA E 196 -21.21 -9.94 44.16
C ALA E 196 -20.14 -9.97 43.06
N TYR E 197 -20.17 -11.02 42.25
CA TYR E 197 -19.24 -11.20 41.14
C TYR E 197 -19.91 -11.97 40.00
N VAL E 198 -19.33 -11.87 38.81
CA VAL E 198 -19.76 -12.66 37.65
C VAL E 198 -18.56 -13.36 37.07
N SER E 199 -18.67 -14.65 36.80
CA SER E 199 -17.61 -15.38 36.11
C SER E 199 -18.19 -16.13 34.93
N VAL E 200 -17.48 -16.04 33.82
CA VAL E 200 -17.86 -16.70 32.58
C VAL E 200 -16.65 -17.49 32.11
N GLY E 201 -16.86 -18.75 31.74
CA GLY E 201 -15.77 -19.54 31.26
C GLY E 201 -16.15 -20.60 30.25
N SER E 202 -15.18 -20.92 29.40
CA SER E 202 -15.30 -21.91 28.35
C SER E 202 -13.96 -22.58 28.20
N SER E 203 -13.80 -23.33 27.12
CA SER E 203 -12.50 -23.93 26.81
C SER E 203 -11.48 -22.87 26.44
N LYS E 204 -11.97 -21.73 25.98
CA LYS E 204 -11.14 -20.60 25.53
C LYS E 204 -11.33 -19.40 26.43
N TYR E 205 -12.56 -18.91 26.49
CA TYR E 205 -12.87 -17.70 27.23
C TYR E 205 -12.84 -17.94 28.73
N ASN E 206 -12.12 -17.09 29.46
CA ASN E 206 -12.16 -17.05 30.92
C ASN E 206 -12.09 -15.60 31.41
N ARG E 207 -13.13 -15.12 32.10
CA ARG E 207 -13.14 -13.75 32.64
C ARG E 207 -14.01 -13.62 33.88
N ARG E 208 -13.59 -12.74 34.80
CA ARG E 208 -14.35 -12.46 36.02
C ARG E 208 -14.68 -10.98 36.14
N PHE E 209 -15.93 -10.68 36.50
CA PHE E 209 -16.39 -9.30 36.62
C PHE E 209 -16.87 -9.02 38.03
N THR E 210 -16.54 -7.83 38.54
CA THR E 210 -17.11 -7.35 39.79
C THR E 210 -17.76 -6.00 39.55
N PRO E 211 -18.81 -5.69 40.31
CA PRO E 211 -19.49 -4.40 40.14
C PRO E 211 -18.57 -3.23 40.51
N GLU E 212 -18.63 -2.19 39.68
CA GLU E 212 -17.90 -0.96 39.93
C GLU E 212 -18.89 0.07 40.41
N ILE E 213 -18.90 0.34 41.71
CA ILE E 213 -19.90 1.21 42.29
C ILE E 213 -19.33 2.62 42.38
N ALA E 214 -19.87 3.54 41.59
CA ALA E 214 -19.37 4.91 41.58
C ALA E 214 -20.42 5.89 41.08
N ALA E 215 -20.36 7.11 41.59
CA ALA E 215 -21.19 8.20 41.09
C ALA E 215 -20.71 8.59 39.71
N ARG E 216 -21.67 8.73 38.78
CA ARG E 216 -21.39 9.03 37.39
C ARG E 216 -22.41 10.03 36.86
N PRO E 217 -22.05 10.79 35.82
CA PRO E 217 -23.06 11.64 35.19
C PRO E 217 -24.19 10.78 34.64
N LYS E 218 -25.40 11.32 34.62
CA LYS E 218 -26.55 10.58 34.11
C LYS E 218 -26.57 10.56 32.58
N VAL E 219 -26.77 9.36 32.05
CA VAL E 219 -26.97 9.16 30.62
C VAL E 219 -28.32 8.48 30.43
N ARG E 220 -29.17 9.11 29.64
CA ARG E 220 -30.55 8.67 29.47
C ARG E 220 -31.17 8.50 30.86
N GLY E 221 -30.82 9.44 31.74
CA GLY E 221 -31.34 9.49 33.10
C GLY E 221 -30.72 8.53 34.10
N LEU E 222 -29.65 7.84 33.71
CA LEU E 222 -29.05 6.80 34.55
C LEU E 222 -27.58 7.04 34.90
N ALA E 223 -27.28 6.94 36.19
CA ALA E 223 -25.91 7.03 36.68
C ALA E 223 -25.27 5.64 36.73
N SER E 224 -26.11 4.62 36.58
CA SER E 224 -25.66 3.24 36.43
C SER E 224 -25.06 3.02 35.04
N ARG E 225 -24.31 1.93 34.89
CA ARG E 225 -23.80 1.52 33.58
C ARG E 225 -24.05 0.03 33.34
N MET E 226 -24.12 -0.32 32.06
CA MET E 226 -24.22 -1.72 31.65
C MET E 226 -23.21 -2.02 30.55
N ASN E 227 -22.25 -2.89 30.83
CA ASN E 227 -21.25 -3.27 29.83
C ASN E 227 -21.64 -4.58 29.17
N TYR E 228 -21.31 -4.70 27.88
CA TYR E 228 -21.73 -5.83 27.05
C TYR E 228 -20.53 -6.64 26.58
N TYR E 229 -20.64 -7.96 26.67
CA TYR E 229 -19.55 -8.87 26.33
C TYR E 229 -20.05 -10.00 25.47
N TRP E 230 -19.14 -10.58 24.69
CA TRP E 230 -19.50 -11.65 23.77
C TRP E 230 -18.34 -12.61 23.53
N THR E 231 -18.64 -13.81 23.07
CA THR E 231 -17.62 -14.73 22.61
C THR E 231 -18.22 -15.68 21.61
N LEU E 232 -17.40 -16.21 20.72
CA LEU E 232 -17.82 -17.23 19.77
C LEU E 232 -17.46 -18.59 20.36
N LEU E 233 -18.50 -19.35 20.70
CA LEU E 233 -18.32 -20.68 21.27
C LEU E 233 -18.16 -21.68 20.13
N GLU E 234 -17.04 -22.40 20.13
CA GLU E 234 -16.75 -23.37 19.08
C GLU E 234 -17.62 -24.60 19.22
N PRO E 235 -17.86 -25.32 18.11
CA PRO E 235 -18.65 -26.55 18.19
C PRO E 235 -18.07 -27.53 19.22
N GLY E 236 -18.93 -28.05 20.09
CA GLY E 236 -18.50 -29.02 21.08
C GLY E 236 -18.12 -28.41 22.41
N ASP E 237 -17.77 -27.13 22.40
CA ASP E 237 -17.33 -26.45 23.61
C ASP E 237 -18.49 -26.12 24.54
N THR E 238 -18.15 -25.85 25.80
CA THR E 238 -19.12 -25.49 26.82
C THR E 238 -18.84 -24.07 27.33
N ILE E 239 -19.88 -23.31 27.61
CA ILE E 239 -19.74 -22.03 28.30
C ILE E 239 -20.52 -22.10 29.62
N THR E 240 -19.92 -21.59 30.69
CA THR E 240 -20.50 -21.66 32.03
C THR E 240 -20.57 -20.28 32.71
N PHE E 241 -21.75 -19.94 33.23
CA PHE E 241 -21.95 -18.68 33.95
C PHE E 241 -22.12 -18.89 35.45
N GLU E 242 -21.37 -18.13 36.24
CA GLU E 242 -21.59 -18.05 37.69
C GLU E 242 -21.78 -16.60 38.10
N ALA E 243 -22.77 -16.35 38.93
CA ALA E 243 -22.98 -15.01 39.46
C ALA E 243 -23.64 -15.01 40.81
N THR E 244 -23.20 -14.09 41.66
CA THR E 244 -23.91 -13.73 42.88
C THR E 244 -24.66 -12.39 42.74
N GLY E 245 -24.63 -11.80 41.55
CA GLY E 245 -25.33 -10.56 41.28
C GLY E 245 -24.90 -9.94 39.97
N ASN E 246 -25.64 -8.93 39.53
CA ASN E 246 -25.22 -8.02 38.46
C ASN E 246 -25.14 -8.61 37.04
N LEU E 247 -25.40 -9.90 36.90
CA LEU E 247 -25.37 -10.53 35.60
C LEU E 247 -26.61 -10.17 34.80
N ILE E 248 -26.41 -9.71 33.57
CA ILE E 248 -27.52 -9.60 32.63
C ILE E 248 -27.37 -10.83 31.75
N ALA E 249 -28.27 -11.80 31.98
CA ALA E 249 -28.03 -13.16 31.50
C ALA E 249 -28.43 -13.36 30.05
N PRO E 250 -27.72 -14.26 29.36
CA PRO E 250 -28.19 -14.64 28.03
C PRO E 250 -29.56 -15.30 28.10
N TRP E 251 -30.43 -14.92 27.18
CA TRP E 251 -31.72 -15.57 26.99
C TRP E 251 -31.68 -16.27 25.63
N TYR E 252 -31.50 -15.46 24.58
CA TYR E 252 -31.27 -15.96 23.23
C TYR E 252 -29.82 -15.79 22.81
N ALA E 253 -29.35 -16.72 21.99
CA ALA E 253 -28.02 -16.64 21.39
C ALA E 253 -28.12 -16.97 19.90
N PHE E 254 -26.98 -16.95 19.21
CA PHE E 254 -26.97 -17.10 17.76
C PHE E 254 -26.02 -18.20 17.33
N ALA E 255 -26.51 -19.11 16.50
CA ALA E 255 -25.67 -20.13 15.90
C ALA E 255 -25.41 -19.76 14.44
N LEU E 256 -24.16 -19.88 14.01
CA LEU E 256 -23.77 -19.39 12.69
C LEU E 256 -22.48 -20.01 12.12
N ASN E 257 -22.35 -19.86 10.81
CA ASN E 257 -21.10 -20.08 10.10
C ASN E 257 -20.64 -18.75 9.53
N ARG E 258 -19.55 -18.21 10.07
CA ARG E 258 -19.02 -16.96 9.57
C ARG E 258 -18.49 -17.13 8.15
N GLY E 259 -18.74 -16.15 7.29
CA GLY E 259 -18.06 -16.06 6.02
C GLY E 259 -16.80 -15.25 6.23
N SER E 260 -16.27 -14.65 5.17
CA SER E 260 -15.08 -13.82 5.33
C SER E 260 -14.96 -12.75 4.26
N GLY E 261 -14.17 -11.73 4.58
CA GLY E 261 -13.78 -10.70 3.64
C GLY E 261 -14.86 -9.75 3.18
N SER E 262 -16.01 -9.76 3.86
CA SER E 262 -17.03 -8.75 3.59
C SER E 262 -16.93 -7.61 4.59
N GLY E 263 -17.94 -6.75 4.60
CA GLY E 263 -17.94 -5.60 5.46
C GLY E 263 -19.29 -4.96 5.60
N ILE E 264 -19.29 -3.77 6.18
CA ILE E 264 -20.50 -3.02 6.45
C ILE E 264 -20.57 -1.80 5.54
N ILE E 265 -21.73 -1.59 4.92
CA ILE E 265 -22.02 -0.42 4.10
C ILE E 265 -22.98 0.48 4.84
N THR E 266 -22.69 1.77 4.92
CA THR E 266 -23.66 2.74 5.43
C THR E 266 -24.25 3.54 4.26
N SER E 267 -25.53 3.33 4.01
CA SER E 267 -26.22 3.93 2.87
C SER E 267 -27.73 4.07 3.10
N ASP E 268 -28.31 5.12 2.53
CA ASP E 268 -29.76 5.31 2.55
C ASP E 268 -30.39 4.83 1.24
N ALA E 269 -29.56 4.32 0.34
CA ALA E 269 -30.07 3.81 -0.93
C ALA E 269 -30.96 2.57 -0.70
N PRO E 270 -32.04 2.44 -1.48
CA PRO E 270 -32.94 1.29 -1.28
C PRO E 270 -32.31 -0.06 -1.68
N VAL E 271 -32.57 -1.08 -0.87
CA VAL E 271 -32.13 -2.44 -1.17
C VAL E 271 -33.10 -3.10 -2.14
N HIS E 272 -32.55 -3.75 -3.17
CA HIS E 272 -33.39 -4.36 -4.21
C HIS E 272 -32.93 -5.75 -4.64
N ASP E 273 -33.69 -6.36 -5.54
CA ASP E 273 -33.52 -7.76 -5.92
C ASP E 273 -32.50 -8.00 -7.03
N CYS E 274 -31.77 -6.97 -7.41
CA CYS E 274 -30.71 -7.07 -8.42
C CYS E 274 -29.44 -7.79 -7.92
N ASN E 275 -28.62 -8.24 -8.86
CA ASN E 275 -27.32 -8.82 -8.56
C ASN E 275 -26.21 -7.95 -9.12
N THR E 276 -25.08 -7.90 -8.41
CA THR E 276 -23.93 -7.11 -8.83
C THR E 276 -22.65 -7.80 -8.35
N LYS E 277 -21.52 -7.49 -8.98
CA LYS E 277 -20.22 -7.89 -8.45
C LYS E 277 -19.52 -6.82 -7.62
N CYS E 278 -20.00 -5.58 -7.70
CA CYS E 278 -19.38 -4.47 -6.96
C CYS E 278 -20.44 -3.55 -6.37
N GLN E 279 -20.45 -3.43 -5.05
CA GLN E 279 -21.40 -2.58 -4.37
C GLN E 279 -20.74 -1.35 -3.80
N THR E 280 -21.40 -0.22 -4.03
CA THR E 280 -20.98 1.08 -3.53
C THR E 280 -22.09 1.65 -2.64
N PRO E 281 -21.75 2.52 -1.68
CA PRO E 281 -22.81 3.11 -0.85
C PRO E 281 -23.82 3.96 -1.64
N HIS E 282 -23.42 4.51 -2.78
CA HIS E 282 -24.34 5.23 -3.66
C HIS E 282 -25.25 4.31 -4.48
N GLY E 283 -24.75 3.12 -4.81
CA GLY E 283 -25.47 2.19 -5.67
C GLY E 283 -24.50 1.16 -6.25
N ALA E 284 -25.02 0.16 -6.96
CA ALA E 284 -24.15 -0.84 -7.60
C ALA E 284 -23.53 -0.32 -8.90
N ILE E 285 -22.36 -0.84 -9.26
CA ILE E 285 -21.72 -0.47 -10.52
C ILE E 285 -21.23 -1.68 -11.33
N ASN E 286 -21.13 -1.48 -12.64
CA ASN E 286 -20.56 -2.44 -13.57
C ASN E 286 -19.10 -2.67 -13.20
N SER E 287 -18.68 -3.93 -13.20
CA SER E 287 -17.30 -4.28 -12.85
C SER E 287 -16.37 -4.51 -14.07
N SER E 288 -16.85 -4.30 -15.29
CA SER E 288 -16.05 -4.64 -16.47
C SER E 288 -14.87 -3.69 -16.72
N LEU E 289 -15.05 -2.38 -16.52
CA LEU E 289 -13.94 -1.44 -16.74
C LEU E 289 -12.95 -1.46 -15.57
N PRO E 290 -11.67 -1.12 -15.84
CA PRO E 290 -10.61 -1.14 -14.82
C PRO E 290 -10.65 -0.04 -13.75
N PHE E 291 -11.31 1.09 -14.01
CA PHE E 291 -11.32 2.22 -13.08
C PHE E 291 -12.73 2.77 -12.86
N GLN E 292 -12.98 3.32 -11.68
CA GLN E 292 -14.27 3.90 -11.34
C GLN E 292 -14.10 5.11 -10.42
N ASN E 293 -14.86 6.18 -10.67
CA ASN E 293 -14.87 7.37 -9.81
C ASN E 293 -16.12 7.50 -8.91
N ILE E 294 -16.93 6.47 -8.84
CA ILE E 294 -18.18 6.52 -8.07
C ILE E 294 -17.99 6.73 -6.57
N HIS E 295 -17.03 6.05 -5.95
CA HIS E 295 -16.93 6.06 -4.48
C HIS E 295 -15.65 5.34 -4.04
N PRO E 296 -14.91 5.91 -3.07
CA PRO E 296 -13.66 5.30 -2.61
C PRO E 296 -13.87 4.02 -1.81
N VAL E 297 -15.07 3.87 -1.26
CA VAL E 297 -15.42 2.73 -0.39
C VAL E 297 -16.33 1.73 -1.09
N THR E 298 -15.82 0.51 -1.32
CA THR E 298 -16.59 -0.52 -2.02
C THR E 298 -16.54 -1.89 -1.34
N ILE E 299 -17.43 -2.78 -1.78
CA ILE E 299 -17.38 -4.20 -1.41
C ILE E 299 -17.61 -5.02 -2.66
N GLY E 300 -16.65 -5.87 -3.02
CA GLY E 300 -16.84 -6.76 -4.16
C GLY E 300 -15.56 -6.96 -4.93
N GLU E 301 -15.70 -7.42 -6.17
CA GLU E 301 -14.60 -7.41 -7.12
C GLU E 301 -14.82 -6.18 -7.99
N CYS E 302 -14.00 -5.16 -7.76
CA CYS E 302 -14.34 -3.80 -8.15
C CYS E 302 -13.25 -3.17 -9.00
N PRO E 303 -13.65 -2.26 -9.90
CA PRO E 303 -12.65 -1.43 -10.57
C PRO E 303 -11.92 -0.59 -9.51
N LYS E 304 -10.69 -0.20 -9.78
CA LYS E 304 -9.93 0.64 -8.85
C LYS E 304 -10.49 2.05 -8.82
N TYR E 305 -10.58 2.61 -7.62
CA TYR E 305 -11.09 3.96 -7.47
C TYR E 305 -10.01 4.98 -7.86
N VAL E 306 -10.39 5.98 -8.66
CA VAL E 306 -9.45 7.03 -9.08
C VAL E 306 -10.12 8.39 -8.90
N ARG E 307 -9.30 9.43 -8.84
CA ARG E 307 -9.81 10.79 -8.66
C ARG E 307 -10.26 11.41 -9.98
N SER E 308 -9.92 10.74 -11.07
CA SER E 308 -10.21 11.23 -12.42
C SER E 308 -11.68 11.55 -12.62
N THR E 309 -11.96 12.66 -13.29
CA THR E 309 -13.30 12.89 -13.83
C THR E 309 -13.45 12.35 -15.25
N LYS E 310 -12.33 12.15 -15.95
CA LYS E 310 -12.34 11.61 -17.31
C LYS E 310 -11.14 10.70 -17.64
N LEU E 311 -11.42 9.48 -18.11
CA LEU E 311 -10.39 8.68 -18.76
C LEU E 311 -10.95 8.12 -20.06
N ARG E 312 -10.51 8.69 -21.18
CA ARG E 312 -11.08 8.33 -22.46
C ARG E 312 -9.97 8.01 -23.43
N MET E 313 -10.11 6.84 -24.05
CA MET E 313 -9.06 6.28 -24.87
C MET E 313 -9.38 6.40 -26.36
N ALA E 314 -8.49 7.02 -27.09
CA ALA E 314 -8.63 7.09 -28.55
C ALA E 314 -8.55 5.70 -29.15
N THR E 315 -9.51 5.41 -30.04
CA THR E 315 -9.48 4.21 -30.84
C THR E 315 -9.22 4.66 -32.28
N GLY E 316 -10.08 5.54 -32.79
CA GLY E 316 -9.92 6.11 -34.12
C GLY E 316 -8.81 7.15 -34.19
N LEU E 317 -8.85 7.99 -35.23
CA LEU E 317 -7.79 8.97 -35.48
C LEU E 317 -8.29 10.40 -35.37
N ARG E 318 -7.39 11.36 -35.55
CA ARG E 318 -7.76 12.78 -35.54
C ARG E 318 -8.87 13.10 -36.53
N ASN E 319 -9.94 13.73 -36.05
CA ASN E 319 -11.05 14.02 -36.94
C ASN E 319 -10.87 15.42 -37.52
N ILE E 320 -10.58 15.47 -38.83
CA ILE E 320 -10.33 16.73 -39.50
C ILE E 320 -11.17 16.85 -40.77
N PRO E 321 -12.48 17.13 -40.59
CA PRO E 321 -13.38 17.38 -41.72
C PRO E 321 -13.34 18.84 -42.17
N GLY F 1 1.97 15.44 -36.48
CA GLY F 1 1.99 13.96 -36.49
C GLY F 1 3.40 13.41 -36.61
N LEU F 2 3.66 12.32 -35.92
CA LEU F 2 4.99 11.73 -35.85
C LEU F 2 5.48 11.23 -37.21
N PHE F 3 4.58 10.69 -38.02
CA PHE F 3 4.95 10.18 -39.34
C PHE F 3 4.59 11.15 -40.49
N GLY F 4 4.07 12.32 -40.13
CA GLY F 4 3.99 13.41 -41.08
C GLY F 4 2.87 13.38 -42.11
N ALA F 5 1.98 12.39 -42.04
CA ALA F 5 0.89 12.30 -43.00
C ALA F 5 -0.38 12.98 -42.47
N ILE F 6 -0.96 12.46 -41.39
CA ILE F 6 -2.22 13.02 -40.87
C ILE F 6 -1.97 14.43 -40.31
N ALA F 7 -2.78 15.38 -40.78
CA ALA F 7 -2.59 16.81 -40.52
C ALA F 7 -1.19 17.23 -40.94
N GLY F 8 -0.62 16.40 -41.81
CA GLY F 8 0.69 16.56 -42.40
C GLY F 8 0.52 16.92 -43.86
N PHE F 9 1.37 16.36 -44.71
CA PHE F 9 1.23 16.57 -46.16
C PHE F 9 -0.12 16.07 -46.70
N ILE F 10 -0.87 15.30 -45.92
CA ILE F 10 -2.28 15.06 -46.20
C ILE F 10 -3.06 15.87 -45.18
N GLU F 11 -3.66 16.97 -45.62
CA GLU F 11 -4.10 18.04 -44.72
C GLU F 11 -5.38 17.76 -43.94
N GLY F 12 -6.26 16.93 -44.49
CA GLY F 12 -7.55 16.68 -43.86
C GLY F 12 -8.11 15.30 -44.13
N GLY F 13 -9.21 14.99 -43.46
CA GLY F 13 -9.84 13.69 -43.60
C GLY F 13 -11.02 13.73 -44.55
N TRP F 14 -11.54 12.55 -44.88
CA TRP F 14 -12.63 12.42 -45.83
C TRP F 14 -13.91 11.93 -45.15
N THR F 15 -14.88 12.82 -45.02
CA THR F 15 -16.20 12.43 -44.55
C THR F 15 -16.92 11.59 -45.61
N GLY F 16 -16.46 11.72 -46.85
CA GLY F 16 -17.02 10.96 -47.95
C GLY F 16 -16.71 9.46 -47.85
N MET F 17 -15.59 9.13 -47.22
CA MET F 17 -15.22 7.73 -47.07
C MET F 17 -15.77 7.24 -45.73
N ILE F 18 -16.87 6.50 -45.78
CA ILE F 18 -17.56 6.06 -44.58
C ILE F 18 -17.28 4.62 -44.13
N ASP F 19 -16.68 3.84 -45.02
CA ASP F 19 -16.57 2.39 -44.80
C ASP F 19 -15.19 1.96 -44.27
N GLY F 20 -14.32 2.92 -43.97
CA GLY F 20 -13.00 2.57 -43.49
C GLY F 20 -12.21 3.73 -42.94
N TRP F 21 -11.13 3.40 -42.23
CA TRP F 21 -10.23 4.40 -41.65
C TRP F 21 -9.30 5.01 -42.69
N TYR F 22 -8.76 4.15 -43.56
CA TYR F 22 -7.85 4.57 -44.61
C TYR F 22 -8.35 4.09 -45.96
N GLY F 23 -8.12 4.88 -47.01
CA GLY F 23 -8.57 4.51 -48.33
C GLY F 23 -8.17 5.44 -49.45
N TYR F 24 -8.90 5.34 -50.55
CA TYR F 24 -8.57 6.04 -51.78
C TYR F 24 -9.71 6.90 -52.29
N HIS F 25 -9.37 8.02 -52.93
CA HIS F 25 -10.33 8.75 -53.76
C HIS F 25 -9.81 8.81 -55.19
N HIS F 26 -10.64 8.35 -56.14
CA HIS F 26 -10.22 8.29 -57.54
C HIS F 26 -11.07 9.20 -58.40
N GLN F 27 -10.47 9.72 -59.46
CA GLN F 27 -11.17 10.51 -60.46
C GLN F 27 -10.68 10.10 -61.84
N ASN F 28 -11.62 9.68 -62.70
CA ASN F 28 -11.29 9.40 -64.09
C ASN F 28 -12.49 9.72 -64.97
N GLU F 29 -12.44 9.30 -66.23
CA GLU F 29 -13.50 9.62 -67.18
C GLU F 29 -14.82 8.95 -66.83
N GLN F 30 -14.74 7.81 -66.14
CA GLN F 30 -15.94 7.06 -65.76
C GLN F 30 -16.63 7.67 -64.54
N GLY F 31 -15.88 8.44 -63.74
CA GLY F 31 -16.45 9.09 -62.57
C GLY F 31 -15.46 9.23 -61.42
N SER F 32 -15.96 9.66 -60.27
CA SER F 32 -15.16 9.77 -59.06
C SER F 32 -15.83 9.05 -57.90
N GLY F 33 -15.08 8.81 -56.82
CA GLY F 33 -15.63 8.16 -55.64
C GLY F 33 -14.60 7.75 -54.60
N TYR F 34 -15.10 7.40 -53.41
CA TYR F 34 -14.25 6.95 -52.32
C TYR F 34 -14.29 5.43 -52.20
N ALA F 35 -13.15 4.84 -51.87
CA ALA F 35 -13.07 3.42 -51.57
C ALA F 35 -12.08 3.22 -50.42
N ALA F 36 -12.46 2.45 -49.41
CA ALA F 36 -11.60 2.19 -48.28
C ALA F 36 -10.65 1.05 -48.56
N ASP F 37 -9.42 1.15 -48.09
CA ASP F 37 -8.48 0.04 -48.15
C ASP F 37 -8.85 -0.89 -47.01
N GLN F 38 -9.28 -2.11 -47.35
CA GLN F 38 -9.86 -3.00 -46.36
C GLN F 38 -8.78 -3.70 -45.52
N LYS F 39 -7.65 -4.00 -46.14
CA LYS F 39 -6.58 -4.72 -45.45
C LYS F 39 -5.97 -3.86 -44.35
N SER F 40 -5.62 -2.62 -44.68
CA SER F 40 -4.96 -1.75 -43.72
C SER F 40 -5.93 -1.27 -42.63
N THR F 41 -7.19 -1.09 -43.00
CA THR F 41 -8.22 -0.71 -42.02
C THR F 41 -8.44 -1.84 -41.03
N GLN F 42 -8.62 -3.06 -41.53
CA GLN F 42 -8.96 -4.19 -40.68
C GLN F 42 -7.80 -4.55 -39.74
N ASN F 43 -6.57 -4.38 -40.21
CA ASN F 43 -5.40 -4.63 -39.37
C ASN F 43 -5.32 -3.61 -38.24
N ALA F 44 -5.62 -2.36 -38.56
CA ALA F 44 -5.61 -1.30 -37.57
C ALA F 44 -6.68 -1.58 -36.53
N ILE F 45 -7.85 -2.01 -36.98
CA ILE F 45 -8.94 -2.35 -36.10
C ILE F 45 -8.56 -3.50 -35.17
N ASP F 46 -8.00 -4.56 -35.75
CA ASP F 46 -7.54 -5.69 -34.95
C ASP F 46 -6.55 -5.20 -33.90
N GLY F 47 -5.65 -4.30 -34.29
CA GLY F 47 -4.62 -3.82 -33.41
C GLY F 47 -5.16 -3.03 -32.24
N ILE F 48 -6.01 -2.04 -32.54
CA ILE F 48 -6.56 -1.17 -31.52
C ILE F 48 -7.48 -1.95 -30.58
N THR F 49 -8.22 -2.91 -31.13
CA THR F 49 -9.10 -3.76 -30.33
C THR F 49 -8.29 -4.54 -29.30
N ASN F 50 -7.14 -5.05 -29.72
CA ASN F 50 -6.28 -5.78 -28.80
C ASN F 50 -5.70 -4.86 -27.72
N LYS F 51 -5.39 -3.63 -28.10
CA LYS F 51 -4.87 -2.64 -27.14
C LYS F 51 -5.89 -2.31 -26.05
N VAL F 52 -7.12 -1.95 -26.46
CA VAL F 52 -8.19 -1.63 -25.52
C VAL F 52 -8.46 -2.79 -24.59
N ASN F 53 -8.59 -3.99 -25.16
CA ASN F 53 -8.84 -5.18 -24.36
C ASN F 53 -7.68 -5.51 -23.42
N SER F 54 -6.46 -5.19 -23.82
CA SER F 54 -5.30 -5.41 -22.95
C SER F 54 -5.41 -4.51 -21.73
N VAL F 55 -5.72 -3.24 -21.95
CA VAL F 55 -5.84 -2.28 -20.86
C VAL F 55 -6.98 -2.66 -19.90
N ILE F 56 -8.08 -3.15 -20.45
CA ILE F 56 -9.23 -3.53 -19.63
C ILE F 56 -9.04 -4.86 -18.91
N GLU F 57 -8.61 -5.89 -19.64
CA GLU F 57 -8.64 -7.25 -19.12
C GLU F 57 -7.46 -7.61 -18.22
N LYS F 58 -6.37 -6.86 -18.31
CA LYS F 58 -5.22 -7.13 -17.45
C LYS F 58 -5.50 -6.70 -16.01
N MET F 59 -6.58 -5.96 -15.81
CA MET F 59 -6.99 -5.59 -14.46
C MET F 59 -7.84 -6.70 -13.86
N ASN F 60 -7.31 -7.33 -12.83
CA ASN F 60 -8.03 -8.35 -12.08
C ASN F 60 -7.86 -8.13 -10.59
N THR F 61 -8.97 -8.27 -9.88
CA THR F 61 -8.95 -8.07 -8.45
C THR F 61 -9.71 -9.17 -7.72
N GLN F 62 -9.48 -9.21 -6.43
CA GLN F 62 -10.09 -10.17 -5.53
C GLN F 62 -11.20 -9.48 -4.76
N PHE F 63 -12.18 -10.26 -4.32
CA PHE F 63 -13.25 -9.73 -3.49
C PHE F 63 -12.66 -9.03 -2.27
N THR F 64 -13.03 -7.77 -2.08
CA THR F 64 -12.47 -6.94 -1.02
C THR F 64 -13.51 -5.99 -0.43
N ALA F 65 -13.51 -5.89 0.89
CA ALA F 65 -14.24 -4.84 1.59
C ALA F 65 -13.25 -3.79 2.03
N VAL F 66 -13.34 -2.61 1.44
CA VAL F 66 -12.37 -1.54 1.69
C VAL F 66 -12.51 -0.91 3.07
N GLY F 67 -13.74 -0.64 3.47
CA GLY F 67 -13.98 0.10 4.71
C GLY F 67 -13.54 -0.64 5.95
N LYS F 68 -13.13 0.12 6.95
CA LYS F 68 -12.72 -0.42 8.23
C LYS F 68 -13.20 0.53 9.33
N GLU F 69 -13.40 0.00 10.53
CA GLU F 69 -13.96 0.77 11.65
C GLU F 69 -13.03 0.77 12.85
N PHE F 70 -12.83 1.94 13.44
CA PHE F 70 -11.96 2.09 14.60
C PHE F 70 -12.54 3.02 15.66
N ASN F 71 -12.33 2.68 16.92
CA ASN F 71 -12.81 3.54 18.02
C ASN F 71 -11.82 4.67 18.27
N ASN F 72 -12.08 5.49 19.28
CA ASN F 72 -11.34 6.73 19.49
C ASN F 72 -10.00 6.53 20.20
N LEU F 73 -9.73 5.31 20.64
CA LEU F 73 -8.39 4.93 21.11
C LEU F 73 -7.59 4.13 20.05
N GLU F 74 -8.17 3.97 18.86
CA GLU F 74 -7.53 3.34 17.71
C GLU F 74 -7.05 4.30 16.61
N ARG F 75 -6.95 5.59 16.90
CA ARG F 75 -6.62 6.60 15.88
C ARG F 75 -5.40 6.29 15.02
N ARG F 76 -4.37 5.68 15.60
CA ARG F 76 -3.14 5.42 14.85
C ARG F 76 -3.34 4.40 13.73
N ILE F 77 -4.03 3.29 14.02
CA ILE F 77 -4.23 2.28 12.97
C ILE F 77 -5.31 2.76 12.00
N GLU F 78 -6.20 3.63 12.47
CA GLU F 78 -7.18 4.27 11.59
C GLU F 78 -6.45 5.12 10.54
N ASN F 79 -5.43 5.85 10.97
CA ASN F 79 -4.68 6.68 10.03
C ASN F 79 -3.74 5.84 9.16
N LEU F 80 -3.29 4.70 9.68
CA LEU F 80 -2.55 3.75 8.85
C LEU F 80 -3.44 3.28 7.70
N ASN F 81 -4.66 2.90 8.04
CA ASN F 81 -5.62 2.43 7.07
C ASN F 81 -5.87 3.51 6.01
N LYS F 82 -5.98 4.74 6.48
CA LYS F 82 -6.21 5.86 5.59
C LYS F 82 -5.00 6.07 4.68
N LYS F 83 -3.80 5.88 5.23
CA LYS F 83 -2.57 6.01 4.44
C LYS F 83 -2.52 4.94 3.34
N VAL F 84 -3.04 3.75 3.62
CA VAL F 84 -3.06 2.68 2.64
C VAL F 84 -4.05 3.00 1.53
N ASP F 85 -5.26 3.39 1.91
CA ASP F 85 -6.28 3.70 0.92
C ASP F 85 -5.82 4.86 0.03
N ASP F 86 -5.30 5.91 0.66
CA ASP F 86 -4.89 7.11 -0.07
C ASP F 86 -3.69 6.81 -0.94
N GLY F 87 -2.78 5.97 -0.46
CA GLY F 87 -1.61 5.60 -1.23
C GLY F 87 -1.99 4.84 -2.48
N PHE F 88 -2.94 3.91 -2.37
CA PHE F 88 -3.41 3.16 -3.52
C PHE F 88 -4.12 4.07 -4.50
N LEU F 89 -4.83 5.05 -3.95
CA LEU F 89 -5.55 6.01 -4.76
C LEU F 89 -4.59 6.94 -5.54
N ASP F 90 -3.52 7.39 -4.90
CA ASP F 90 -2.52 8.21 -5.57
C ASP F 90 -1.85 7.44 -6.72
N ILE F 91 -1.48 6.19 -6.47
CA ILE F 91 -0.81 5.36 -7.48
C ILE F 91 -1.70 5.10 -8.69
N TRP F 92 -2.93 4.65 -8.44
CA TRP F 92 -3.81 4.29 -9.54
C TRP F 92 -4.28 5.51 -10.35
N THR F 93 -4.51 6.63 -9.67
CA THR F 93 -4.93 7.83 -10.38
C THR F 93 -3.81 8.32 -11.29
N TYR F 94 -2.60 8.43 -10.74
CA TYR F 94 -1.46 8.93 -11.48
C TYR F 94 -1.15 8.01 -12.67
N ASN F 95 -1.10 6.71 -12.42
CA ASN F 95 -0.77 5.75 -13.45
C ASN F 95 -1.84 5.68 -14.54
N ALA F 96 -3.10 5.71 -14.14
CA ALA F 96 -4.19 5.62 -15.11
C ALA F 96 -4.21 6.88 -15.99
N GLU F 97 -4.03 8.05 -15.38
CA GLU F 97 -4.02 9.30 -16.12
C GLU F 97 -2.89 9.27 -17.15
N LEU F 98 -1.70 8.89 -16.73
CA LEU F 98 -0.56 8.88 -17.64
C LEU F 98 -0.64 7.75 -18.69
N LEU F 99 -1.17 6.59 -18.31
CA LEU F 99 -1.30 5.50 -19.27
C LEU F 99 -2.17 5.93 -20.44
N VAL F 100 -3.26 6.63 -20.14
CA VAL F 100 -4.18 7.09 -21.18
C VAL F 100 -3.56 8.21 -22.02
N LEU F 101 -2.90 9.17 -21.38
CA LEU F 101 -2.17 10.22 -22.10
C LEU F 101 -1.13 9.63 -23.04
N LEU F 102 -0.31 8.73 -22.52
CA LEU F 102 0.77 8.15 -23.30
C LEU F 102 0.24 7.25 -24.42
N GLU F 103 -0.73 6.41 -24.11
CA GLU F 103 -1.22 5.47 -25.11
C GLU F 103 -2.12 6.14 -26.14
N ASN F 104 -2.73 7.27 -25.78
CA ASN F 104 -3.47 8.02 -26.77
C ASN F 104 -2.54 8.62 -27.82
N GLU F 105 -1.39 9.11 -27.38
CA GLU F 105 -0.37 9.63 -28.28
C GLU F 105 0.05 8.55 -29.27
N ARG F 106 0.31 7.36 -28.74
CA ARG F 106 0.78 6.25 -29.56
C ARG F 106 -0.28 5.78 -30.57
N THR F 107 -1.54 5.82 -30.17
CA THR F 107 -2.63 5.42 -31.06
C THR F 107 -2.72 6.38 -32.26
N LEU F 108 -2.58 7.68 -32.02
CA LEU F 108 -2.58 8.65 -33.13
C LEU F 108 -1.33 8.49 -34.00
N ASP F 109 -0.17 8.23 -33.39
CA ASP F 109 1.03 7.97 -34.16
C ASP F 109 0.83 6.73 -35.02
N PHE F 110 0.07 5.77 -34.50
CA PHE F 110 -0.20 4.52 -35.19
C PHE F 110 -1.03 4.74 -36.46
N HIS F 111 -2.07 5.56 -36.35
CA HIS F 111 -2.92 5.83 -37.49
C HIS F 111 -2.14 6.61 -38.54
N ASP F 112 -1.34 7.57 -38.07
CA ASP F 112 -0.46 8.36 -38.92
C ASP F 112 0.51 7.47 -39.71
N SER F 113 1.13 6.52 -39.02
CA SER F 113 2.04 5.57 -39.67
C SER F 113 1.35 4.73 -40.72
N ASN F 114 0.13 4.30 -40.44
CA ASN F 114 -0.61 3.47 -41.37
C ASN F 114 -0.91 4.23 -42.66
N VAL F 115 -1.31 5.48 -42.52
CA VAL F 115 -1.58 6.35 -43.65
C VAL F 115 -0.33 6.56 -44.49
N ARG F 116 0.80 6.79 -43.84
CA ARG F 116 2.06 7.01 -44.55
C ARG F 116 2.49 5.77 -45.30
N ASN F 117 2.37 4.62 -44.64
CA ASN F 117 2.77 3.35 -45.24
C ASN F 117 1.94 3.02 -46.48
N LEU F 118 0.65 3.37 -46.42
CA LEU F 118 -0.24 3.14 -47.53
C LEU F 118 0.15 4.02 -48.71
N TYR F 119 0.44 5.28 -48.41
CA TYR F 119 0.84 6.25 -49.43
C TYR F 119 2.09 5.80 -50.16
N GLU F 120 3.08 5.37 -49.39
CA GLU F 120 4.36 4.99 -49.97
C GLU F 120 4.29 3.65 -50.67
N LYS F 121 3.27 2.86 -50.35
CA LYS F 121 3.05 1.60 -51.03
C LYS F 121 2.54 1.89 -52.45
N VAL F 122 1.63 2.84 -52.56
CA VAL F 122 1.13 3.28 -53.85
C VAL F 122 2.23 3.99 -54.63
N LYS F 123 3.01 4.81 -53.94
CA LYS F 123 4.07 5.56 -54.59
C LYS F 123 5.07 4.60 -55.23
N SER F 124 5.41 3.55 -54.51
CA SER F 124 6.40 2.60 -55.00
C SER F 124 5.84 1.78 -56.17
N GLN F 125 4.51 1.63 -56.23
CA GLN F 125 3.87 0.90 -57.31
C GLN F 125 3.81 1.70 -58.61
N LEU F 126 3.48 2.97 -58.50
CA LEU F 126 3.30 3.82 -59.66
C LEU F 126 4.62 4.27 -60.27
N LYS F 127 5.61 4.50 -59.41
CA LYS F 127 6.93 4.97 -59.84
C LYS F 127 6.76 6.23 -60.69
N ASN F 128 7.32 6.27 -61.89
CA ASN F 128 7.25 7.48 -62.72
C ASN F 128 6.06 7.51 -63.68
N ASN F 129 5.19 6.50 -63.62
CA ASN F 129 3.95 6.51 -64.40
C ASN F 129 2.94 7.50 -63.85
N ALA F 130 3.27 8.14 -62.72
CA ALA F 130 2.40 9.15 -62.14
C ALA F 130 3.22 10.24 -61.49
N LYS F 131 2.59 11.40 -61.34
CA LYS F 131 3.19 12.57 -60.75
C LYS F 131 2.65 12.78 -59.33
N GLU F 132 3.55 13.15 -58.40
CA GLU F 132 3.16 13.40 -57.02
C GLU F 132 2.78 14.86 -56.81
N ILE F 133 1.51 15.09 -56.50
CA ILE F 133 1.02 16.44 -56.29
C ILE F 133 1.51 16.97 -54.94
N GLY F 134 1.60 16.09 -53.94
CA GLY F 134 1.97 16.48 -52.58
C GLY F 134 0.90 16.47 -51.48
N ASN F 135 -0.38 16.49 -51.84
CA ASN F 135 -1.45 16.45 -50.83
C ASN F 135 -1.92 15.02 -50.62
N GLY F 136 -1.11 14.07 -51.08
CA GLY F 136 -1.42 12.65 -50.98
C GLY F 136 -2.04 12.12 -52.26
N CYS F 137 -2.01 12.95 -53.30
CA CYS F 137 -2.63 12.59 -54.58
C CYS F 137 -1.58 12.28 -55.63
N PHE F 138 -1.88 11.28 -56.44
CA PHE F 138 -1.05 10.94 -57.59
C PHE F 138 -1.82 11.25 -58.86
N GLU F 139 -1.20 12.01 -59.76
CA GLU F 139 -1.79 12.29 -61.07
C GLU F 139 -1.12 11.42 -62.13
N PHE F 140 -1.91 10.56 -62.75
CA PHE F 140 -1.40 9.60 -63.71
C PHE F 140 -0.90 10.26 -64.99
N TYR F 141 0.16 9.70 -65.55
CA TYR F 141 0.70 10.14 -66.83
C TYR F 141 0.05 9.39 -67.99
N HIS F 142 -0.93 8.56 -67.65
CA HIS F 142 -1.66 7.80 -68.63
C HIS F 142 -3.14 7.77 -68.25
N LYS F 143 -3.95 7.12 -69.08
CA LYS F 143 -5.37 7.00 -68.80
C LYS F 143 -5.54 5.86 -67.82
N CYS F 144 -6.32 6.10 -66.76
CA CYS F 144 -6.62 5.08 -65.76
C CYS F 144 -8.12 4.92 -65.55
N ASP F 145 -8.65 3.77 -65.98
CA ASP F 145 -10.08 3.48 -65.85
C ASP F 145 -10.33 2.82 -64.50
N ASP F 146 -11.56 2.39 -64.25
CA ASP F 146 -11.91 1.76 -62.96
C ASP F 146 -11.08 0.52 -62.70
N ALA F 147 -10.84 -0.28 -63.74
CA ALA F 147 -10.04 -1.48 -63.60
C ALA F 147 -8.60 -1.11 -63.24
N CYS F 148 -8.11 -0.02 -63.81
CA CYS F 148 -6.76 0.44 -63.52
C CYS F 148 -6.68 0.97 -62.10
N MET F 149 -7.67 1.76 -61.71
CA MET F 149 -7.72 2.32 -60.36
C MET F 149 -7.75 1.18 -59.35
N GLU F 150 -8.49 0.13 -59.70
CA GLU F 150 -8.64 -1.03 -58.82
C GLU F 150 -7.35 -1.81 -58.67
N SER F 151 -6.56 -1.91 -59.73
CA SER F 151 -5.29 -2.63 -59.66
C SER F 151 -4.38 -1.90 -58.68
N VAL F 152 -4.49 -0.58 -58.64
CA VAL F 152 -3.72 0.23 -57.72
C VAL F 152 -4.16 -0.05 -56.29
N ARG F 153 -5.48 -0.09 -56.09
CA ARG F 153 -6.05 -0.36 -54.78
C ARG F 153 -5.78 -1.80 -54.36
N ASN F 154 -5.68 -2.68 -55.35
CA ASN F 154 -5.47 -4.11 -55.12
C ASN F 154 -4.00 -4.42 -54.87
N GLY F 155 -3.13 -3.45 -55.13
CA GLY F 155 -1.69 -3.65 -55.02
C GLY F 155 -1.13 -4.47 -56.15
N THR F 156 -1.95 -4.72 -57.17
CA THR F 156 -1.57 -5.50 -58.35
C THR F 156 -1.19 -4.66 -59.59
N TYR F 157 -1.10 -3.35 -59.43
CA TYR F 157 -0.91 -2.43 -60.55
C TYR F 157 0.24 -2.84 -61.47
N ASP F 158 0.00 -2.73 -62.78
CA ASP F 158 0.93 -3.21 -63.79
C ASP F 158 1.73 -2.04 -64.36
N TYR F 159 2.99 -1.92 -63.94
CA TYR F 159 3.82 -0.80 -64.36
C TYR F 159 4.24 -0.89 -65.83
N PRO F 160 4.80 -2.03 -66.26
CA PRO F 160 5.28 -2.09 -67.64
C PRO F 160 4.16 -1.89 -68.66
N LYS F 161 2.93 -2.11 -68.23
CA LYS F 161 1.79 -1.94 -69.10
C LYS F 161 1.58 -0.48 -69.53
N TYR F 162 2.20 0.48 -68.86
CA TYR F 162 2.06 1.87 -69.31
C TYR F 162 3.43 2.51 -69.61
N SER F 163 3.69 2.70 -70.91
CA SER F 163 4.78 3.54 -71.46
C SER F 163 4.18 4.76 -72.16
N GLU F 164 2.85 4.79 -72.16
CA GLU F 164 2.07 5.89 -72.68
C GLU F 164 2.41 7.19 -71.96
C1 NAG G . 15.37 15.56 34.21
C2 NAG G . 15.27 14.91 35.57
C3 NAG G . 16.64 14.81 36.22
C4 NAG G . 17.66 14.18 35.28
C5 NAG G . 17.60 14.78 33.88
C6 NAG G . 18.38 13.97 32.88
C7 NAG G . 13.03 15.40 36.43
C8 NAG G . 12.23 16.19 37.43
N2 NAG G . 14.35 15.61 36.44
O3 NAG G . 16.52 14.02 37.39
O4 NAG G . 18.96 14.47 35.78
O5 NAG G . 16.25 14.82 33.40
O6 NAG G . 18.32 14.54 31.59
O7 NAG G . 12.52 14.60 35.66
H1 NAG G . 15.71 16.47 34.31
H2 NAG G . 14.93 14.00 35.45
H3 NAG G . 16.94 15.70 36.47
H4 NAG G . 17.53 13.21 35.24
H5 NAG G . 17.96 15.69 33.90
H61 NAG G . 19.32 13.93 33.16
H62 NAG G . 18.02 13.07 32.85
H81 NAG G . 12.50 15.95 38.33
H82 NAG G . 11.28 15.99 37.30
H83 NAG G . 12.38 17.14 37.28
HN2 NAG G . 14.69 16.20 37.05
HO3 NAG G . 16.83 14.47 38.09
HO6 NAG G . 18.98 14.23 31.08
C1 NAG G . 19.77 13.34 36.16
C2 NAG G . 19.45 12.95 37.58
C3 NAG G . 20.40 11.85 38.05
C4 NAG G . 20.48 10.72 37.03
C5 NAG G . 20.61 11.25 35.60
C6 NAG G . 20.46 10.17 34.54
C7 NAG G . 18.83 14.19 39.61
C8 NAG G . 19.03 15.46 40.40
N2 NAG G . 19.52 14.11 38.46
O3 NAG G . 19.89 11.37 39.29
O4 NAG G . 21.65 9.93 37.23
O5 NAG G . 19.62 12.25 35.33
O6 NAG G . 21.15 10.51 33.35
O7 NAG G . 18.09 13.29 40.01
H1 NAG G . 20.70 13.61 36.12
H2 NAG G . 18.53 12.60 37.61
H3 NAG G . 21.28 12.23 38.19
H4 NAG G . 19.69 10.15 37.09
H5 NAG G . 21.50 11.66 35.49
H61 NAG G . 20.80 9.33 34.90
H62 NAG G . 19.50 10.07 34.35
H81 NAG G . 19.97 15.53 40.67
H82 NAG G . 18.79 16.22 39.84
H83 NAG G . 18.46 15.44 41.19
HN2 NAG G . 20.05 14.81 38.22
HO3 NAG G . 20.56 11.23 39.85
HO6 NAG G . 20.99 9.89 32.73
C1 BMA G . 21.73 9.22 38.48
C2 BMA G . 21.91 7.73 38.22
C3 BMA G . 22.08 7.02 39.56
C4 BMA G . 23.18 7.69 40.41
C5 BMA G . 22.90 9.19 40.54
C6 BMA G . 24.02 9.95 41.25
O2 BMA G . 23.07 7.47 37.44
O3 BMA G . 22.36 5.64 39.40
O4 BMA G . 23.22 7.09 41.69
O5 BMA G . 22.78 9.76 39.25
O6 BMA G . 23.87 11.34 40.92
H1 BMA G . 20.78 9.38 39.03
H2 BMA G . 21.01 7.35 37.70
H3 BMA G . 21.14 7.08 40.13
H4 BMA G . 24.15 7.57 39.87
H5 BMA G . 21.98 9.35 41.12
H61 BMA G . 24.98 9.56 40.90
H62 BMA G . 23.93 9.76 42.32
HO2 BMA G . 22.76 7.07 36.62
HO3 BMA G . 21.53 5.18 39.61
HO4 BMA G . 24.04 6.58 41.71
C1 GAL H . 11.06 5.61 51.47
C2 GAL H . 12.24 4.63 51.61
C3 GAL H . 13.65 5.31 51.63
C4 GAL H . 13.73 6.57 50.72
C5 GAL H . 12.46 7.38 50.82
C6 GAL H . 12.38 8.58 49.88
O2 GAL H . 12.14 3.88 52.84
O3 GAL H . 14.64 4.42 51.13
O4 GAL H . 13.97 6.18 49.37
O5 GAL H . 11.33 6.56 50.49
O6 GAL H . 11.12 9.21 50.00
H1 GAL H . 10.85 6.09 52.44
H2 GAL H . 12.22 3.96 50.73
H3 GAL H . 13.88 5.60 52.66
H4 GAL H . 14.55 7.20 51.09
H5 GAL H . 12.35 7.72 51.86
H61 GAL H . 12.48 8.24 48.85
H62 GAL H . 13.21 9.26 50.11
HO2 GAL H . 11.96 2.96 52.58
HO3 GAL H . 15.25 4.25 51.87
HO4 GAL H . 14.88 6.47 49.18
C1 SIA H . 10.31 10.57 48.61
C2 SIA H . 9.95 10.03 49.97
C3 SIA H . 9.60 11.10 50.98
C4 SIA H . 8.37 11.85 50.56
C5 SIA H . 7.23 10.87 50.48
C6 SIA H . 7.65 9.79 49.50
C7 SIA H . 6.55 8.75 49.39
C8 SIA H . 7.02 7.51 48.64
C9 SIA H . 6.01 6.40 48.77
C10 SIA H . 4.80 11.30 50.57
C11 SIA H . 3.62 12.09 50.04
N5 SIA H . 6.08 11.55 50.03
O1A SIA H . 11.01 11.63 48.53
O1B SIA H . 9.93 9.97 47.57
O4 SIA H . 8.02 12.83 51.50
O6 SIA H . 8.83 9.16 49.97
O7 SIA H . 6.10 8.39 50.68
O8 SIA H . 7.22 7.80 47.27
O9 SIA H . 5.65 5.90 47.51
O10 SIA H . 4.62 10.47 51.44
H32 SIA H . 10.36 11.73 51.05
H31 SIA H . 9.45 10.69 51.86
H4 SIA H . 8.51 12.26 49.69
H5 SIA H . 7.06 10.47 51.36
H6 SIA H . 7.81 10.18 48.62
H7 SIA H . 5.79 9.14 48.90
H8 SIA H . 7.86 7.21 49.02
H92 SIA H . 5.20 6.74 49.22
H91 SIA H . 6.38 5.67 49.31
H111 SIA H . 3.42 11.80 49.12
H113 SIA H . 2.84 11.93 50.60
H112 SIA H . 3.83 13.04 50.04
HN5 SIA H . 6.17 12.19 49.38
HO4 SIA H . 8.52 13.55 51.38
HO7 SIA H . 6.61 7.71 50.98
HO8 SIA H . 7.74 7.18 46.91
HO9 SIA H . 5.09 5.22 47.60
C1 GAL I . -9.04 -35.90 39.94
C2 GAL I . -10.17 -35.48 39.01
C3 GAL I . -9.84 -35.86 37.56
C4 GAL I . -8.52 -35.20 37.16
C5 GAL I . -7.42 -35.50 38.19
C6 GAL I . -6.14 -34.69 37.97
O2 GAL I . -11.40 -36.11 39.35
O3 GAL I . -10.84 -35.38 36.65
O4 GAL I . -8.71 -33.80 37.04
O5 GAL I . -7.85 -35.23 39.55
O6 GAL I . -5.04 -35.11 38.79
H1 GAL I . -8.91 -36.99 39.93
H2 GAL I . -10.25 -34.38 39.06
H3 GAL I . -9.75 -36.96 37.50
H4 GAL I . -8.20 -35.63 36.19
H5 GAL I . -7.17 -36.58 38.12
H61 GAL I . -5.81 -34.80 36.94
H62 GAL I . -6.37 -33.63 38.13
HO2 GAL I . -12.04 -35.40 39.52
HO3 GAL I . -11.08 -36.14 36.10
HO4 GAL I . -8.60 -33.61 36.09
C1 SIA I . -3.32 -34.12 37.43
C2 SIA I . -3.84 -34.32 38.84
C3 SIA I . -2.90 -35.09 39.75
C4 SIA I . -1.59 -34.33 39.93
C5 SIA I . -1.90 -33.00 40.55
C6 SIA I . -2.91 -32.32 39.65
C7 SIA I . -3.29 -30.97 40.22
C8 SIA I . -4.31 -30.32 39.32
C9 SIA I . -4.51 -28.89 39.74
C10 SIA I . -0.40 -31.44 41.73
C11 SIA I . 0.88 -30.66 41.74
N5 SIA I . -0.71 -32.25 40.60
O1A SIA I . -3.55 -33.05 36.81
O1B SIA I . -2.67 -35.03 36.86
O4 SIA I . -0.69 -35.00 40.79
O6 SIA I . -4.08 -33.11 39.54
O7 SIA I . -3.84 -31.14 41.49
O8 SIA I . -3.86 -30.33 38.00
O9 SIA I . -5.85 -28.55 39.53
O10 SIA I . -1.17 -31.37 42.66
H32 SIA I . -2.70 -35.96 39.36
H31 SIA I . -3.31 -35.21 40.63
H4 SIA I . -1.18 -34.19 39.06
H5 SIA I . -2.28 -33.12 41.44
H6 SIA I . -2.51 -32.20 38.76
H7 SIA I . -2.49 -30.41 40.28
H8 SIA I . -5.16 -30.81 39.38
H92 SIA I . -4.30 -28.79 40.69
H91 SIA I . -3.93 -28.31 39.21
H111 SIA I . 0.84 -29.93 41.09
H113 SIA I . 1.02 -30.28 42.64
H112 SIA I . 1.63 -31.25 41.52
HN5 SIA I . -0.12 -32.29 39.91
HO4 SIA I . -0.23 -35.59 40.32
HO7 SIA I . -3.70 -30.40 41.97
HO8 SIA I . -4.54 -30.15 37.45
HO9 SIA I . -5.97 -27.68 39.65
C1 NAG J . -34.35 4.79 19.74
C2 NAG J . -34.42 4.99 21.24
C3 NAG J . -35.24 6.23 21.59
C4 NAG J . -34.78 7.44 20.80
C5 NAG J . -34.68 7.11 19.31
C6 NAG J . -34.08 8.22 18.50
C7 NAG J . -34.23 2.76 22.25
C8 NAG J . -34.97 1.65 22.94
N2 NAG J . -34.96 3.82 21.90
O3 NAG J . -35.09 6.49 22.98
O4 NAG J . -35.74 8.50 20.93
O5 NAG J . -33.85 5.96 19.13
O6 NAG J . -34.28 8.01 17.11
O7 NAG J . -33.02 2.70 22.02
H1 NAG J . -35.24 4.60 19.40
H2 NAG J . -33.50 5.13 21.57
H3 NAG J . -36.18 6.05 21.39
H4 NAG J . -33.92 7.75 21.13
H5 NAG J . -35.58 6.91 18.98
H61 NAG J . -33.12 8.26 18.68
H62 NAG J . -34.48 9.07 18.76
H81 NAG J . -34.35 0.91 23.11
H82 NAG J . -35.33 1.98 23.78
H83 NAG J . -35.69 1.34 22.37
HN2 NAG J . -35.85 3.81 22.10
HO3 NAG J . -35.89 6.54 23.36
HO6 NAG J . -34.02 8.72 16.66
C1 NAG J . -35.40 9.52 21.89
C2 NAG J . -36.22 10.78 21.56
C3 NAG J . -35.97 11.86 22.61
C4 NAG J . -36.24 11.32 24.00
C5 NAG J . -35.38 10.07 24.23
C6 NAG J . -35.63 9.42 25.57
C7 NAG J . -36.72 11.06 19.18
C8 NAG J . -36.25 11.62 17.86
N2 NAG J . -35.92 11.27 20.22
O4 NAG J . -35.98 12.29 25.01
O5 NAG J . -35.69 9.09 23.24
O6 NAG J . -34.95 8.18 25.65
O7 NAG J . -37.78 10.46 19.28
H1 NAG J . -34.45 9.73 21.82
H2 NAG J . -37.17 10.55 21.61
H3 NAG J . -35.03 12.15 22.55
H4 NAG J . -37.18 11.06 24.05
H5 NAG J . -34.45 10.32 24.16
H61 NAG J . -36.59 9.27 25.68
H62 NAG J . -35.32 10.01 26.27
H81 NAG J . -36.18 12.59 17.93
H82 NAG J . -35.37 11.26 17.65
H83 NAG J . -36.89 11.39 17.17
HN2 NAG J . -35.14 11.72 20.09
HO4 NAG J . -36.75 12.63 25.30
C1 NAG K . -37.86 5.13 43.33
C2 NAG K . -37.06 4.86 42.08
C3 NAG K . -36.07 5.97 41.88
C4 NAG K . -36.83 7.20 41.45
C5 NAG K . -37.77 7.62 42.59
C6 NAG K . -39.19 7.90 42.12
C7 NAG K . -37.01 2.47 41.57
C8 NAG K . -36.17 1.22 41.57
N2 NAG K . -36.42 3.57 42.06
O1 NAG K . -39.15 4.62 43.20
O3 NAG K . -35.08 5.58 40.93
O4 NAG K . -35.93 8.22 41.04
O5 NAG K . -37.84 6.63 43.64
O6 NAG K . -40.06 6.80 42.29
O7 NAG K . -38.16 2.49 41.15
H1 NAG K . -37.42 4.67 44.07
H2 NAG K . -37.68 4.89 41.31
H3 NAG K . -35.63 6.15 42.74
H4 NAG K . -37.38 6.95 40.67
H5 NAG K . -37.42 8.44 42.97
H61 NAG K . -39.16 8.14 41.17
H62 NAG K . -39.54 8.67 42.62
H81 NAG K . -35.87 1.03 42.48
H82 NAG K . -35.39 1.35 41.00
H83 NAG K . -36.70 0.48 41.23
HN2 NAG K . -35.55 3.51 42.34
HO1 NAG K . -39.35 4.13 43.91
HO3 NAG K . -34.28 5.86 41.21
HO6 NAG K . -40.90 7.07 42.20
C1 GAL K . -35.69 8.06 39.62
C2 GAL K . -34.52 8.95 39.22
C3 GAL K . -34.28 8.86 37.72
C4 GAL K . -34.04 7.41 37.29
C5 GAL K . -35.13 6.50 37.82
C6 GAL K . -34.78 5.01 37.60
O2 GAL K . -34.77 10.31 39.53
O3 GAL K . -33.13 9.60 37.33
O4 GAL K . -32.78 6.97 37.79
O5 GAL K . -35.35 6.70 39.25
O6 GAL K . -35.90 4.14 37.45
H1 GAL K . -36.59 8.38 39.09
H2 GAL K . -33.63 8.58 39.73
H3 GAL K . -35.18 9.25 37.20
H4 GAL K . -34.06 7.36 36.19
H5 GAL K . -36.07 6.73 37.28
H61 GAL K . -34.20 4.92 36.67
H62 GAL K . -34.13 4.68 38.42
HO2 GAL K . -34.25 10.53 40.31
HO3 GAL K . -33.43 10.31 36.74
HO4 GAL K . -32.20 6.94 37.01
C1 SIA K . -35.56 2.92 35.40
C2 SIA K . -35.77 2.82 36.91
C3 SIA K . -36.99 2.02 37.29
C4 SIA K . -36.80 0.55 36.93
C5 SIA K . -35.59 0.03 37.64
C6 SIA K . -34.42 0.89 37.24
C7 SIA K . -33.13 0.41 37.92
C8 SIA K . -31.89 1.19 37.48
C9 SIA K . -30.66 0.41 37.88
C10 SIA K . -35.10 -2.36 38.14
C11 SIA K . -34.91 -3.76 37.61
N5 SIA K . -35.40 -1.31 37.23
O1A SIA K . -36.54 3.24 34.67
O1B SIA K . -34.44 2.69 34.87
O4 SIA K . -37.93 -0.23 37.30
O6 SIA K . -34.69 2.23 37.61
O7 SIA K . -33.24 0.53 39.32
O8 SIA K . -31.86 1.36 36.07
O9 SIA K . -29.52 1.20 37.76
O10 SIA K . -35.01 -2.14 39.34
H32 SIA K . -37.77 2.37 36.82
H31 SIA K . -37.13 2.08 38.25
H4 SIA K . -36.67 0.48 35.95
H5 SIA K . -35.72 0.07 38.61
H6 SIA K . -34.30 0.85 36.27
H7 SIA K . -33.00 -0.53 37.69
H8 SIA K . -31.88 2.07 37.91
H92 SIA K . -30.59 -0.38 37.32
H91 SIA K . -30.76 0.12 38.82
H111 SIA K . -34.87 -4.40 38.36
H113 SIA K . -35.66 -3.99 37.02
H112 SIA K . -34.07 -3.81 37.11
HN5 SIA K . -35.45 -1.52 36.34
HO4 SIA K . -38.50 -0.25 36.62
HO7 SIA K . -32.94 -0.22 39.70
HO8 SIA K . -31.19 1.90 35.86
HO9 SIA K . -28.84 0.81 38.18
C1 NAG L . 11.41 25.90 -3.40
C2 NAG L . 12.96 25.99 -3.56
C3 NAG L . 13.32 27.21 -4.40
C4 NAG L . 12.40 27.32 -5.60
C5 NAG L . 10.97 27.57 -5.15
C6 NAG L . 9.95 26.84 -6.00
C7 NAG L . 14.70 25.32 -1.94
C8 NAG L . 15.34 25.60 -0.60
N2 NAG L . 13.66 26.08 -2.27
O3 NAG L . 14.68 27.15 -4.81
O4 NAG L . 12.82 28.40 -6.44
O5 NAG L . 10.81 27.17 -3.77
O6 NAG L . 10.34 25.49 -6.24
O7 NAG L . 15.15 24.46 -2.68
H1 NAG L . 11.18 25.71 -2.47
H2 NAG L . 13.27 25.20 -4.03
H3 NAG L . 13.19 28.01 -3.85
H4 NAG L . 12.44 26.49 -6.11
H5 NAG L . 10.79 28.53 -5.22
H61 NAG L . 9.84 27.30 -6.85
H62 NAG L . 9.10 26.83 -5.52
H81 NAG L . 15.69 26.51 -0.59
H82 NAG L . 16.07 24.97 -0.45
H83 NAG L . 14.66 25.51 0.10
HN2 NAG L . 13.39 26.73 -1.69
HO3 NAG L . 15.02 27.98 -4.82
HO4 NAG L . 13.08 28.07 -7.23
HO6 NAG L . 9.79 25.11 -6.81
C1 NAG M . 0.99 -33.00 22.62
C2 NAG M . 0.31 -34.06 21.74
C3 NAG M . -0.84 -34.71 22.53
C4 NAG M . -0.37 -35.14 23.92
C5 NAG M . 0.41 -34.02 24.61
C6 NAG M . 1.03 -34.43 25.93
C7 NAG M . -0.92 -34.20 19.62
C8 NAG M . -1.36 -33.48 18.39
N2 NAG M . -0.19 -33.50 20.50
O3 NAG M . -1.39 -35.84 21.86
O4 NAG M . -1.51 -35.45 24.70
O5 NAG M . 1.49 -33.60 23.78
O6 NAG M . 1.78 -33.35 26.47
O7 NAG M . -1.19 -35.38 19.80
H1 NAG M . 0.35 -32.31 22.85
H2 NAG M . 0.96 -34.76 21.53
H3 NAG M . -1.55 -34.04 22.64
H4 NAG M . 0.19 -35.93 23.84
H5 NAG M . -0.20 -33.27 24.77
H61 NAG M . 0.33 -34.67 26.56
H62 NAG M . 1.62 -35.20 25.78
H81 NAG M . -0.58 -33.12 17.92
H82 NAG M . -1.96 -32.74 18.64
H83 NAG M . -1.84 -34.09 17.80
HN2 NAG M . -0.01 -32.62 20.31
HO3 NAG M . -2.12 -36.11 22.28
HO4 NAG M . -1.52 -36.32 24.88
HO6 NAG M . 2.05 -33.56 27.29
C1 NAG N . 17.93 -17.04 -11.64
C2 NAG N . 18.34 -16.21 -12.89
C3 NAG N . 19.61 -16.77 -13.52
C4 NAG N . 20.52 -17.37 -12.46
C5 NAG N . 19.85 -18.59 -11.84
C6 NAG N . 20.34 -18.90 -10.46
C7 NAG N . 17.39 -15.35 -14.96
C8 NAG N . 16.24 -15.40 -15.93
N2 NAG N . 17.28 -16.14 -13.88
O3 NAG N . 20.28 -15.76 -14.24
O4 NAG N . 21.74 -17.76 -13.08
O5 NAG N . 18.42 -18.41 -11.76
O6 NAG N . 21.00 -20.16 -10.44
O7 NAG N . 18.35 -14.61 -15.13
H1 NAG N . 16.96 -17.05 -11.57
H2 NAG N . 18.54 -15.30 -12.59
H3 NAG N . 19.35 -17.48 -14.15
H4 NAG N . 20.69 -16.70 -11.77
H5 NAG N . 20.03 -19.35 -12.41
H61 NAG N . 20.96 -18.20 -10.17
H62 NAG N . 19.58 -18.92 -9.84
H81 NAG N . 16.41 -14.75 -16.65
H82 NAG N . 15.42 -15.16 -15.46
H83 NAG N . 16.17 -16.30 -16.30
HN2 NAG N . 16.55 -16.68 -13.80
HO3 NAG N . 20.72 -16.11 -14.92
HO4 NAG N . 22.40 -17.25 -12.77
HO6 NAG N . 21.06 -20.45 -9.60
#